data_2MFG
#
_entry.id   2MFG
#
loop_
_entity.id
_entity.type
_entity.pdbx_description
1 polymer 'Carbon storage regulator homolog'
2 polymer 'SL4(RsmZ) RNA'
#
loop_
_entity_poly.entity_id
_entity_poly.type
_entity_poly.pdbx_seq_one_letter_code
_entity_poly.pdbx_strand_id
1 'polypeptide(L)' MLILTRKVGESINIGDDITITILGVSGQQVRIGINAPKDVAVHREEIYQRIQAGLTAPDKRETPHHHHHH A,C
2 'polyribonucleotide' GGGUCAUCAGGACGAUGACCC B,D
#
loop_
_chem_comp.id
_chem_comp.type
_chem_comp.name
_chem_comp.formula
A RNA linking ADENOSINE-5'-MONOPHOSPHATE 'C10 H14 N5 O7 P'
C RNA linking CYTIDINE-5'-MONOPHOSPHATE 'C9 H14 N3 O8 P'
G RNA linking GUANOSINE-5'-MONOPHOSPHATE 'C10 H14 N5 O8 P'
U RNA linking URIDINE-5'-MONOPHOSPHATE 'C9 H13 N2 O9 P'
#
# COMPACT_ATOMS: atom_id res chain seq x y z
N MET A 1 2.06 -5.21 -11.92
CA MET A 1 1.28 -4.26 -11.11
C MET A 1 -0.19 -4.69 -11.03
N LEU A 2 -0.86 -4.32 -9.95
CA LEU A 2 -2.29 -4.47 -9.79
C LEU A 2 -2.85 -3.10 -9.41
N ILE A 3 -3.61 -2.51 -10.34
CA ILE A 3 -4.15 -1.17 -10.21
C ILE A 3 -5.65 -1.22 -9.92
N LEU A 4 -6.13 -0.30 -9.09
CA LEU A 4 -7.54 -0.14 -8.81
C LEU A 4 -7.83 1.24 -8.20
N THR A 5 -9.11 1.57 -8.03
CA THR A 5 -9.53 2.85 -7.46
C THR A 5 -10.12 2.67 -6.08
N ARG A 6 -10.05 3.73 -5.28
CA ARG A 6 -10.62 3.82 -3.94
C ARG A 6 -11.12 5.23 -3.70
N LYS A 7 -11.90 5.40 -2.63
CA LYS A 7 -12.43 6.69 -2.23
C LYS A 7 -11.85 7.06 -0.88
N VAL A 8 -11.76 8.36 -0.60
CA VAL A 8 -11.22 8.85 0.66
C VAL A 8 -12.04 8.27 1.82
N GLY A 9 -11.35 7.65 2.77
CA GLY A 9 -12.00 7.04 3.93
C GLY A 9 -12.14 5.52 3.78
N GLU A 10 -11.56 4.93 2.73
CA GLU A 10 -11.65 3.50 2.48
C GLU A 10 -10.27 2.84 2.52
N SER A 11 -10.22 1.52 2.33
CA SER A 11 -9.00 0.75 2.54
C SER A 11 -8.75 -0.33 1.50
N ILE A 12 -7.54 -0.89 1.55
CA ILE A 12 -7.02 -1.95 0.68
C ILE A 12 -6.20 -2.90 1.57
N ASN A 13 -5.88 -4.11 1.10
CA ASN A 13 -5.14 -5.08 1.89
C ASN A 13 -4.04 -5.74 1.07
N ILE A 14 -2.95 -6.15 1.73
CA ILE A 14 -1.81 -6.79 1.09
C ILE A 14 -1.20 -7.85 2.02
N GLY A 15 -0.72 -8.95 1.45
CA GLY A 15 0.05 -9.97 2.15
C GLY A 15 -0.66 -10.59 3.35
N ASP A 16 -1.97 -10.36 3.49
CA ASP A 16 -2.79 -10.85 4.59
C ASP A 16 -2.27 -10.41 5.98
N ASP A 17 -1.31 -9.48 6.03
CA ASP A 17 -0.80 -8.93 7.27
C ASP A 17 -0.51 -7.44 7.14
N ILE A 18 -0.92 -6.83 6.02
CA ILE A 18 -0.72 -5.41 5.77
C ILE A 18 -2.03 -4.82 5.28
N THR A 19 -2.30 -3.56 5.66
CA THR A 19 -3.51 -2.86 5.25
C THR A 19 -3.13 -1.43 4.91
N ILE A 20 -3.91 -0.80 4.02
CA ILE A 20 -3.66 0.56 3.56
C ILE A 20 -4.98 1.32 3.65
N THR A 21 -4.92 2.60 3.98
CA THR A 21 -6.12 3.42 4.07
C THR A 21 -5.87 4.80 3.46
N ILE A 22 -6.66 5.16 2.44
CA ILE A 22 -6.60 6.48 1.83
C ILE A 22 -7.30 7.46 2.78
N LEU A 23 -6.51 8.20 3.56
CA LEU A 23 -7.07 9.06 4.60
C LEU A 23 -7.75 10.29 4.02
N GLY A 24 -7.31 10.75 2.85
CA GLY A 24 -7.93 11.89 2.19
C GLY A 24 -7.04 12.45 1.09
N VAL A 25 -7.51 13.52 0.43
CA VAL A 25 -6.73 14.18 -0.62
C VAL A 25 -6.47 15.64 -0.27
N SER A 26 -5.50 16.23 -0.98
CA SER A 26 -5.12 17.62 -0.85
C SER A 26 -4.56 18.05 -2.21
N GLY A 27 -5.38 17.96 -3.26
CA GLY A 27 -4.95 18.28 -4.60
C GLY A 27 -4.05 17.17 -5.11
N GLN A 28 -2.91 17.52 -5.71
CA GLN A 28 -1.96 16.52 -6.18
C GLN A 28 -1.38 15.75 -5.01
N GLN A 29 -1.48 16.28 -3.78
CA GLN A 29 -1.01 15.57 -2.61
C GLN A 29 -2.12 14.67 -2.10
N VAL A 30 -1.77 13.52 -1.51
CA VAL A 30 -2.75 12.59 -0.98
C VAL A 30 -2.23 12.05 0.34
N ARG A 31 -3.02 12.16 1.41
CA ARG A 31 -2.62 11.64 2.71
C ARG A 31 -3.06 10.19 2.80
N ILE A 32 -2.16 9.31 3.19
CA ILE A 32 -2.39 7.86 3.16
C ILE A 32 -1.83 7.26 4.45
N GLY A 33 -2.37 6.11 4.86
CA GLY A 33 -1.93 5.40 6.04
C GLY A 33 -1.59 3.96 5.70
N ILE A 34 -0.76 3.34 6.54
CA ILE A 34 -0.29 1.98 6.35
C ILE A 34 -0.32 1.28 7.71
N ASN A 35 -0.65 0.00 7.71
CA ASN A 35 -0.74 -0.78 8.94
C ASN A 35 -0.15 -2.17 8.70
N ALA A 36 0.99 -2.43 9.33
CA ALA A 36 1.70 -3.69 9.21
C ALA A 36 2.50 -3.97 10.49
N PRO A 37 2.84 -5.23 10.75
CA PRO A 37 3.71 -5.59 11.87
C PRO A 37 5.10 -5.01 11.67
N LYS A 38 5.83 -4.76 12.75
CA LYS A 38 7.21 -4.28 12.67
C LYS A 38 8.13 -5.40 12.16
N ASP A 39 7.55 -6.58 11.90
CA ASP A 39 8.23 -7.67 11.24
C ASP A 39 8.52 -7.32 9.78
N VAL A 40 7.96 -6.20 9.31
CA VAL A 40 8.18 -5.67 7.98
C VAL A 40 8.37 -4.15 8.10
N ALA A 41 8.81 -3.50 7.02
CA ALA A 41 9.13 -2.08 7.07
C ALA A 41 8.38 -1.31 5.98
N VAL A 42 8.27 0.01 6.16
CA VAL A 42 7.56 0.86 5.23
C VAL A 42 8.29 2.21 5.12
N HIS A 43 8.53 2.68 3.89
CA HIS A 43 9.14 3.98 3.67
C HIS A 43 8.79 4.51 2.28
N ARG A 44 8.96 5.82 2.07
CA ARG A 44 8.87 6.40 0.73
C ARG A 44 9.91 5.72 -0.15
N GLU A 45 9.66 5.62 -1.45
CA GLU A 45 10.52 4.85 -2.33
C GLU A 45 11.95 5.39 -2.37
N GLU A 46 12.14 6.67 -2.05
CA GLU A 46 13.48 7.24 -1.96
C GLU A 46 14.18 6.78 -0.69
N ILE A 47 13.48 6.84 0.45
CA ILE A 47 14.04 6.50 1.74
C ILE A 47 14.41 5.01 1.76
N TYR A 48 13.68 4.23 0.97
CA TYR A 48 13.91 2.80 0.84
C TYR A 48 15.28 2.53 0.20
N GLN A 49 15.67 3.35 -0.78
CA GLN A 49 16.92 3.15 -1.51
C GLN A 49 18.14 3.43 -0.62
N ARG A 50 17.95 4.16 0.48
CA ARG A 50 19.00 4.41 1.46
C ARG A 50 19.16 3.21 2.38
N ILE A 51 18.24 2.25 2.30
CA ILE A 51 18.22 1.09 3.19
C ILE A 51 18.60 -0.18 2.42
N GLN A 52 18.04 -0.35 1.22
CA GLN A 52 18.31 -1.54 0.43
C GLN A 52 19.75 -1.58 -0.08
N ALA A 53 20.54 -0.55 0.22
CA ALA A 53 21.92 -0.47 -0.19
C ALA A 53 22.78 -1.56 0.48
N GLY A 54 22.29 -2.19 1.55
CA GLY A 54 23.03 -3.25 2.21
C GLY A 54 22.67 -3.44 3.68
N LEU A 55 21.57 -2.86 4.16
CA LEU A 55 21.25 -2.87 5.59
C LEU A 55 19.75 -2.81 5.84
N THR A 56 19.37 -2.80 7.12
CA THR A 56 17.98 -2.70 7.55
C THR A 56 17.88 -1.93 8.87
N ALA A 57 18.99 -1.33 9.30
CA ALA A 57 19.06 -0.62 10.57
C ALA A 57 20.04 0.57 10.46
N PRO A 58 19.61 1.66 9.81
CA PRO A 58 20.37 2.90 9.68
C PRO A 58 20.88 3.47 10.99
N ASP A 59 21.65 4.57 10.90
CA ASP A 59 22.23 5.26 12.04
C ASP A 59 21.16 5.68 13.06
N MET C 1 -0.39 2.44 12.87
CA MET C 1 -0.43 3.06 11.53
C MET C 1 0.82 3.89 11.28
N LEU C 2 1.21 4.01 10.02
CA LEU C 2 2.25 4.91 9.57
C LEU C 2 1.65 5.75 8.44
N ILE C 3 1.40 7.03 8.73
CA ILE C 3 0.73 7.95 7.82
C ILE C 3 1.77 8.78 7.08
N LEU C 4 1.42 9.21 5.86
CA LEU C 4 2.29 9.97 4.97
C LEU C 4 1.47 10.86 4.04
N THR C 5 2.19 11.61 3.20
CA THR C 5 1.65 12.31 2.05
C THR C 5 2.56 11.99 0.87
N ARG C 6 1.94 11.55 -0.23
CA ARG C 6 2.64 11.33 -1.48
C ARG C 6 1.86 12.02 -2.61
N LYS C 7 2.56 12.67 -3.54
CA LYS C 7 1.87 13.29 -4.67
C LYS C 7 1.69 12.29 -5.79
N VAL C 8 0.68 12.55 -6.62
CA VAL C 8 0.36 11.72 -7.77
C VAL C 8 1.58 11.56 -8.67
N GLY C 9 1.92 10.31 -8.98
CA GLY C 9 3.04 10.01 -9.87
C GLY C 9 4.29 9.52 -9.13
N GLU C 10 4.24 9.39 -7.80
CA GLU C 10 5.38 8.92 -7.02
C GLU C 10 5.09 7.58 -6.37
N SER C 11 6.07 7.03 -5.63
CA SER C 11 5.98 5.67 -5.11
C SER C 11 6.40 5.56 -3.66
N ILE C 12 6.17 4.37 -3.09
CA ILE C 12 6.40 4.02 -1.69
C ILE C 12 6.78 2.54 -1.67
N ASN C 13 7.29 2.03 -0.55
CA ASN C 13 7.72 0.65 -0.48
C ASN C 13 7.27 -0.01 0.83
N ILE C 14 7.12 -1.34 0.79
CA ILE C 14 6.68 -2.14 1.93
C ILE C 14 7.46 -3.46 1.95
N GLY C 15 7.79 -3.93 3.16
CA GLY C 15 8.57 -5.14 3.32
C GLY C 15 9.89 -5.02 2.57
N ASP C 16 10.24 -6.06 1.81
CA ASP C 16 11.43 -6.09 0.98
C ASP C 16 11.10 -6.68 -0.39
N ASP C 17 9.81 -6.83 -0.69
CA ASP C 17 9.34 -7.44 -1.93
C ASP C 17 8.06 -6.78 -2.44
N ILE C 18 7.65 -5.64 -1.87
CA ILE C 18 6.42 -4.97 -2.31
C ILE C 18 6.70 -3.49 -2.56
N THR C 19 6.01 -2.93 -3.55
CA THR C 19 6.12 -1.53 -3.92
C THR C 19 4.72 -1.00 -4.20
N ILE C 20 4.52 0.31 -4.03
CA ILE C 20 3.23 0.96 -4.18
C ILE C 20 3.44 2.26 -4.98
N THR C 21 2.43 2.65 -5.77
CA THR C 21 2.50 3.88 -6.54
C THR C 21 1.14 4.57 -6.54
N ILE C 22 1.14 5.86 -6.23
CA ILE C 22 -0.05 6.70 -6.24
C ILE C 22 -0.24 7.21 -7.66
N LEU C 23 -0.95 6.44 -8.48
CA LEU C 23 -1.02 6.67 -9.92
C LEU C 23 -1.71 7.97 -10.29
N GLY C 24 -2.65 8.45 -9.46
CA GLY C 24 -3.32 9.70 -9.74
C GLY C 24 -4.44 10.00 -8.76
N VAL C 25 -5.15 11.10 -9.02
CA VAL C 25 -6.20 11.60 -8.14
C VAL C 25 -7.35 12.13 -8.99
N SER C 26 -8.58 11.95 -8.49
CA SER C 26 -9.82 12.30 -9.19
C SER C 26 -10.85 12.71 -8.14
N GLY C 27 -10.55 13.77 -7.39
CA GLY C 27 -11.45 14.23 -6.34
C GLY C 27 -11.40 13.27 -5.17
N GLN C 28 -12.57 12.90 -4.64
CA GLN C 28 -12.64 11.95 -3.55
C GLN C 28 -12.16 10.56 -3.99
N GLN C 29 -11.94 10.35 -5.29
CA GLN C 29 -11.46 9.07 -5.77
C GLN C 29 -9.97 9.17 -6.08
N VAL C 30 -9.27 8.05 -5.90
CA VAL C 30 -7.84 7.98 -6.10
C VAL C 30 -7.53 6.68 -6.82
N ARG C 31 -6.49 6.67 -7.67
CA ARG C 31 -6.10 5.47 -8.38
C ARG C 31 -4.71 5.07 -7.91
N ILE C 32 -4.55 3.80 -7.54
CA ILE C 32 -3.36 3.32 -6.86
C ILE C 32 -2.91 2.02 -7.52
N GLY C 33 -1.60 1.73 -7.42
CA GLY C 33 -1.02 0.54 -7.99
C GLY C 33 -0.21 -0.20 -6.93
N ILE C 34 -0.03 -1.50 -7.13
CA ILE C 34 0.67 -2.35 -6.20
C ILE C 34 1.56 -3.29 -7.01
N ASN C 35 2.74 -3.61 -6.50
CA ASN C 35 3.67 -4.47 -7.20
C ASN C 35 4.33 -5.41 -6.19
N ALA C 36 3.96 -6.69 -6.28
CA ALA C 36 4.41 -7.74 -5.38
C ALA C 36 4.37 -9.08 -6.10
N PRO C 37 5.10 -10.08 -5.60
CA PRO C 37 5.05 -11.43 -6.12
C PRO C 37 3.66 -12.03 -5.91
N LYS C 38 3.25 -12.96 -6.77
CA LYS C 38 1.98 -13.66 -6.60
C LYS C 38 2.03 -14.61 -5.39
N ASP C 39 3.18 -14.66 -4.72
CA ASP C 39 3.35 -15.36 -3.46
C ASP C 39 2.61 -14.65 -2.33
N VAL C 40 2.03 -13.48 -2.63
CA VAL C 40 1.23 -12.72 -1.67
C VAL C 40 -0.04 -12.24 -2.38
N ALA C 41 -1.00 -11.70 -1.63
CA ALA C 41 -2.29 -11.34 -2.19
C ALA C 41 -2.58 -9.86 -1.97
N VAL C 42 -3.44 -9.29 -2.83
CA VAL C 42 -3.84 -7.89 -2.75
C VAL C 42 -5.30 -7.76 -3.19
N HIS C 43 -6.14 -7.07 -2.42
CA HIS C 43 -7.52 -6.84 -2.82
C HIS C 43 -8.11 -5.62 -2.13
N ARG C 44 -9.30 -5.21 -2.59
CA ARG C 44 -10.09 -4.19 -1.92
C ARG C 44 -10.50 -4.72 -0.55
N GLU C 45 -10.68 -3.83 0.43
CA GLU C 45 -11.05 -4.25 1.78
C GLU C 45 -12.42 -4.96 1.76
N GLU C 46 -13.26 -4.63 0.78
CA GLU C 46 -14.57 -5.24 0.62
C GLU C 46 -14.42 -6.67 0.10
N ILE C 47 -13.55 -6.88 -0.88
CA ILE C 47 -13.30 -8.20 -1.46
C ILE C 47 -12.57 -9.06 -0.43
N TYR C 48 -11.75 -8.44 0.41
CA TYR C 48 -10.93 -9.14 1.39
C TYR C 48 -11.79 -9.94 2.36
N GLN C 49 -12.94 -9.42 2.77
CA GLN C 49 -13.82 -10.09 3.73
C GLN C 49 -14.43 -11.37 3.15
N ARG C 50 -14.42 -11.52 1.82
CA ARG C 50 -14.92 -12.72 1.15
C ARG C 50 -13.81 -13.77 1.07
N ILE C 51 -12.57 -13.39 1.42
CA ILE C 51 -11.40 -14.24 1.25
C ILE C 51 -10.86 -14.68 2.61
N GLN C 52 -10.98 -13.82 3.63
CA GLN C 52 -10.56 -14.18 4.98
C GLN C 52 -11.63 -14.99 5.70
N ALA C 53 -12.73 -15.31 4.99
CA ALA C 53 -13.85 -16.05 5.56
C ALA C 53 -13.47 -17.47 5.97
N GLY C 54 -12.35 -18.00 5.46
CA GLY C 54 -11.92 -19.35 5.83
C GLY C 54 -11.21 -20.12 4.72
N LEU C 55 -10.65 -19.44 3.71
CA LEU C 55 -10.11 -20.14 2.55
C LEU C 55 -8.87 -19.50 1.92
N THR C 56 -8.71 -18.18 2.05
CA THR C 56 -7.68 -17.41 1.38
C THR C 56 -7.37 -17.92 -0.04
N ALA C 57 -8.42 -18.31 -0.77
CA ALA C 57 -8.30 -18.85 -2.12
C ALA C 57 -9.53 -18.45 -2.94
N PRO C 58 -9.53 -17.23 -3.51
CA PRO C 58 -10.60 -16.70 -4.33
C PRO C 58 -11.02 -17.61 -5.48
N ASP C 59 -12.11 -17.22 -6.15
CA ASP C 59 -12.66 -17.93 -7.29
C ASP C 59 -11.72 -17.89 -8.50
N MET A 1 2.09 -5.10 -12.34
CA MET A 1 1.29 -4.22 -11.46
C MET A 1 -0.10 -4.77 -11.22
N LEU A 2 -0.74 -4.27 -10.18
CA LEU A 2 -2.14 -4.49 -9.89
C LEU A 2 -2.72 -3.14 -9.50
N ILE A 3 -3.53 -2.56 -10.39
CA ILE A 3 -4.05 -1.20 -10.25
C ILE A 3 -5.46 -1.26 -9.68
N LEU A 4 -5.85 -0.22 -8.95
CA LEU A 4 -7.09 -0.17 -8.19
C LEU A 4 -7.51 1.30 -8.00
N THR A 5 -8.76 1.54 -7.62
CA THR A 5 -9.22 2.85 -7.20
C THR A 5 -9.86 2.76 -5.83
N ARG A 6 -9.81 3.87 -5.10
CA ARG A 6 -10.45 3.97 -3.80
C ARG A 6 -10.88 5.41 -3.57
N LYS A 7 -11.79 5.66 -2.61
CA LYS A 7 -12.14 7.02 -2.25
C LYS A 7 -11.73 7.31 -0.82
N VAL A 8 -11.66 8.60 -0.48
CA VAL A 8 -11.17 8.98 0.83
C VAL A 8 -11.99 8.31 1.94
N GLY A 9 -11.31 7.71 2.91
CA GLY A 9 -11.96 7.12 4.07
C GLY A 9 -12.19 5.61 3.92
N GLU A 10 -11.67 5.00 2.85
CA GLU A 10 -11.83 3.56 2.62
C GLU A 10 -10.46 2.88 2.59
N SER A 11 -10.44 1.56 2.43
CA SER A 11 -9.21 0.78 2.61
C SER A 11 -8.98 -0.28 1.54
N ILE A 12 -7.78 -0.85 1.57
CA ILE A 12 -7.28 -1.91 0.70
C ILE A 12 -6.40 -2.83 1.55
N ASN A 13 -6.04 -4.02 1.07
CA ASN A 13 -5.27 -4.97 1.86
C ASN A 13 -4.19 -5.65 1.04
N ILE A 14 -3.15 -6.12 1.73
CA ILE A 14 -2.00 -6.78 1.14
C ILE A 14 -1.58 -7.94 2.04
N GLY A 15 -1.06 -9.01 1.44
CA GLY A 15 -0.65 -10.20 2.18
C GLY A 15 -1.81 -10.70 3.04
N ASP A 16 -1.51 -11.10 4.27
CA ASP A 16 -2.50 -11.53 5.23
C ASP A 16 -2.22 -10.87 6.59
N ASP A 17 -1.38 -9.82 6.59
CA ASP A 17 -1.01 -9.08 7.78
C ASP A 17 -0.85 -7.58 7.50
N ILE A 18 -1.28 -7.10 6.32
CA ILE A 18 -1.12 -5.68 6.00
C ILE A 18 -2.44 -5.08 5.53
N THR A 19 -2.63 -3.79 5.84
CA THR A 19 -3.80 -3.02 5.46
C THR A 19 -3.35 -1.63 5.03
N ILE A 20 -4.14 -0.97 4.18
CA ILE A 20 -3.84 0.34 3.64
C ILE A 20 -5.14 1.16 3.69
N THR A 21 -5.04 2.46 3.98
CA THR A 21 -6.21 3.32 4.04
C THR A 21 -5.89 4.67 3.41
N ILE A 22 -6.76 5.10 2.48
CA ILE A 22 -6.66 6.40 1.83
C ILE A 22 -7.32 7.44 2.75
N LEU A 23 -6.50 8.08 3.59
CA LEU A 23 -7.02 8.94 4.64
C LEU A 23 -7.64 10.23 4.09
N GLY A 24 -7.19 10.68 2.91
CA GLY A 24 -7.76 11.88 2.29
C GLY A 24 -6.90 12.39 1.14
N VAL A 25 -7.36 13.47 0.51
CA VAL A 25 -6.61 14.11 -0.56
C VAL A 25 -6.37 15.59 -0.26
N SER A 26 -5.43 16.18 -0.98
CA SER A 26 -5.05 17.58 -0.88
C SER A 26 -4.53 18.03 -2.23
N GLY A 27 -5.37 17.93 -3.26
CA GLY A 27 -4.95 18.27 -4.61
C GLY A 27 -4.03 17.19 -5.15
N GLN A 28 -2.91 17.60 -5.75
CA GLN A 28 -1.93 16.65 -6.25
C GLN A 28 -1.28 15.87 -5.10
N GLN A 29 -1.50 16.27 -3.85
CA GLN A 29 -0.97 15.52 -2.72
C GLN A 29 -2.09 14.65 -2.15
N VAL A 30 -1.69 13.50 -1.60
CA VAL A 30 -2.63 12.55 -1.02
C VAL A 30 -2.07 12.10 0.32
N ARG A 31 -2.94 11.83 1.30
CA ARG A 31 -2.52 11.35 2.60
C ARG A 31 -2.99 9.92 2.75
N ILE A 32 -2.06 9.04 3.12
CA ILE A 32 -2.30 7.61 3.11
C ILE A 32 -1.78 7.02 4.42
N GLY A 33 -2.34 5.87 4.82
CA GLY A 33 -1.93 5.19 6.03
C GLY A 33 -1.62 3.73 5.71
N ILE A 34 -0.80 3.11 6.56
CA ILE A 34 -0.37 1.74 6.40
C ILE A 34 -0.42 1.07 7.76
N ASN A 35 -0.78 -0.21 7.80
CA ASN A 35 -0.91 -0.94 9.04
C ASN A 35 -0.37 -2.36 8.86
N ALA A 36 0.79 -2.61 9.48
CA ALA A 36 1.47 -3.89 9.39
C ALA A 36 2.33 -4.08 10.64
N PRO A 37 2.74 -5.32 10.94
CA PRO A 37 3.66 -5.61 12.03
C PRO A 37 5.02 -5.01 11.77
N LYS A 38 5.82 -4.77 12.82
CA LYS A 38 7.21 -4.34 12.67
C LYS A 38 8.05 -5.47 12.10
N ASP A 39 7.41 -6.62 11.86
CA ASP A 39 7.99 -7.77 11.19
C ASP A 39 8.29 -7.44 9.73
N VAL A 40 7.79 -6.29 9.28
CA VAL A 40 7.99 -5.78 7.93
C VAL A 40 8.25 -4.27 8.00
N ALA A 41 8.67 -3.66 6.90
CA ALA A 41 9.04 -2.25 6.89
C ALA A 41 8.21 -1.47 5.89
N VAL A 42 8.10 -0.15 6.10
CA VAL A 42 7.33 0.72 5.23
C VAL A 42 8.01 2.09 5.16
N HIS A 43 8.25 2.59 3.94
CA HIS A 43 8.81 3.93 3.75
C HIS A 43 8.45 4.43 2.35
N ARG A 44 8.47 5.75 2.15
CA ARG A 44 8.26 6.31 0.83
C ARG A 44 9.48 6.00 -0.05
N GLU A 45 9.30 6.05 -1.36
CA GLU A 45 10.30 5.58 -2.33
C GLU A 45 11.66 6.26 -2.18
N GLU A 46 11.73 7.47 -1.61
CA GLU A 46 13.00 8.14 -1.43
C GLU A 46 13.79 7.51 -0.28
N ILE A 47 13.12 7.25 0.85
CA ILE A 47 13.76 6.73 2.04
C ILE A 47 14.11 5.26 1.85
N TYR A 48 13.34 4.57 1.02
CA TYR A 48 13.53 3.16 0.74
C TYR A 48 14.91 2.90 0.14
N GLN A 49 15.39 3.79 -0.73
CA GLN A 49 16.66 3.61 -1.42
C GLN A 49 17.85 3.75 -0.47
N ARG A 50 17.65 4.32 0.72
CA ARG A 50 18.69 4.42 1.73
C ARG A 50 18.77 3.12 2.54
N ILE A 51 17.78 2.24 2.36
CA ILE A 51 17.65 1.03 3.16
C ILE A 51 17.93 -0.20 2.30
N GLN A 52 17.57 -0.16 1.01
CA GLN A 52 17.86 -1.26 0.10
C GLN A 52 19.30 -1.20 -0.40
N ALA A 53 20.08 -0.23 0.09
CA ALA A 53 21.46 -0.02 -0.34
C ALA A 53 22.38 -1.18 0.00
N GLY A 54 21.99 -2.05 0.95
CA GLY A 54 22.83 -3.19 1.31
C GLY A 54 22.71 -3.60 2.77
N LEU A 55 21.63 -3.22 3.48
CA LEU A 55 21.56 -3.45 4.91
C LEU A 55 20.16 -3.75 5.43
N THR A 56 19.12 -3.29 4.73
CA THR A 56 17.73 -3.37 5.17
C THR A 56 17.56 -3.13 6.67
N ALA A 57 18.36 -2.23 7.25
CA ALA A 57 18.32 -1.93 8.66
C ALA A 57 18.79 -0.48 8.89
N PRO A 58 17.85 0.46 9.03
CA PRO A 58 18.13 1.86 9.31
C PRO A 58 19.13 2.09 10.42
N ASP A 59 19.18 1.20 11.40
CA ASP A 59 20.04 1.34 12.56
C ASP A 59 20.16 0.00 13.29
N MET C 1 -0.62 2.31 12.91
CA MET C 1 -0.64 2.92 11.56
C MET C 1 0.61 3.76 11.34
N LEU C 2 1.04 3.87 10.08
CA LEU C 2 2.10 4.77 9.66
C LEU C 2 1.52 5.63 8.54
N ILE C 3 1.31 6.92 8.84
CA ILE C 3 0.67 7.86 7.92
C ILE C 3 1.72 8.80 7.32
N LEU C 4 1.54 9.12 6.03
CA LEU C 4 2.38 10.07 5.33
C LEU C 4 1.70 10.56 4.06
N THR C 5 2.30 11.53 3.37
CA THR C 5 1.76 12.06 2.12
C THR C 5 2.64 11.66 0.94
N ARG C 6 2.03 11.67 -0.25
CA ARG C 6 2.73 11.46 -1.50
C ARG C 6 2.04 12.28 -2.59
N LYS C 7 2.77 12.67 -3.64
CA LYS C 7 2.20 13.40 -4.76
C LYS C 7 1.84 12.43 -5.88
N VAL C 8 0.80 12.77 -6.65
CA VAL C 8 0.39 11.96 -7.78
C VAL C 8 1.55 11.78 -8.75
N GLY C 9 1.95 10.54 -8.97
CA GLY C 9 3.04 10.22 -9.89
C GLY C 9 4.28 9.68 -9.18
N GLU C 10 4.21 9.46 -7.87
CA GLU C 10 5.36 8.96 -7.11
C GLU C 10 5.02 7.64 -6.41
N SER C 11 5.94 7.10 -5.61
CA SER C 11 5.81 5.75 -5.09
C SER C 11 6.16 5.62 -3.60
N ILE C 12 5.88 4.43 -3.05
CA ILE C 12 6.09 4.03 -1.67
C ILE C 12 6.46 2.55 -1.68
N ASN C 13 6.96 2.00 -0.56
CA ASN C 13 7.40 0.61 -0.51
C ASN C 13 7.00 -0.05 0.80
N ILE C 14 6.86 -1.38 0.77
CA ILE C 14 6.44 -2.19 1.91
C ILE C 14 7.11 -3.56 1.85
N GLY C 15 7.36 -4.16 3.02
CA GLY C 15 7.84 -5.53 3.16
C GLY C 15 9.11 -5.88 2.38
N ASP C 16 9.83 -4.86 1.88
CA ASP C 16 11.04 -5.03 1.09
C ASP C 16 10.85 -5.92 -0.14
N ASP C 17 9.60 -6.24 -0.51
CA ASP C 17 9.28 -7.01 -1.70
C ASP C 17 8.00 -6.49 -2.35
N ILE C 18 7.49 -5.35 -1.88
CA ILE C 18 6.28 -4.74 -2.41
C ILE C 18 6.53 -3.27 -2.68
N THR C 19 5.83 -2.73 -3.68
CA THR C 19 5.90 -1.33 -4.06
C THR C 19 4.48 -0.84 -4.30
N ILE C 20 4.25 0.46 -4.06
CA ILE C 20 2.96 1.09 -4.22
C ILE C 20 3.19 2.39 -4.99
N THR C 21 2.21 2.80 -5.79
CA THR C 21 2.37 3.98 -6.61
C THR C 21 1.04 4.75 -6.66
N ILE C 22 1.07 6.02 -6.29
CA ILE C 22 -0.10 6.89 -6.34
C ILE C 22 -0.27 7.36 -7.78
N LEU C 23 -0.97 6.57 -8.59
CA LEU C 23 -1.04 6.79 -10.03
C LEU C 23 -1.73 8.10 -10.38
N GLY C 24 -2.64 8.58 -9.51
CA GLY C 24 -3.29 9.86 -9.76
C GLY C 24 -4.46 10.12 -8.82
N VAL C 25 -5.16 11.22 -9.09
CA VAL C 25 -6.23 11.73 -8.26
C VAL C 25 -7.36 12.26 -9.14
N SER C 26 -8.60 12.00 -8.74
CA SER C 26 -9.80 12.38 -9.49
C SER C 26 -10.93 12.61 -8.51
N GLY C 27 -11.00 13.82 -7.92
CA GLY C 27 -11.97 14.09 -6.88
C GLY C 27 -11.59 13.27 -5.65
N GLN C 28 -12.57 12.74 -4.94
CA GLN C 28 -12.28 11.90 -3.80
C GLN C 28 -11.70 10.56 -4.23
N GLN C 29 -11.78 10.22 -5.52
CA GLN C 29 -11.22 8.98 -6.02
C GLN C 29 -9.70 9.12 -6.16
N VAL C 30 -9.00 8.01 -6.00
CA VAL C 30 -7.55 7.97 -6.06
C VAL C 30 -7.15 6.67 -6.73
N ARG C 31 -6.47 6.74 -7.87
CA ARG C 31 -6.04 5.55 -8.58
C ARG C 31 -4.65 5.17 -8.07
N ILE C 32 -4.45 3.88 -7.80
CA ILE C 32 -3.26 3.40 -7.13
C ILE C 32 -2.73 2.17 -7.85
N GLY C 33 -1.42 1.95 -7.78
CA GLY C 33 -0.73 0.82 -8.37
C GLY C 33 -0.09 0.02 -7.26
N ILE C 34 0.06 -1.29 -7.47
CA ILE C 34 0.67 -2.19 -6.51
C ILE C 34 1.55 -3.14 -7.30
N ASN C 35 2.69 -3.51 -6.71
CA ASN C 35 3.64 -4.36 -7.39
C ASN C 35 4.31 -5.30 -6.38
N ALA C 36 3.92 -6.57 -6.41
CA ALA C 36 4.38 -7.58 -5.47
C ALA C 36 4.40 -8.95 -6.15
N PRO C 37 5.17 -9.90 -5.62
CA PRO C 37 5.19 -11.28 -6.08
C PRO C 37 3.84 -11.96 -5.79
N LYS C 38 3.48 -12.97 -6.58
CA LYS C 38 2.26 -13.75 -6.33
C LYS C 38 2.40 -14.60 -5.08
N ASP C 39 3.58 -14.55 -4.45
CA ASP C 39 3.84 -15.14 -3.15
C ASP C 39 3.03 -14.42 -2.06
N VAL C 40 2.39 -13.30 -2.44
CA VAL C 40 1.54 -12.52 -1.57
C VAL C 40 0.30 -12.09 -2.37
N ALA C 41 -0.72 -11.56 -1.69
CA ALA C 41 -1.98 -11.24 -2.34
C ALA C 41 -2.38 -9.78 -2.11
N VAL C 42 -3.28 -9.26 -2.96
CA VAL C 42 -3.74 -7.88 -2.87
C VAL C 42 -5.20 -7.80 -3.30
N HIS C 43 -6.05 -7.14 -2.51
CA HIS C 43 -7.45 -6.94 -2.89
C HIS C 43 -8.03 -5.73 -2.15
N ARG C 44 -9.21 -5.26 -2.60
CA ARG C 44 -9.94 -4.22 -1.88
C ARG C 44 -10.32 -4.76 -0.50
N GLU C 45 -10.56 -3.87 0.46
CA GLU C 45 -10.95 -4.27 1.81
C GLU C 45 -12.26 -5.07 1.79
N GLU C 46 -13.09 -4.90 0.76
CA GLU C 46 -14.33 -5.64 0.63
C GLU C 46 -14.05 -7.08 0.19
N ILE C 47 -13.24 -7.27 -0.85
CA ILE C 47 -12.98 -8.59 -1.41
C ILE C 47 -12.15 -9.42 -0.43
N TYR C 48 -11.33 -8.73 0.36
CA TYR C 48 -10.42 -9.36 1.31
C TYR C 48 -11.16 -10.21 2.34
N GLN C 49 -12.36 -9.79 2.74
CA GLN C 49 -13.12 -10.50 3.76
C GLN C 49 -13.67 -11.84 3.27
N ARG C 50 -13.70 -12.05 1.95
CA ARG C 50 -14.13 -13.31 1.36
C ARG C 50 -12.95 -14.28 1.31
N ILE C 51 -11.74 -13.79 1.63
CA ILE C 51 -10.52 -14.58 1.48
C ILE C 51 -9.95 -14.94 2.84
N GLN C 52 -9.90 -13.97 3.77
CA GLN C 52 -9.36 -14.22 5.09
C GLN C 52 -10.24 -15.17 5.90
N ALA C 53 -11.34 -15.64 5.31
CA ALA C 53 -12.24 -16.61 5.93
C ALA C 53 -11.56 -17.97 6.11
N GLY C 54 -10.43 -18.21 5.41
CA GLY C 54 -9.70 -19.46 5.58
C GLY C 54 -8.92 -19.90 4.34
N LEU C 55 -8.71 -19.02 3.35
CA LEU C 55 -8.13 -19.44 2.08
C LEU C 55 -7.41 -18.28 1.37
N THR C 56 -6.92 -18.56 0.16
CA THR C 56 -6.30 -17.57 -0.71
C THR C 56 -6.62 -17.87 -2.18
N ALA C 57 -7.54 -18.80 -2.42
CA ALA C 57 -7.96 -19.15 -3.76
C ALA C 57 -9.42 -19.64 -3.74
N PRO C 58 -10.28 -19.07 -4.59
CA PRO C 58 -11.66 -19.52 -4.80
C PRO C 58 -11.73 -21.00 -5.18
N ASP C 59 -12.96 -21.51 -5.31
CA ASP C 59 -13.22 -22.90 -5.64
C ASP C 59 -12.57 -23.28 -6.97
N MET A 1 2.11 -5.32 -11.76
CA MET A 1 1.38 -4.09 -11.38
C MET A 1 -0.10 -4.37 -11.27
N LEU A 2 -0.71 -3.99 -10.13
CA LEU A 2 -2.13 -4.15 -9.90
C LEU A 2 -2.69 -2.78 -9.54
N ILE A 3 -3.54 -2.25 -10.43
CA ILE A 3 -4.05 -0.89 -10.34
C ILE A 3 -5.54 -0.95 -10.05
N LEU A 4 -6.01 -0.08 -9.15
CA LEU A 4 -7.42 0.05 -8.82
C LEU A 4 -7.70 1.39 -8.16
N THR A 5 -9.00 1.71 -8.00
CA THR A 5 -9.39 2.96 -7.38
C THR A 5 -9.92 2.73 -5.97
N ARG A 6 -9.86 3.81 -5.17
CA ARG A 6 -10.39 3.84 -3.82
C ARG A 6 -10.91 5.25 -3.55
N LYS A 7 -11.85 5.41 -2.61
CA LYS A 7 -12.36 6.71 -2.23
C LYS A 7 -11.75 7.11 -0.90
N VAL A 8 -11.63 8.41 -0.66
CA VAL A 8 -11.08 8.91 0.60
C VAL A 8 -11.89 8.36 1.76
N GLY A 9 -11.22 7.77 2.75
CA GLY A 9 -11.88 7.22 3.92
C GLY A 9 -12.11 5.70 3.82
N GLU A 10 -11.56 5.05 2.78
CA GLU A 10 -11.71 3.61 2.58
C GLU A 10 -10.34 2.93 2.59
N SER A 11 -10.30 1.60 2.36
CA SER A 11 -9.08 0.84 2.54
C SER A 11 -8.84 -0.21 1.46
N ILE A 12 -7.63 -0.77 1.49
CA ILE A 12 -7.13 -1.81 0.59
C ILE A 12 -6.31 -2.77 1.46
N ASN A 13 -6.01 -3.99 0.99
CA ASN A 13 -5.28 -4.96 1.81
C ASN A 13 -4.20 -5.66 0.99
N ILE A 14 -3.11 -6.07 1.66
CA ILE A 14 -1.95 -6.69 1.03
C ILE A 14 -1.33 -7.75 1.94
N GLY A 15 -0.85 -8.85 1.36
CA GLY A 15 -0.09 -9.89 2.05
C GLY A 15 -0.78 -10.45 3.28
N ASP A 16 -2.09 -10.27 3.40
CA ASP A 16 -2.92 -10.70 4.53
C ASP A 16 -2.34 -10.37 5.92
N ASP A 17 -1.36 -9.46 6.00
CA ASP A 17 -0.84 -8.94 7.25
C ASP A 17 -0.63 -7.43 7.16
N ILE A 18 -1.05 -6.83 6.04
CA ILE A 18 -0.90 -5.40 5.82
C ILE A 18 -2.21 -4.83 5.30
N THR A 19 -2.49 -3.58 5.67
CA THR A 19 -3.68 -2.87 5.22
C THR A 19 -3.27 -1.44 4.88
N ILE A 20 -4.03 -0.79 4.00
CA ILE A 20 -3.75 0.56 3.55
C ILE A 20 -5.03 1.37 3.66
N THR A 21 -4.93 2.64 4.05
CA THR A 21 -6.09 3.50 4.18
C THR A 21 -5.82 4.85 3.53
N ILE A 22 -6.62 5.20 2.53
CA ILE A 22 -6.54 6.48 1.84
C ILE A 22 -7.22 7.53 2.72
N LEU A 23 -6.43 8.21 3.57
CA LEU A 23 -6.99 9.09 4.59
C LEU A 23 -7.62 10.33 3.99
N GLY A 24 -7.16 10.77 2.82
CA GLY A 24 -7.76 11.90 2.14
C GLY A 24 -6.84 12.49 1.07
N VAL A 25 -7.30 13.55 0.40
CA VAL A 25 -6.51 14.22 -0.62
C VAL A 25 -6.20 15.66 -0.22
N SER A 26 -5.22 16.23 -0.90
CA SER A 26 -4.76 17.61 -0.70
C SER A 26 -4.22 18.08 -2.04
N GLY A 27 -5.07 18.05 -3.06
CA GLY A 27 -4.67 18.37 -4.41
C GLY A 27 -3.79 17.26 -4.97
N GLN A 28 -2.68 17.61 -5.60
CA GLN A 28 -1.75 16.63 -6.13
C GLN A 28 -1.08 15.84 -4.99
N GLN A 29 -1.26 16.26 -3.74
CA GLN A 29 -0.75 15.51 -2.61
C GLN A 29 -1.87 14.67 -2.04
N VAL A 30 -1.52 13.50 -1.51
CA VAL A 30 -2.50 12.59 -0.93
C VAL A 30 -1.96 12.09 0.40
N ARG A 31 -2.83 12.02 1.42
CA ARG A 31 -2.42 11.52 2.73
C ARG A 31 -2.91 10.09 2.84
N ILE A 32 -2.00 9.18 3.22
CA ILE A 32 -2.25 7.76 3.21
C ILE A 32 -1.74 7.16 4.51
N GLY A 33 -2.35 6.06 4.94
CA GLY A 33 -1.96 5.36 6.14
C GLY A 33 -1.66 3.90 5.82
N ILE A 34 -0.85 3.26 6.64
CA ILE A 34 -0.45 1.88 6.45
C ILE A 34 -0.52 1.19 7.80
N ASN A 35 -0.91 -0.08 7.80
CA ASN A 35 -1.07 -0.84 9.02
C ASN A 35 -0.52 -2.25 8.83
N ALA A 36 0.63 -2.52 9.44
CA ALA A 36 1.31 -3.80 9.35
C ALA A 36 2.09 -4.01 10.65
N PRO A 37 2.42 -5.27 10.99
CA PRO A 37 3.23 -5.56 12.14
C PRO A 37 4.60 -4.90 11.98
N LYS A 38 5.21 -4.44 13.08
CA LYS A 38 6.52 -3.80 13.03
C LYS A 38 7.58 -4.78 12.52
N ASP A 39 7.20 -6.04 12.39
CA ASP A 39 7.98 -7.14 11.85
C ASP A 39 8.27 -6.96 10.35
N VAL A 40 7.68 -5.95 9.73
CA VAL A 40 7.92 -5.61 8.32
C VAL A 40 8.15 -4.11 8.22
N ALA A 41 8.60 -3.63 7.06
CA ALA A 41 8.97 -2.23 6.92
C ALA A 41 8.05 -1.50 5.94
N VAL A 42 7.97 -0.17 6.10
CA VAL A 42 7.20 0.69 5.21
C VAL A 42 7.90 2.04 5.09
N HIS A 43 8.18 2.50 3.87
CA HIS A 43 8.78 3.81 3.65
C HIS A 43 8.46 4.32 2.25
N ARG A 44 8.59 5.62 2.04
CA ARG A 44 8.47 6.21 0.72
C ARG A 44 9.62 5.72 -0.16
N GLU A 45 9.43 5.73 -1.47
CA GLU A 45 10.43 5.22 -2.41
C GLU A 45 11.77 5.94 -2.27
N GLU A 46 11.75 7.18 -1.75
CA GLU A 46 12.97 7.94 -1.55
C GLU A 46 13.73 7.43 -0.33
N ILE A 47 13.02 7.18 0.78
CA ILE A 47 13.63 6.70 2.01
C ILE A 47 14.09 5.25 1.82
N TYR A 48 13.36 4.50 0.99
CA TYR A 48 13.63 3.10 0.75
C TYR A 48 15.04 2.89 0.20
N GLN A 49 15.52 3.82 -0.64
CA GLN A 49 16.83 3.69 -1.26
C GLN A 49 17.95 3.89 -0.24
N ARG A 50 17.66 4.49 0.91
CA ARG A 50 18.64 4.65 1.98
C ARG A 50 18.74 3.37 2.79
N ILE A 51 17.83 2.42 2.54
CA ILE A 51 17.72 1.21 3.33
C ILE A 51 18.16 -0.01 2.53
N GLN A 52 17.72 -0.11 1.28
CA GLN A 52 18.08 -1.25 0.45
C GLN A 52 19.56 -1.25 0.09
N ALA A 53 20.31 -0.22 0.55
CA ALA A 53 21.74 -0.13 0.34
C ALA A 53 22.49 -1.25 1.04
N GLY A 54 21.85 -1.93 2.02
CA GLY A 54 22.48 -3.05 2.69
C GLY A 54 21.99 -3.29 4.12
N LEU A 55 20.86 -2.70 4.53
CA LEU A 55 20.42 -2.76 5.92
C LEU A 55 18.91 -2.62 6.07
N THR A 56 18.43 -2.61 7.31
CA THR A 56 17.03 -2.39 7.66
C THR A 56 16.91 -1.63 8.98
N ALA A 57 18.02 -1.07 9.46
CA ALA A 57 18.05 -0.28 10.67
C ALA A 57 19.09 0.84 10.54
N PRO A 58 18.71 2.10 10.77
CA PRO A 58 19.59 3.25 10.76
C PRO A 58 20.89 3.06 11.54
N ASP A 59 20.84 2.28 12.61
CA ASP A 59 21.97 2.11 13.51
C ASP A 59 21.75 0.88 14.40
N MET C 1 -0.61 2.29 12.98
CA MET C 1 -0.63 2.92 11.64
C MET C 1 0.63 3.74 11.42
N LEU C 2 1.02 3.90 10.16
CA LEU C 2 2.09 4.78 9.74
C LEU C 2 1.54 5.66 8.63
N ILE C 3 1.32 6.94 8.94
CA ILE C 3 0.70 7.89 8.03
C ILE C 3 1.74 8.81 7.43
N LEU C 4 1.58 9.13 6.13
CA LEU C 4 2.43 10.08 5.44
C LEU C 4 1.75 10.58 4.16
N THR C 5 2.36 11.56 3.49
CA THR C 5 1.83 12.08 2.24
C THR C 5 2.70 11.64 1.07
N ARG C 6 2.10 11.64 -0.11
CA ARG C 6 2.80 11.36 -1.36
C ARG C 6 2.12 12.15 -2.49
N LYS C 7 2.91 12.73 -3.39
CA LYS C 7 2.38 13.41 -4.57
C LYS C 7 2.03 12.40 -5.65
N VAL C 8 1.07 12.74 -6.50
CA VAL C 8 0.69 11.88 -7.62
C VAL C 8 1.89 11.62 -8.51
N GLY C 9 2.06 10.37 -8.94
CA GLY C 9 3.14 9.97 -9.83
C GLY C 9 4.38 9.50 -9.07
N GLU C 10 4.34 9.50 -7.74
CA GLU C 10 5.46 9.03 -6.93
C GLU C 10 5.16 7.65 -6.35
N SER C 11 6.07 7.10 -5.54
CA SER C 11 5.96 5.73 -5.08
C SER C 11 6.31 5.56 -3.60
N ILE C 12 6.00 4.36 -3.09
CA ILE C 12 6.18 3.94 -1.70
C ILE C 12 6.58 2.47 -1.73
N ASN C 13 7.05 1.91 -0.61
CA ASN C 13 7.51 0.53 -0.54
C ASN C 13 7.10 -0.13 0.77
N ILE C 14 7.00 -1.46 0.74
CA ILE C 14 6.64 -2.27 1.90
C ILE C 14 7.52 -3.53 1.90
N GLY C 15 7.83 -4.04 3.09
CA GLY C 15 8.69 -5.20 3.23
C GLY C 15 10.01 -4.97 2.50
N ASP C 16 10.45 -5.98 1.75
CA ASP C 16 11.64 -5.90 0.93
C ASP C 16 11.37 -6.48 -0.45
N ASP C 17 10.09 -6.71 -0.77
CA ASP C 17 9.67 -7.32 -2.03
C ASP C 17 8.38 -6.68 -2.56
N ILE C 18 7.93 -5.56 -1.98
CA ILE C 18 6.69 -4.93 -2.42
C ILE C 18 6.93 -3.44 -2.68
N THR C 19 6.16 -2.89 -3.63
CA THR C 19 6.19 -1.50 -4.00
C THR C 19 4.75 -1.03 -4.19
N ILE C 20 4.52 0.27 -4.01
CA ILE C 20 3.21 0.89 -4.07
C ILE C 20 3.36 2.19 -4.86
N THR C 21 2.30 2.62 -5.56
CA THR C 21 2.36 3.83 -6.37
C THR C 21 1.04 4.59 -6.28
N ILE C 22 1.10 5.91 -6.40
CA ILE C 22 -0.05 6.78 -6.37
C ILE C 22 -0.23 7.36 -7.77
N LEU C 23 -0.94 6.61 -8.63
CA LEU C 23 -1.00 6.92 -10.04
C LEU C 23 -1.70 8.24 -10.32
N GLY C 24 -2.59 8.67 -9.43
CA GLY C 24 -3.21 9.98 -9.57
C GLY C 24 -4.48 10.12 -8.76
N VAL C 25 -5.14 11.27 -8.88
CA VAL C 25 -6.40 11.54 -8.19
C VAL C 25 -7.51 11.80 -9.19
N SER C 26 -8.74 11.71 -8.69
CA SER C 26 -9.97 11.96 -9.44
C SER C 26 -11.01 12.45 -8.45
N GLY C 27 -10.72 13.58 -7.79
CA GLY C 27 -11.60 14.10 -6.75
C GLY C 27 -11.47 13.24 -5.52
N GLN C 28 -12.61 12.86 -4.92
CA GLN C 28 -12.60 11.99 -3.76
C GLN C 28 -12.12 10.58 -4.12
N GLN C 29 -11.98 10.26 -5.42
CA GLN C 29 -11.43 8.98 -5.82
C GLN C 29 -9.95 9.11 -6.13
N VAL C 30 -9.22 8.03 -5.92
CA VAL C 30 -7.78 8.00 -6.14
C VAL C 30 -7.42 6.70 -6.87
N ARG C 31 -6.48 6.75 -7.80
CA ARG C 31 -6.02 5.56 -8.51
C ARG C 31 -4.65 5.20 -7.98
N ILE C 32 -4.49 3.93 -7.62
CA ILE C 32 -3.32 3.45 -6.89
C ILE C 32 -2.76 2.23 -7.60
N GLY C 33 -1.46 1.97 -7.40
CA GLY C 33 -0.75 0.87 -8.02
C GLY C 33 -0.06 0.03 -6.95
N ILE C 34 0.12 -1.25 -7.23
CA ILE C 34 0.77 -2.19 -6.32
C ILE C 34 1.64 -3.11 -7.16
N ASN C 35 2.78 -3.50 -6.61
CA ASN C 35 3.74 -4.31 -7.34
C ASN C 35 4.41 -5.28 -6.39
N ALA C 36 4.00 -6.55 -6.44
CA ALA C 36 4.49 -7.59 -5.56
C ALA C 36 4.40 -8.95 -6.25
N PRO C 37 5.15 -9.95 -5.77
CA PRO C 37 5.08 -11.31 -6.28
C PRO C 37 3.71 -11.90 -6.01
N LYS C 38 3.24 -12.81 -6.87
CA LYS C 38 1.96 -13.50 -6.64
C LYS C 38 2.03 -14.37 -5.38
N ASP C 39 3.20 -14.43 -4.74
CA ASP C 39 3.39 -15.10 -3.45
C ASP C 39 2.64 -14.36 -2.35
N VAL C 40 2.06 -13.20 -2.67
CA VAL C 40 1.23 -12.44 -1.75
C VAL C 40 -0.01 -11.96 -2.51
N ALA C 41 -1.05 -11.53 -1.80
CA ALA C 41 -2.31 -11.19 -2.43
C ALA C 41 -2.69 -9.75 -2.15
N VAL C 42 -3.52 -9.17 -3.02
CA VAL C 42 -3.95 -7.78 -2.88
C VAL C 42 -5.40 -7.65 -3.36
N HIS C 43 -6.25 -6.98 -2.58
CA HIS C 43 -7.63 -6.72 -2.98
C HIS C 43 -8.19 -5.51 -2.25
N ARG C 44 -9.31 -4.97 -2.74
CA ARG C 44 -10.03 -3.91 -2.05
C ARG C 44 -10.69 -4.50 -0.80
N GLU C 45 -10.87 -3.69 0.24
CA GLU C 45 -11.27 -4.16 1.56
C GLU C 45 -12.62 -4.89 1.56
N GLU C 46 -13.57 -4.48 0.72
CA GLU C 46 -14.89 -5.12 0.71
C GLU C 46 -14.87 -6.44 -0.07
N ILE C 47 -13.81 -6.69 -0.85
CA ILE C 47 -13.61 -7.97 -1.53
C ILE C 47 -12.80 -8.89 -0.62
N TYR C 48 -11.95 -8.29 0.21
CA TYR C 48 -11.07 -9.03 1.12
C TYR C 48 -11.88 -9.89 2.09
N GLN C 49 -13.04 -9.41 2.55
CA GLN C 49 -13.87 -10.15 3.50
C GLN C 49 -14.49 -11.40 2.87
N ARG C 50 -14.54 -11.47 1.52
CA ARG C 50 -15.04 -12.64 0.81
C ARG C 50 -13.93 -13.68 0.66
N ILE C 51 -12.70 -13.32 1.03
CA ILE C 51 -11.55 -14.16 0.82
C ILE C 51 -11.01 -14.69 2.15
N GLN C 52 -10.95 -13.83 3.17
CA GLN C 52 -10.44 -14.22 4.47
C GLN C 52 -11.39 -15.17 5.21
N ALA C 53 -12.52 -15.53 4.57
CA ALA C 53 -13.49 -16.45 5.15
C ALA C 53 -12.94 -17.88 5.25
N GLY C 54 -11.84 -18.18 4.56
CA GLY C 54 -11.23 -19.50 4.64
C GLY C 54 -10.42 -19.90 3.41
N LEU C 55 -10.08 -18.94 2.53
CA LEU C 55 -9.42 -19.24 1.27
C LEU C 55 -8.57 -18.06 0.78
N THR C 56 -8.07 -18.14 -0.46
CA THR C 56 -7.24 -17.09 -1.04
C THR C 56 -7.58 -16.88 -2.52
N ALA C 57 -8.47 -17.70 -3.08
CA ALA C 57 -8.84 -17.62 -4.49
C ALA C 57 -10.27 -18.14 -4.70
N PRO C 58 -11.28 -17.30 -4.49
CA PRO C 58 -12.68 -17.63 -4.70
C PRO C 58 -12.96 -18.28 -6.04
N ASP C 59 -12.20 -17.89 -7.07
CA ASP C 59 -12.40 -18.38 -8.42
C ASP C 59 -11.17 -18.03 -9.28
N MET A 1 2.11 -4.96 -11.96
CA MET A 1 1.29 -4.02 -11.17
C MET A 1 -0.15 -4.50 -11.08
N LEU A 2 -0.83 -4.13 -10.01
CA LEU A 2 -2.26 -4.35 -9.84
C LEU A 2 -2.89 -3.00 -9.50
N ILE A 3 -3.59 -2.41 -10.47
CA ILE A 3 -4.18 -1.08 -10.37
C ILE A 3 -5.67 -1.19 -10.06
N LEU A 4 -6.17 -0.26 -9.26
CA LEU A 4 -7.59 -0.15 -8.93
C LEU A 4 -7.91 1.24 -8.36
N THR A 5 -9.19 1.54 -8.14
CA THR A 5 -9.59 2.80 -7.53
C THR A 5 -10.19 2.57 -6.15
N ARG A 6 -10.08 3.61 -5.31
CA ARG A 6 -10.70 3.67 -4.00
C ARG A 6 -11.11 5.11 -3.71
N LYS A 7 -11.95 5.30 -2.70
CA LYS A 7 -12.45 6.61 -2.31
C LYS A 7 -11.81 7.00 -0.98
N VAL A 8 -11.67 8.31 -0.75
CA VAL A 8 -11.12 8.82 0.49
C VAL A 8 -11.95 8.34 1.68
N GLY A 9 -11.35 7.51 2.54
CA GLY A 9 -11.99 6.95 3.72
C GLY A 9 -12.06 5.42 3.64
N GLU A 10 -11.77 4.85 2.46
CA GLU A 10 -11.82 3.41 2.25
C GLU A 10 -10.46 2.76 2.53
N SER A 11 -10.36 1.45 2.33
CA SER A 11 -9.16 0.69 2.69
C SER A 11 -8.82 -0.39 1.66
N ILE A 12 -7.66 -0.99 1.84
CA ILE A 12 -7.07 -2.01 0.96
C ILE A 12 -6.28 -2.98 1.85
N ASN A 13 -5.89 -4.13 1.33
CA ASN A 13 -5.17 -5.14 2.11
C ASN A 13 -4.08 -5.80 1.28
N ILE A 14 -2.99 -6.21 1.94
CA ILE A 14 -1.83 -6.80 1.29
C ILE A 14 -1.19 -7.87 2.18
N GLY A 15 -0.66 -8.93 1.56
CA GLY A 15 0.14 -9.95 2.23
C GLY A 15 -0.56 -10.63 3.41
N ASP A 16 -1.88 -10.45 3.54
CA ASP A 16 -2.69 -10.99 4.62
C ASP A 16 -2.19 -10.59 6.02
N ASP A 17 -1.26 -9.63 6.12
CA ASP A 17 -0.77 -9.11 7.39
C ASP A 17 -0.56 -7.60 7.31
N ILE A 18 -0.98 -6.96 6.22
CA ILE A 18 -0.84 -5.54 6.02
C ILE A 18 -2.17 -4.97 5.57
N THR A 19 -2.46 -3.74 6.02
CA THR A 19 -3.69 -3.04 5.65
C THR A 19 -3.32 -1.61 5.31
N ILE A 20 -4.09 -0.98 4.43
CA ILE A 20 -3.84 0.37 3.95
C ILE A 20 -5.16 1.13 4.00
N THR A 21 -5.09 2.44 4.27
CA THR A 21 -6.29 3.26 4.31
C THR A 21 -5.98 4.61 3.67
N ILE A 22 -6.78 4.99 2.66
CA ILE A 22 -6.67 6.28 2.00
C ILE A 22 -7.34 7.30 2.92
N LEU A 23 -6.54 7.96 3.75
CA LEU A 23 -7.07 8.82 4.80
C LEU A 23 -7.72 10.07 4.23
N GLY A 24 -7.30 10.51 3.04
CA GLY A 24 -7.94 11.65 2.40
C GLY A 24 -7.15 12.19 1.23
N VAL A 25 -7.60 13.34 0.71
CA VAL A 25 -7.08 13.95 -0.50
C VAL A 25 -6.99 15.46 -0.33
N SER A 26 -5.98 16.06 -0.97
CA SER A 26 -5.68 17.48 -0.90
C SER A 26 -5.10 17.92 -2.24
N GLY A 27 -5.95 17.90 -3.28
CA GLY A 27 -5.48 18.19 -4.62
C GLY A 27 -4.66 17.00 -5.12
N GLN A 28 -3.47 17.29 -5.67
CA GLN A 28 -2.57 16.24 -6.10
C GLN A 28 -2.08 15.42 -4.91
N GLN A 29 -2.12 15.99 -3.70
CA GLN A 29 -1.62 15.32 -2.53
C GLN A 29 -2.67 14.36 -1.99
N VAL A 30 -2.21 13.28 -1.37
CA VAL A 30 -3.04 12.19 -0.93
C VAL A 30 -2.45 11.66 0.38
N ARG A 31 -3.16 11.81 1.49
CA ARG A 31 -2.66 11.32 2.77
C ARG A 31 -3.10 9.87 2.92
N ILE A 32 -2.16 9.00 3.31
CA ILE A 32 -2.40 7.56 3.34
C ILE A 32 -1.85 7.00 4.64
N GLY A 33 -2.42 5.88 5.09
CA GLY A 33 -1.98 5.21 6.30
C GLY A 33 -1.68 3.74 6.01
N ILE A 34 -0.84 3.14 6.85
CA ILE A 34 -0.38 1.77 6.68
C ILE A 34 -0.43 1.09 8.02
N ASN A 35 -0.77 -0.20 8.04
CA ASN A 35 -0.88 -0.95 9.28
C ASN A 35 -0.34 -2.36 9.07
N ALA A 36 0.83 -2.62 9.65
CA ALA A 36 1.53 -3.89 9.51
C ALA A 36 2.39 -4.15 10.75
N PRO A 37 2.75 -5.41 11.01
CA PRO A 37 3.65 -5.78 12.09
C PRO A 37 5.02 -5.15 11.86
N LYS A 38 5.80 -4.91 12.92
CA LYS A 38 7.14 -4.35 12.78
C LYS A 38 8.07 -5.37 12.15
N ASP A 39 7.55 -6.59 11.94
CA ASP A 39 8.22 -7.68 11.27
C ASP A 39 8.44 -7.37 9.79
N VAL A 40 7.88 -6.25 9.31
CA VAL A 40 8.05 -5.76 7.96
C VAL A 40 8.32 -4.26 8.03
N ALA A 41 8.83 -3.67 6.94
CA ALA A 41 9.21 -2.28 6.94
C ALA A 41 8.37 -1.47 5.95
N VAL A 42 8.18 -0.18 6.23
CA VAL A 42 7.41 0.70 5.37
C VAL A 42 8.02 2.10 5.37
N HIS A 43 8.24 2.69 4.19
CA HIS A 43 8.73 4.06 4.13
C HIS A 43 8.36 4.73 2.82
N ARG A 44 8.45 6.06 2.81
CA ARG A 44 8.36 6.87 1.61
C ARG A 44 9.49 6.42 0.69
N GLU A 45 9.27 6.40 -0.63
CA GLU A 45 10.26 5.87 -1.56
C GLU A 45 11.59 6.62 -1.47
N GLU A 46 11.56 7.89 -1.06
CA GLU A 46 12.77 8.65 -0.81
C GLU A 46 13.57 8.04 0.35
N ILE A 47 12.89 7.75 1.46
CA ILE A 47 13.54 7.27 2.67
C ILE A 47 13.98 5.82 2.49
N TYR A 48 13.31 5.10 1.58
CA TYR A 48 13.67 3.74 1.28
C TYR A 48 15.08 3.67 0.70
N GLN A 49 15.47 4.63 -0.13
CA GLN A 49 16.79 4.63 -0.76
C GLN A 49 17.91 4.90 0.26
N ARG A 50 17.57 5.48 1.41
CA ARG A 50 18.55 5.69 2.48
C ARG A 50 18.79 4.39 3.23
N ILE A 51 17.96 3.37 2.96
CA ILE A 51 18.02 2.12 3.69
C ILE A 51 18.53 1.00 2.79
N GLN A 52 18.07 0.94 1.54
CA GLN A 52 18.49 -0.10 0.61
C GLN A 52 19.96 0.08 0.20
N ALA A 53 20.62 1.12 0.73
CA ALA A 53 22.04 1.35 0.48
C ALA A 53 22.90 0.23 1.07
N GLY A 54 22.35 -0.58 1.99
CA GLY A 54 23.09 -1.71 2.55
C GLY A 54 22.70 -2.06 3.98
N LEU A 55 21.55 -1.59 4.48
CA LEU A 55 21.20 -1.75 5.89
C LEU A 55 19.69 -1.75 6.12
N THR A 56 19.29 -1.85 7.39
CA THR A 56 17.89 -1.75 7.83
C THR A 56 17.81 -1.07 9.20
N ALA A 57 18.93 -0.50 9.65
CA ALA A 57 18.99 0.23 10.90
C ALA A 57 20.04 1.34 10.78
N PRO A 58 19.66 2.60 11.11
CA PRO A 58 20.55 3.75 11.15
C PRO A 58 21.83 3.52 11.96
N ASP A 59 22.73 4.51 11.89
CA ASP A 59 24.01 4.49 12.58
C ASP A 59 23.83 4.39 14.10
N MET C 1 -0.71 2.41 13.11
CA MET C 1 -0.74 3.01 11.77
C MET C 1 0.52 3.84 11.53
N LEU C 2 0.97 3.88 10.28
CA LEU C 2 2.06 4.73 9.83
C LEU C 2 1.52 5.59 8.69
N ILE C 3 1.28 6.88 8.99
CA ILE C 3 0.67 7.82 8.07
C ILE C 3 1.74 8.71 7.42
N LEU C 4 1.55 9.03 6.13
CA LEU C 4 2.40 9.95 5.41
C LEU C 4 1.69 10.46 4.14
N THR C 5 2.25 11.49 3.51
CA THR C 5 1.67 12.04 2.28
C THR C 5 2.51 11.68 1.07
N ARG C 6 1.81 11.59 -0.07
CA ARG C 6 2.35 11.39 -1.40
C ARG C 6 1.46 12.17 -2.34
N LYS C 7 1.87 12.31 -3.61
CA LYS C 7 1.02 12.92 -4.61
C LYS C 7 1.20 12.22 -5.95
N VAL C 8 0.32 12.52 -6.90
CA VAL C 8 0.26 11.77 -8.15
C VAL C 8 1.64 11.58 -8.78
N GLY C 9 1.97 10.33 -9.12
CA GLY C 9 3.21 10.01 -9.81
C GLY C 9 4.34 9.62 -8.85
N GLU C 10 4.05 9.51 -7.54
CA GLU C 10 5.04 9.14 -6.55
C GLU C 10 4.81 7.72 -6.03
N SER C 11 5.69 7.22 -5.15
CA SER C 11 5.64 5.83 -4.73
C SER C 11 5.97 5.65 -3.24
N ILE C 12 5.76 4.43 -2.75
CA ILE C 12 5.99 4.01 -1.38
C ILE C 12 6.51 2.58 -1.43
N ASN C 13 6.99 2.03 -0.30
CA ASN C 13 7.53 0.67 -0.28
C ASN C 13 7.12 -0.04 1.00
N ILE C 14 6.92 -1.37 0.90
CA ILE C 14 6.46 -2.20 2.01
C ILE C 14 7.10 -3.59 1.92
N GLY C 15 7.44 -4.16 3.09
CA GLY C 15 7.90 -5.54 3.22
C GLY C 15 9.13 -5.89 2.40
N ASP C 16 9.80 -4.89 1.81
CA ASP C 16 10.96 -5.08 0.95
C ASP C 16 10.71 -6.03 -0.23
N ASP C 17 9.44 -6.33 -0.52
CA ASP C 17 9.05 -7.12 -1.69
C ASP C 17 7.78 -6.55 -2.30
N ILE C 18 7.31 -5.39 -1.81
CA ILE C 18 6.11 -4.74 -2.31
C ILE C 18 6.40 -3.27 -2.51
N THR C 19 5.74 -2.67 -3.51
CA THR C 19 5.88 -1.26 -3.82
C THR C 19 4.49 -0.73 -4.17
N ILE C 20 4.27 0.56 -3.94
CA ILE C 20 2.98 1.20 -4.18
C ILE C 20 3.21 2.45 -5.00
N THR C 21 2.26 2.82 -5.85
CA THR C 21 2.37 4.04 -6.64
C THR C 21 1.01 4.70 -6.78
N ILE C 22 0.93 5.98 -6.40
CA ILE C 22 -0.27 6.79 -6.55
C ILE C 22 -0.35 7.24 -8.00
N LEU C 23 -1.09 6.49 -8.82
CA LEU C 23 -1.10 6.71 -10.26
C LEU C 23 -1.81 8.00 -10.64
N GLY C 24 -2.75 8.45 -9.81
CA GLY C 24 -3.42 9.72 -10.04
C GLY C 24 -4.60 9.94 -9.11
N VAL C 25 -5.24 11.10 -9.22
CA VAL C 25 -6.39 11.46 -8.39
C VAL C 25 -7.51 12.03 -9.26
N SER C 26 -8.75 11.82 -8.82
CA SER C 26 -9.95 12.25 -9.53
C SER C 26 -11.06 12.52 -8.53
N GLY C 27 -11.00 13.67 -7.86
CA GLY C 27 -11.96 14.01 -6.84
C GLY C 27 -11.76 13.11 -5.62
N GLN C 28 -12.86 12.71 -4.98
CA GLN C 28 -12.79 11.82 -3.84
C GLN C 28 -12.27 10.44 -4.22
N GLN C 29 -12.16 10.13 -5.52
CA GLN C 29 -11.63 8.85 -5.95
C GLN C 29 -10.16 9.00 -6.30
N VAL C 30 -9.40 7.92 -6.08
CA VAL C 30 -7.97 7.90 -6.31
C VAL C 30 -7.62 6.60 -7.01
N ARG C 31 -6.72 6.65 -8.00
CA ARG C 31 -6.29 5.44 -8.69
C ARG C 31 -4.89 5.10 -8.20
N ILE C 32 -4.72 3.86 -7.75
CA ILE C 32 -3.51 3.43 -7.07
C ILE C 32 -3.04 2.12 -7.69
N GLY C 33 -1.74 1.86 -7.61
CA GLY C 33 -1.15 0.64 -8.14
C GLY C 33 -0.32 -0.04 -7.08
N ILE C 34 -0.15 -1.36 -7.23
CA ILE C 34 0.59 -2.19 -6.29
C ILE C 34 1.49 -3.11 -7.09
N ASN C 35 2.69 -3.39 -6.57
CA ASN C 35 3.64 -4.24 -7.25
C ASN C 35 4.30 -5.18 -6.25
N ALA C 36 3.94 -6.47 -6.36
CA ALA C 36 4.42 -7.50 -5.46
C ALA C 36 4.40 -8.85 -6.18
N PRO C 37 5.17 -9.83 -5.70
CA PRO C 37 5.15 -11.19 -6.22
C PRO C 37 3.80 -11.83 -5.93
N LYS C 38 3.38 -12.80 -6.78
CA LYS C 38 2.17 -13.57 -6.51
C LYS C 38 2.36 -14.41 -5.23
N ASP C 39 3.54 -14.32 -4.63
CA ASP C 39 3.86 -14.94 -3.35
C ASP C 39 3.03 -14.31 -2.23
N VAL C 40 2.37 -13.18 -2.53
CA VAL C 40 1.51 -12.46 -1.62
C VAL C 40 0.26 -12.02 -2.38
N ALA C 41 -0.76 -11.54 -1.67
CA ALA C 41 -2.02 -11.19 -2.30
C ALA C 41 -2.35 -9.72 -2.06
N VAL C 42 -3.17 -9.14 -2.96
CA VAL C 42 -3.55 -7.74 -2.88
C VAL C 42 -4.99 -7.56 -3.34
N HIS C 43 -5.82 -6.89 -2.52
CA HIS C 43 -7.19 -6.57 -2.91
C HIS C 43 -7.67 -5.37 -2.10
N ARG C 44 -8.67 -4.64 -2.62
CA ARG C 44 -9.33 -3.62 -1.82
C ARG C 44 -10.02 -4.31 -0.66
N GLU C 45 -10.26 -3.59 0.44
CA GLU C 45 -10.72 -4.21 1.68
C GLU C 45 -12.05 -4.94 1.51
N GLU C 46 -12.86 -4.60 0.51
CA GLU C 46 -14.11 -5.30 0.26
C GLU C 46 -13.86 -6.71 -0.23
N ILE C 47 -13.05 -6.85 -1.30
CA ILE C 47 -12.79 -8.15 -1.89
C ILE C 47 -12.04 -9.04 -0.90
N TYR C 48 -11.29 -8.42 0.01
CA TYR C 48 -10.54 -9.14 1.02
C TYR C 48 -11.48 -9.91 1.94
N GLN C 49 -12.63 -9.32 2.28
CA GLN C 49 -13.58 -9.93 3.20
C GLN C 49 -14.29 -11.13 2.55
N ARG C 50 -14.23 -11.23 1.22
CA ARG C 50 -14.76 -12.38 0.50
C ARG C 50 -13.74 -13.51 0.48
N ILE C 51 -12.52 -13.24 0.93
CA ILE C 51 -11.43 -14.20 0.87
C ILE C 51 -11.07 -14.68 2.26
N GLN C 52 -10.96 -13.77 3.24
CA GLN C 52 -10.60 -14.15 4.60
C GLN C 52 -11.69 -15.00 5.26
N ALA C 53 -12.79 -15.25 4.55
CA ALA C 53 -13.87 -16.08 5.02
C ALA C 53 -13.43 -17.54 5.19
N GLY C 54 -12.30 -17.93 4.59
CA GLY C 54 -11.77 -19.28 4.77
C GLY C 54 -10.89 -19.78 3.62
N LEU C 55 -10.44 -18.91 2.71
CA LEU C 55 -9.73 -19.34 1.52
C LEU C 55 -8.79 -18.26 0.98
N THR C 56 -8.07 -18.59 -0.11
CA THR C 56 -7.23 -17.65 -0.83
C THR C 56 -7.19 -17.99 -2.33
N ALA C 57 -8.04 -18.92 -2.77
CA ALA C 57 -8.07 -19.35 -4.16
C ALA C 57 -9.49 -19.79 -4.53
N PRO C 58 -10.10 -19.19 -5.56
CA PRO C 58 -11.39 -19.56 -6.09
C PRO C 58 -11.51 -21.06 -6.40
N ASP C 59 -10.42 -21.65 -6.87
CA ASP C 59 -10.39 -23.04 -7.29
C ASP C 59 -8.95 -23.55 -7.47
N MET A 1 1.92 -5.22 -12.19
CA MET A 1 1.11 -4.29 -11.39
C MET A 1 -0.30 -4.84 -11.17
N LEU A 2 -0.96 -4.28 -10.15
CA LEU A 2 -2.38 -4.47 -9.90
C LEU A 2 -2.95 -3.10 -9.56
N ILE A 3 -3.82 -2.56 -10.42
CA ILE A 3 -4.33 -1.20 -10.31
C ILE A 3 -5.83 -1.22 -9.99
N LEU A 4 -6.26 -0.30 -9.12
CA LEU A 4 -7.67 -0.13 -8.80
C LEU A 4 -7.92 1.25 -8.18
N THR A 5 -9.18 1.66 -8.08
CA THR A 5 -9.54 2.94 -7.48
C THR A 5 -10.08 2.76 -6.07
N ARG A 6 -9.98 3.84 -5.29
CA ARG A 6 -10.51 3.96 -3.95
C ARG A 6 -10.96 5.41 -3.75
N LYS A 7 -11.75 5.67 -2.71
CA LYS A 7 -12.09 7.02 -2.34
C LYS A 7 -11.60 7.32 -0.94
N VAL A 8 -11.44 8.61 -0.63
CA VAL A 8 -10.97 9.04 0.67
C VAL A 8 -11.84 8.44 1.78
N GLY A 9 -11.21 7.68 2.68
CA GLY A 9 -11.90 7.05 3.80
C GLY A 9 -12.08 5.55 3.60
N GLU A 10 -11.45 4.96 2.57
CA GLU A 10 -11.56 3.54 2.27
C GLU A 10 -10.20 2.86 2.42
N SER A 11 -10.15 1.54 2.19
CA SER A 11 -8.94 0.77 2.47
C SER A 11 -8.66 -0.28 1.40
N ILE A 12 -7.46 -0.87 1.50
CA ILE A 12 -6.91 -1.90 0.64
C ILE A 12 -6.12 -2.86 1.53
N ASN A 13 -5.80 -4.06 1.05
CA ASN A 13 -5.11 -5.05 1.86
C ASN A 13 -4.02 -5.77 1.08
N ILE A 14 -3.01 -6.28 1.81
CA ILE A 14 -1.87 -6.97 1.24
C ILE A 14 -1.51 -8.15 2.15
N GLY A 15 -1.07 -9.25 1.55
CA GLY A 15 -0.72 -10.45 2.29
C GLY A 15 -1.88 -10.87 3.18
N ASP A 16 -1.57 -11.23 4.43
CA ASP A 16 -2.56 -11.59 5.43
C ASP A 16 -2.21 -10.92 6.76
N ASP A 17 -1.32 -9.91 6.73
CA ASP A 17 -0.90 -9.17 7.91
C ASP A 17 -0.72 -7.67 7.60
N ILE A 18 -1.12 -7.21 6.41
CA ILE A 18 -0.93 -5.80 6.06
C ILE A 18 -2.23 -5.20 5.53
N THR A 19 -2.41 -3.91 5.80
CA THR A 19 -3.55 -3.13 5.35
C THR A 19 -3.06 -1.75 4.94
N ILE A 20 -3.81 -1.09 4.05
CA ILE A 20 -3.48 0.22 3.50
C ILE A 20 -4.75 1.05 3.50
N THR A 21 -4.62 2.37 3.65
CA THR A 21 -5.78 3.25 3.74
C THR A 21 -5.51 4.57 3.03
N ILE A 22 -6.56 5.20 2.53
CA ILE A 22 -6.50 6.49 1.86
C ILE A 22 -7.18 7.51 2.76
N LEU A 23 -6.39 8.13 3.65
CA LEU A 23 -6.93 8.96 4.72
C LEU A 23 -7.53 10.25 4.20
N GLY A 24 -7.12 10.72 3.02
CA GLY A 24 -7.72 11.90 2.43
C GLY A 24 -6.97 12.40 1.20
N VAL A 25 -7.43 13.53 0.67
CA VAL A 25 -6.91 14.12 -0.56
C VAL A 25 -6.86 15.63 -0.42
N SER A 26 -5.84 16.25 -1.02
CA SER A 26 -5.59 17.67 -0.94
C SER A 26 -4.90 18.13 -2.22
N GLY A 27 -5.67 18.20 -3.32
CA GLY A 27 -5.11 18.55 -4.61
C GLY A 27 -4.26 17.39 -5.11
N GLN A 28 -3.11 17.69 -5.70
CA GLN A 28 -2.19 16.65 -6.16
C GLN A 28 -1.62 15.87 -4.97
N GLN A 29 -1.72 16.39 -3.74
CA GLN A 29 -1.22 15.71 -2.57
C GLN A 29 -2.29 14.74 -2.06
N VAL A 30 -1.87 13.65 -1.43
CA VAL A 30 -2.76 12.64 -0.92
C VAL A 30 -2.18 12.12 0.39
N ARG A 31 -3.01 12.00 1.43
CA ARG A 31 -2.54 11.47 2.71
C ARG A 31 -2.94 10.00 2.79
N ILE A 32 -1.97 9.15 3.13
CA ILE A 32 -2.13 7.72 3.04
C ILE A 32 -1.74 7.08 4.38
N GLY A 33 -2.32 5.90 4.66
CA GLY A 33 -2.09 5.17 5.90
C GLY A 33 -1.61 3.77 5.58
N ILE A 34 -0.85 3.18 6.51
CA ILE A 34 -0.31 1.84 6.37
C ILE A 34 -0.40 1.17 7.73
N ASN A 35 -0.70 -0.12 7.74
CA ASN A 35 -0.92 -0.85 8.98
C ASN A 35 -0.37 -2.26 8.85
N ALA A 36 0.78 -2.49 9.47
CA ALA A 36 1.49 -3.76 9.43
C ALA A 36 2.29 -3.93 10.73
N PRO A 37 2.66 -5.17 11.07
CA PRO A 37 3.52 -5.45 12.22
C PRO A 37 4.90 -4.85 11.99
N LYS A 38 5.60 -4.51 13.08
CA LYS A 38 6.97 -4.00 12.99
C LYS A 38 7.92 -5.10 12.55
N ASP A 39 7.40 -6.31 12.37
CA ASP A 39 8.12 -7.44 11.80
C ASP A 39 8.40 -7.19 10.31
N VAL A 40 7.83 -6.12 9.75
CA VAL A 40 8.05 -5.71 8.38
C VAL A 40 8.25 -4.19 8.37
N ALA A 41 8.68 -3.64 7.23
CA ALA A 41 9.05 -2.24 7.15
C ALA A 41 8.22 -1.48 6.13
N VAL A 42 8.10 -0.16 6.30
CA VAL A 42 7.34 0.69 5.39
C VAL A 42 8.01 2.07 5.33
N HIS A 43 8.25 2.60 4.13
CA HIS A 43 8.84 3.93 4.01
C HIS A 43 8.55 4.57 2.66
N ARG A 44 8.86 5.86 2.56
CA ARG A 44 8.84 6.59 1.30
C ARG A 44 9.82 5.94 0.34
N GLU A 45 9.57 6.03 -0.96
CA GLU A 45 10.46 5.46 -1.97
C GLU A 45 11.84 6.08 -1.90
N GLU A 46 11.95 7.31 -1.37
CA GLU A 46 13.22 7.99 -1.23
C GLU A 46 13.99 7.46 -0.02
N ILE A 47 13.29 7.26 1.11
CA ILE A 47 13.89 6.78 2.34
C ILE A 47 14.29 5.31 2.19
N TYR A 48 13.52 4.54 1.41
CA TYR A 48 13.75 3.13 1.21
C TYR A 48 15.15 2.87 0.64
N GLN A 49 15.66 3.76 -0.20
CA GLN A 49 16.95 3.58 -0.83
C GLN A 49 18.11 3.72 0.17
N ARG A 50 17.87 4.31 1.34
CA ARG A 50 18.87 4.43 2.40
C ARG A 50 18.88 3.18 3.26
N ILE A 51 17.88 2.30 3.09
CA ILE A 51 17.68 1.15 3.95
C ILE A 51 17.99 -0.15 3.21
N GLN A 52 17.71 -0.19 1.91
CA GLN A 52 18.04 -1.35 1.09
C GLN A 52 19.49 -1.31 0.65
N ALA A 53 20.26 -0.32 1.11
CA ALA A 53 21.65 -0.14 0.73
C ALA A 53 22.55 -1.27 1.24
N GLY A 54 22.09 -2.06 2.22
CA GLY A 54 22.89 -3.16 2.73
C GLY A 54 22.69 -3.46 4.21
N LEU A 55 21.56 -3.05 4.80
CA LEU A 55 21.39 -3.20 6.25
C LEU A 55 19.97 -3.48 6.70
N THR A 56 18.96 -3.02 5.95
CA THR A 56 17.55 -3.08 6.32
C THR A 56 17.32 -2.88 7.82
N ALA A 57 18.06 -1.96 8.43
CA ALA A 57 17.99 -1.68 9.85
C ALA A 57 18.31 -0.20 10.11
N PRO A 58 17.31 0.68 9.97
CA PRO A 58 17.41 2.11 10.21
C PRO A 58 18.11 2.50 11.51
N ASP A 59 18.00 1.64 12.52
CA ASP A 59 18.47 1.95 13.86
C ASP A 59 18.61 0.65 14.67
N MET C 1 -0.17 2.06 12.88
CA MET C 1 -0.49 2.95 11.75
C MET C 1 0.69 3.86 11.42
N LEU C 2 1.01 3.98 10.13
CA LEU C 2 2.06 4.86 9.66
C LEU C 2 1.48 5.70 8.53
N ILE C 3 1.40 7.02 8.75
CA ILE C 3 0.74 7.95 7.85
C ILE C 3 1.78 8.89 7.24
N LEU C 4 1.61 9.17 5.95
CA LEU C 4 2.47 10.10 5.23
C LEU C 4 1.79 10.58 3.95
N THR C 5 2.35 11.62 3.31
CA THR C 5 1.80 12.15 2.06
C THR C 5 2.67 11.80 0.86
N ARG C 6 2.03 11.81 -0.30
CA ARG C 6 2.62 11.61 -1.61
C ARG C 6 1.84 12.48 -2.59
N LYS C 7 2.40 12.69 -3.79
CA LYS C 7 1.67 13.35 -4.86
C LYS C 7 1.52 12.39 -6.02
N VAL C 8 0.57 12.68 -6.92
CA VAL C 8 0.34 11.85 -8.08
C VAL C 8 1.65 11.60 -8.83
N GLY C 9 1.95 10.33 -9.11
CA GLY C 9 3.16 9.96 -9.85
C GLY C 9 4.32 9.57 -8.93
N GLU C 10 4.08 9.42 -7.62
CA GLU C 10 5.12 9.04 -6.67
C GLU C 10 4.83 7.66 -6.10
N SER C 11 5.74 7.14 -5.26
CA SER C 11 5.66 5.76 -4.79
C SER C 11 6.03 5.61 -3.31
N ILE C 12 5.75 4.41 -2.79
CA ILE C 12 5.98 3.99 -1.41
C ILE C 12 6.45 2.53 -1.47
N ASN C 13 7.07 2.03 -0.41
CA ASN C 13 7.59 0.66 -0.38
C ASN C 13 7.24 -0.04 0.92
N ILE C 14 7.16 -1.37 0.86
CA ILE C 14 6.83 -2.22 1.99
C ILE C 14 7.69 -3.47 1.94
N GLY C 15 8.17 -3.92 3.11
CA GLY C 15 9.05 -5.06 3.19
C GLY C 15 10.26 -4.86 2.29
N ASP C 16 10.57 -5.88 1.49
CA ASP C 16 11.66 -5.83 0.52
C ASP C 16 11.20 -6.51 -0.79
N ASP C 17 9.89 -6.68 -0.95
CA ASP C 17 9.32 -7.33 -2.12
C ASP C 17 8.02 -6.66 -2.57
N ILE C 18 7.64 -5.53 -1.97
CA ILE C 18 6.39 -4.86 -2.33
C ILE C 18 6.62 -3.37 -2.55
N THR C 19 5.87 -2.80 -3.49
CA THR C 19 5.91 -1.39 -3.83
C THR C 19 4.49 -0.92 -4.10
N ILE C 20 4.23 0.37 -3.89
CA ILE C 20 2.92 0.99 -4.05
C ILE C 20 3.12 2.32 -4.76
N THR C 21 2.14 2.74 -5.56
CA THR C 21 2.25 3.96 -6.35
C THR C 21 0.89 4.66 -6.42
N ILE C 22 0.92 5.99 -6.40
CA ILE C 22 -0.28 6.80 -6.52
C ILE C 22 -0.38 7.25 -7.98
N LEU C 23 -1.12 6.48 -8.79
CA LEU C 23 -1.13 6.67 -10.23
C LEU C 23 -1.80 7.99 -10.62
N GLY C 24 -2.74 8.47 -9.79
CA GLY C 24 -3.36 9.76 -10.04
C GLY C 24 -4.52 10.04 -9.10
N VAL C 25 -5.17 11.18 -9.29
CA VAL C 25 -6.28 11.63 -8.45
C VAL C 25 -7.39 12.22 -9.32
N SER C 26 -8.63 12.02 -8.89
CA SER C 26 -9.82 12.45 -9.61
C SER C 26 -10.90 12.81 -8.58
N GLY C 27 -10.72 13.92 -7.88
CA GLY C 27 -11.63 14.32 -6.83
C GLY C 27 -11.45 13.38 -5.65
N GLN C 28 -12.56 12.96 -5.03
CA GLN C 28 -12.50 12.02 -3.93
C GLN C 28 -11.99 10.65 -4.41
N GLN C 29 -12.02 10.37 -5.72
CA GLN C 29 -11.52 9.12 -6.23
C GLN C 29 -10.02 9.21 -6.43
N VAL C 30 -9.32 8.08 -6.28
CA VAL C 30 -7.87 8.02 -6.40
C VAL C 30 -7.51 6.70 -7.06
N ARG C 31 -6.68 6.73 -8.12
CA ARG C 31 -6.24 5.50 -8.78
C ARG C 31 -4.88 5.12 -8.22
N ILE C 32 -4.74 3.85 -7.82
CA ILE C 32 -3.58 3.39 -7.09
C ILE C 32 -3.01 2.14 -7.74
N GLY C 33 -1.69 1.99 -7.67
CA GLY C 33 -0.97 0.87 -8.25
C GLY C 33 -0.32 0.06 -7.15
N ILE C 34 -0.16 -1.24 -7.38
CA ILE C 34 0.45 -2.16 -6.44
C ILE C 34 1.38 -3.08 -7.22
N ASN C 35 2.51 -3.44 -6.61
CA ASN C 35 3.50 -4.24 -7.28
C ASN C 35 4.15 -5.20 -6.28
N ALA C 36 3.78 -6.48 -6.38
CA ALA C 36 4.27 -7.53 -5.50
C ALA C 36 4.26 -8.86 -6.25
N PRO C 37 5.07 -9.84 -5.78
CA PRO C 37 5.06 -11.17 -6.34
C PRO C 37 3.74 -11.87 -6.06
N LYS C 38 3.36 -12.83 -6.92
CA LYS C 38 2.15 -13.61 -6.71
C LYS C 38 2.32 -14.56 -5.52
N ASP C 39 3.51 -14.55 -4.91
CA ASP C 39 3.78 -15.27 -3.67
C ASP C 39 3.05 -14.60 -2.50
N VAL C 40 2.44 -13.44 -2.74
CA VAL C 40 1.65 -12.70 -1.76
C VAL C 40 0.38 -12.20 -2.46
N ALA C 41 -0.58 -11.69 -1.69
CA ALA C 41 -1.88 -11.32 -2.25
C ALA C 41 -2.16 -9.83 -2.08
N VAL C 42 -3.05 -9.30 -2.92
CA VAL C 42 -3.46 -7.88 -2.87
C VAL C 42 -4.91 -7.80 -3.34
N HIS C 43 -5.77 -7.09 -2.59
CA HIS C 43 -7.16 -6.91 -3.02
C HIS C 43 -7.82 -5.70 -2.39
N ARG C 44 -8.98 -5.33 -2.96
CA ARG C 44 -9.90 -4.36 -2.39
C ARG C 44 -10.42 -4.91 -1.07
N GLU C 45 -10.68 -4.03 -0.10
CA GLU C 45 -11.09 -4.41 1.25
C GLU C 45 -12.34 -5.28 1.26
N GLU C 46 -13.19 -5.18 0.22
CA GLU C 46 -14.39 -5.98 0.11
C GLU C 46 -14.03 -7.44 -0.21
N ILE C 47 -13.12 -7.64 -1.16
CA ILE C 47 -12.75 -8.96 -1.64
C ILE C 47 -11.92 -9.70 -0.59
N TYR C 48 -11.17 -8.93 0.20
CA TYR C 48 -10.26 -9.45 1.20
C TYR C 48 -10.99 -10.28 2.25
N GLN C 49 -12.23 -9.90 2.59
CA GLN C 49 -13.00 -10.56 3.64
C GLN C 49 -13.45 -11.97 3.23
N ARG C 50 -13.44 -12.27 1.92
CA ARG C 50 -13.77 -13.59 1.42
C ARG C 50 -12.56 -14.52 1.52
N ILE C 51 -11.39 -13.96 1.84
CA ILE C 51 -10.14 -14.69 1.82
C ILE C 51 -9.62 -14.90 3.24
N GLN C 52 -9.67 -13.86 4.08
CA GLN C 52 -9.18 -13.96 5.44
C GLN C 52 -10.06 -14.88 6.30
N ALA C 53 -11.12 -15.44 5.70
CA ALA C 53 -12.00 -16.37 6.38
C ALA C 53 -11.28 -17.67 6.75
N GLY C 54 -10.12 -17.95 6.15
CA GLY C 54 -9.33 -19.13 6.50
C GLY C 54 -8.47 -19.67 5.36
N LEU C 55 -8.25 -18.89 4.30
CA LEU C 55 -7.58 -19.41 3.11
C LEU C 55 -6.89 -18.33 2.28
N THR C 56 -6.28 -18.72 1.16
CA THR C 56 -5.67 -17.82 0.19
C THR C 56 -5.78 -18.39 -1.22
N ALA C 57 -6.45 -19.53 -1.39
CA ALA C 57 -6.59 -20.18 -2.68
C ALA C 57 -7.87 -21.03 -2.73
N PRO C 58 -9.04 -20.38 -2.82
CA PRO C 58 -10.34 -21.03 -2.96
C PRO C 58 -10.47 -22.04 -4.10
N ASP C 59 -11.71 -22.47 -4.32
CA ASP C 59 -12.05 -23.48 -5.30
C ASP C 59 -13.11 -22.97 -6.28
N MET A 1 1.80 -5.19 -12.17
CA MET A 1 1.01 -4.29 -11.32
C MET A 1 -0.39 -4.84 -11.07
N LEU A 2 -1.03 -4.32 -10.02
CA LEU A 2 -2.42 -4.53 -9.72
C LEU A 2 -3.00 -3.17 -9.34
N ILE A 3 -3.88 -2.62 -10.20
CA ILE A 3 -4.38 -1.26 -10.07
C ILE A 3 -5.83 -1.27 -9.61
N LEU A 4 -6.24 -0.20 -8.91
CA LEU A 4 -7.57 -0.05 -8.35
C LEU A 4 -7.98 1.42 -8.28
N THR A 5 -9.23 1.64 -7.86
CA THR A 5 -9.74 2.95 -7.49
C THR A 5 -10.40 2.83 -6.13
N ARG A 6 -9.84 3.56 -5.17
CA ARG A 6 -10.37 3.67 -3.82
C ARG A 6 -10.85 5.10 -3.62
N LYS A 7 -11.65 5.35 -2.58
CA LYS A 7 -12.01 6.72 -2.23
C LYS A 7 -11.56 7.04 -0.82
N VAL A 8 -11.41 8.33 -0.55
CA VAL A 8 -10.96 8.80 0.76
C VAL A 8 -11.81 8.22 1.88
N GLY A 9 -11.14 7.66 2.89
CA GLY A 9 -11.82 7.09 4.05
C GLY A 9 -12.06 5.58 3.91
N GLU A 10 -11.47 4.95 2.88
CA GLU A 10 -11.63 3.52 2.65
C GLU A 10 -10.27 2.83 2.73
N SER A 11 -10.23 1.50 2.53
CA SER A 11 -9.02 0.72 2.76
C SER A 11 -8.78 -0.35 1.71
N ILE A 12 -7.59 -0.96 1.77
CA ILE A 12 -7.11 -2.01 0.89
C ILE A 12 -6.29 -2.97 1.76
N ASN A 13 -5.99 -4.17 1.26
CA ASN A 13 -5.28 -5.17 2.05
C ASN A 13 -4.20 -5.89 1.24
N ILE A 14 -3.19 -6.39 1.95
CA ILE A 14 -2.05 -7.09 1.37
C ILE A 14 -1.67 -8.26 2.31
N GLY A 15 -1.33 -9.41 1.72
CA GLY A 15 -1.02 -10.61 2.48
C GLY A 15 -2.15 -10.91 3.45
N ASP A 16 -1.79 -11.22 4.69
CA ASP A 16 -2.73 -11.47 5.76
C ASP A 16 -2.25 -10.79 7.05
N ASP A 17 -1.32 -9.83 6.89
CA ASP A 17 -0.74 -9.11 8.01
C ASP A 17 -0.55 -7.63 7.68
N ILE A 18 -1.04 -7.17 6.53
CA ILE A 18 -0.89 -5.76 6.14
C ILE A 18 -2.21 -5.20 5.65
N THR A 19 -2.41 -3.91 5.91
CA THR A 19 -3.57 -3.15 5.49
C THR A 19 -3.11 -1.77 5.05
N ILE A 20 -3.86 -1.15 4.15
CA ILE A 20 -3.53 0.15 3.57
C ILE A 20 -4.78 1.02 3.61
N THR A 21 -4.61 2.34 3.74
CA THR A 21 -5.74 3.25 3.87
C THR A 21 -5.47 4.53 3.08
N ILE A 22 -6.55 5.19 2.66
CA ILE A 22 -6.49 6.44 1.91
C ILE A 22 -7.18 7.50 2.76
N LEU A 23 -6.41 8.13 3.66
CA LEU A 23 -6.97 9.01 4.67
C LEU A 23 -7.60 10.26 4.08
N GLY A 24 -7.15 10.70 2.89
CA GLY A 24 -7.75 11.85 2.25
C GLY A 24 -6.91 12.39 1.10
N VAL A 25 -7.36 13.49 0.50
CA VAL A 25 -6.62 14.17 -0.56
C VAL A 25 -6.51 15.65 -0.25
N SER A 26 -5.56 16.30 -0.93
CA SER A 26 -5.32 17.73 -0.85
C SER A 26 -4.75 18.15 -2.19
N GLY A 27 -5.58 18.08 -3.23
CA GLY A 27 -5.13 18.37 -4.58
C GLY A 27 -4.26 17.23 -5.07
N GLN A 28 -3.12 17.55 -5.67
CA GLN A 28 -2.18 16.54 -6.13
C GLN A 28 -1.59 15.78 -4.95
N GLN A 29 -1.68 16.32 -3.72
CA GLN A 29 -1.17 15.64 -2.55
C GLN A 29 -2.24 14.67 -2.03
N VAL A 30 -1.82 13.57 -1.42
CA VAL A 30 -2.71 12.55 -0.93
C VAL A 30 -2.17 12.02 0.39
N ARG A 31 -3.00 11.98 1.44
CA ARG A 31 -2.58 11.43 2.72
C ARG A 31 -2.96 9.96 2.76
N ILE A 32 -1.97 9.11 3.07
CA ILE A 32 -2.13 7.66 2.97
C ILE A 32 -1.74 7.03 4.31
N GLY A 33 -2.28 5.84 4.58
CA GLY A 33 -2.05 5.12 5.81
C GLY A 33 -1.56 3.71 5.51
N ILE A 34 -0.79 3.15 6.44
CA ILE A 34 -0.26 1.79 6.33
C ILE A 34 -0.32 1.17 7.70
N ASN A 35 -0.63 -0.12 7.76
CA ASN A 35 -0.83 -0.81 9.02
C ASN A 35 -0.29 -2.23 8.92
N ALA A 36 0.89 -2.43 9.50
CA ALA A 36 1.60 -3.70 9.45
C ALA A 36 2.48 -3.84 10.69
N PRO A 37 2.87 -5.08 11.05
CA PRO A 37 3.79 -5.32 12.15
C PRO A 37 5.16 -4.72 11.87
N LYS A 38 5.91 -4.37 12.92
CA LYS A 38 7.28 -3.87 12.75
C LYS A 38 8.19 -4.96 12.18
N ASP A 39 7.66 -6.17 12.04
CA ASP A 39 8.36 -7.29 11.42
C ASP A 39 8.57 -7.03 9.93
N VAL A 40 8.01 -5.93 9.41
CA VAL A 40 8.18 -5.51 8.03
C VAL A 40 8.41 -4.00 8.04
N ALA A 41 8.97 -3.46 6.95
CA ALA A 41 9.34 -2.05 6.90
C ALA A 41 8.50 -1.31 5.87
N VAL A 42 8.31 -0.01 6.07
CA VAL A 42 7.54 0.84 5.16
C VAL A 42 8.18 2.22 5.07
N HIS A 43 8.38 2.73 3.85
CA HIS A 43 8.90 4.09 3.67
C HIS A 43 8.52 4.61 2.29
N ARG A 44 8.56 5.94 2.13
CA ARG A 44 8.44 6.57 0.82
C ARG A 44 9.61 6.10 -0.04
N GLU A 45 9.41 6.02 -1.36
CA GLU A 45 10.37 5.41 -2.27
C GLU A 45 11.72 6.13 -2.26
N GLU A 46 11.75 7.41 -1.88
CA GLU A 46 12.98 8.17 -1.85
C GLU A 46 13.85 7.73 -0.68
N ILE A 47 13.22 7.54 0.49
CA ILE A 47 13.91 7.11 1.70
C ILE A 47 14.33 5.66 1.56
N TYR A 48 13.58 4.89 0.77
CA TYR A 48 13.86 3.48 0.57
C TYR A 48 15.25 3.27 -0.03
N GLN A 49 15.67 4.16 -0.92
CA GLN A 49 16.96 4.04 -1.58
C GLN A 49 18.12 4.32 -0.62
N ARG A 50 17.84 4.96 0.52
CA ARG A 50 18.85 5.21 1.56
C ARG A 50 18.97 3.99 2.48
N ILE A 51 18.07 3.02 2.32
CA ILE A 51 18.02 1.87 3.21
C ILE A 51 18.45 0.61 2.47
N GLN A 52 18.03 0.45 1.21
CA GLN A 52 18.38 -0.71 0.42
C GLN A 52 19.86 -0.69 -0.01
N ALA A 53 20.61 0.33 0.43
CA ALA A 53 22.03 0.45 0.13
C ALA A 53 22.84 -0.66 0.81
N GLY A 54 22.25 -1.36 1.79
CA GLY A 54 22.94 -2.46 2.47
C GLY A 54 22.48 -2.70 3.91
N LEU A 55 21.33 -2.15 4.31
CA LEU A 55 20.89 -2.19 5.69
C LEU A 55 19.35 -2.11 5.80
N THR A 56 18.84 -1.88 7.01
CA THR A 56 17.41 -1.77 7.26
C THR A 56 17.11 -0.58 8.18
N ALA A 57 18.14 0.00 8.79
CA ALA A 57 18.00 1.14 9.68
C ALA A 57 19.32 1.91 9.73
N PRO A 58 19.45 3.01 8.95
CA PRO A 58 20.62 3.88 8.93
C PRO A 58 21.03 4.40 10.30
N ASP A 59 22.20 5.01 10.35
CA ASP A 59 22.77 5.55 11.59
C ASP A 59 21.92 6.68 12.15
N MET C 1 -0.05 2.10 12.83
CA MET C 1 -0.42 2.93 11.67
C MET C 1 0.70 3.90 11.32
N LEU C 2 1.02 4.03 10.03
CA LEU C 2 2.05 4.94 9.57
C LEU C 2 1.45 5.79 8.46
N ILE C 3 1.34 7.10 8.71
CA ILE C 3 0.64 8.04 7.85
C ILE C 3 1.65 9.02 7.26
N LEU C 4 1.51 9.30 5.97
CA LEU C 4 2.34 10.29 5.29
C LEU C 4 1.68 10.75 4.00
N THR C 5 2.30 11.72 3.32
CA THR C 5 1.77 12.24 2.06
C THR C 5 2.71 11.95 0.91
N ARG C 6 2.11 11.82 -0.28
CA ARG C 6 2.78 11.66 -1.56
C ARG C 6 1.93 12.39 -2.59
N LYS C 7 2.49 12.62 -3.78
CA LYS C 7 1.73 13.26 -4.85
C LYS C 7 1.59 12.31 -6.03
N VAL C 8 0.62 12.61 -6.90
CA VAL C 8 0.39 11.79 -8.08
C VAL C 8 1.70 11.53 -8.84
N GLY C 9 1.97 10.26 -9.13
CA GLY C 9 3.16 9.88 -9.88
C GLY C 9 4.34 9.51 -8.99
N GLU C 10 4.13 9.38 -7.68
CA GLU C 10 5.19 8.99 -6.75
C GLU C 10 4.88 7.65 -6.10
N SER C 11 5.81 7.11 -5.32
CA SER C 11 5.71 5.74 -4.84
C SER C 11 6.11 5.58 -3.37
N ILE C 12 5.83 4.38 -2.84
CA ILE C 12 6.09 3.97 -1.48
C ILE C 12 6.50 2.50 -1.52
N ASN C 13 7.05 1.95 -0.43
CA ASN C 13 7.51 0.57 -0.40
C ASN C 13 7.13 -0.12 0.90
N ILE C 14 6.93 -1.45 0.84
CA ILE C 14 6.49 -2.24 1.99
C ILE C 14 7.10 -3.64 1.92
N GLY C 15 7.46 -4.19 3.09
CA GLY C 15 7.87 -5.58 3.24
C GLY C 15 9.08 -5.99 2.38
N ASP C 16 9.78 -5.03 1.78
CA ASP C 16 10.93 -5.26 0.92
C ASP C 16 10.63 -6.20 -0.26
N ASP C 17 9.33 -6.46 -0.54
CA ASP C 17 8.91 -7.25 -1.69
C ASP C 17 7.64 -6.67 -2.30
N ILE C 18 7.17 -5.52 -1.80
CA ILE C 18 5.97 -4.86 -2.30
C ILE C 18 6.26 -3.39 -2.51
N THR C 19 5.58 -2.80 -3.50
CA THR C 19 5.72 -1.39 -3.83
C THR C 19 4.33 -0.84 -4.13
N ILE C 20 4.14 0.46 -3.89
CA ILE C 20 2.85 1.12 -4.07
C ILE C 20 3.09 2.41 -4.83
N THR C 21 2.13 2.83 -5.65
CA THR C 21 2.27 4.04 -6.45
C THR C 21 0.92 4.73 -6.58
N ILE C 22 0.88 6.02 -6.25
CA ILE C 22 -0.31 6.85 -6.42
C ILE C 22 -0.38 7.25 -7.89
N LEU C 23 -1.12 6.47 -8.69
CA LEU C 23 -1.13 6.65 -10.13
C LEU C 23 -1.79 7.96 -10.53
N GLY C 24 -2.72 8.48 -9.70
CA GLY C 24 -3.32 9.77 -9.92
C GLY C 24 -4.50 10.03 -8.99
N VAL C 25 -5.11 11.21 -9.12
CA VAL C 25 -6.21 11.61 -8.26
C VAL C 25 -7.33 12.20 -9.12
N SER C 26 -8.58 11.97 -8.70
CA SER C 26 -9.77 12.40 -9.44
C SER C 26 -10.86 12.70 -8.42
N GLY C 27 -10.72 13.81 -7.69
CA GLY C 27 -11.65 14.13 -6.64
C GLY C 27 -11.46 13.17 -5.49
N GLN C 28 -12.59 12.72 -4.89
CA GLN C 28 -12.53 11.75 -3.82
C GLN C 28 -12.02 10.40 -4.32
N GLN C 29 -12.03 10.15 -5.63
CA GLN C 29 -11.52 8.91 -6.19
C GLN C 29 -10.02 9.02 -6.36
N VAL C 30 -9.31 7.92 -6.21
CA VAL C 30 -7.86 7.90 -6.32
C VAL C 30 -7.45 6.59 -7.00
N ARG C 31 -6.71 6.67 -8.11
CA ARG C 31 -6.24 5.47 -8.79
C ARG C 31 -4.88 5.12 -8.21
N ILE C 32 -4.71 3.85 -7.82
CA ILE C 32 -3.53 3.42 -7.10
C ILE C 32 -3.00 2.13 -7.72
N GLY C 33 -1.68 1.94 -7.64
CA GLY C 33 -1.00 0.78 -8.19
C GLY C 33 -0.35 -0.01 -7.06
N ILE C 34 -0.19 -1.31 -7.29
CA ILE C 34 0.44 -2.22 -6.35
C ILE C 34 1.35 -3.15 -7.15
N ASN C 35 2.48 -3.51 -6.57
CA ASN C 35 3.45 -4.33 -7.26
C ASN C 35 4.11 -5.28 -6.28
N ALA C 36 3.74 -6.57 -6.36
CA ALA C 36 4.22 -7.60 -5.45
C ALA C 36 4.27 -8.94 -6.20
N PRO C 37 5.07 -9.89 -5.71
CA PRO C 37 5.12 -11.23 -6.26
C PRO C 37 3.80 -11.95 -5.97
N LYS C 38 3.42 -12.90 -6.84
CA LYS C 38 2.22 -13.70 -6.61
C LYS C 38 2.40 -14.63 -5.41
N ASP C 39 3.59 -14.60 -4.81
CA ASP C 39 3.87 -15.31 -3.56
C ASP C 39 3.12 -14.65 -2.39
N VAL C 40 2.50 -13.50 -2.64
CA VAL C 40 1.69 -12.78 -1.66
C VAL C 40 0.43 -12.29 -2.34
N ALA C 41 -0.54 -11.81 -1.56
CA ALA C 41 -1.85 -11.46 -2.10
C ALA C 41 -2.12 -9.96 -1.96
N VAL C 42 -2.99 -9.43 -2.83
CA VAL C 42 -3.41 -8.04 -2.78
C VAL C 42 -4.86 -7.98 -3.25
N HIS C 43 -5.73 -7.28 -2.49
CA HIS C 43 -7.10 -7.08 -2.91
C HIS C 43 -7.70 -5.84 -2.26
N ARG C 44 -8.77 -5.34 -2.88
CA ARG C 44 -9.58 -4.27 -2.31
C ARG C 44 -10.20 -4.81 -1.01
N GLU C 45 -10.41 -3.94 -0.02
CA GLU C 45 -10.89 -4.36 1.28
C GLU C 45 -12.26 -5.07 1.20
N GLU C 46 -13.04 -4.80 0.15
CA GLU C 46 -14.33 -5.45 -0.03
C GLU C 46 -14.16 -6.87 -0.58
N ILE C 47 -13.04 -7.14 -1.27
CA ILE C 47 -12.76 -8.45 -1.85
C ILE C 47 -12.03 -9.31 -0.83
N TYR C 48 -11.19 -8.69 0.00
CA TYR C 48 -10.38 -9.37 0.99
C TYR C 48 -11.27 -10.17 1.95
N GLN C 49 -12.45 -9.65 2.29
CA GLN C 49 -13.36 -10.32 3.23
C GLN C 49 -13.95 -11.61 2.65
N ARG C 50 -13.91 -11.78 1.32
CA ARG C 50 -14.37 -13.00 0.67
C ARG C 50 -13.30 -14.07 0.72
N ILE C 51 -12.09 -13.69 1.14
CA ILE C 51 -10.93 -14.58 1.12
C ILE C 51 -10.53 -14.97 2.53
N GLN C 52 -10.53 -14.02 3.46
CA GLN C 52 -10.14 -14.28 4.84
C GLN C 52 -11.18 -15.13 5.56
N ALA C 53 -12.24 -15.52 4.86
CA ALA C 53 -13.26 -16.40 5.40
C ALA C 53 -12.70 -17.80 5.67
N GLY C 54 -11.53 -18.15 5.10
CA GLY C 54 -10.90 -19.44 5.36
C GLY C 54 -10.09 -19.97 4.20
N LEU C 55 -9.72 -19.14 3.22
CA LEU C 55 -9.08 -19.64 2.00
C LEU C 55 -8.21 -18.58 1.32
N THR C 56 -7.66 -18.93 0.16
CA THR C 56 -6.86 -18.02 -0.68
C THR C 56 -7.12 -18.31 -2.16
N ALA C 57 -8.13 -19.13 -2.46
CA ALA C 57 -8.51 -19.46 -3.82
C ALA C 57 -10.03 -19.66 -3.88
N PRO C 58 -10.72 -18.94 -4.78
CA PRO C 58 -12.15 -19.06 -5.00
C PRO C 58 -12.66 -20.48 -5.20
N ASP C 59 -13.99 -20.63 -5.14
CA ASP C 59 -14.68 -21.90 -5.30
C ASP C 59 -14.50 -22.50 -6.70
N MET A 1 2.12 -4.91 -11.90
CA MET A 1 1.31 -3.97 -11.11
C MET A 1 -0.13 -4.44 -11.04
N LEU A 2 -0.82 -4.08 -9.96
CA LEU A 2 -2.24 -4.28 -9.81
C LEU A 2 -2.86 -2.92 -9.46
N ILE A 3 -3.57 -2.31 -10.42
CA ILE A 3 -4.14 -0.99 -10.30
C ILE A 3 -5.64 -1.08 -9.98
N LEU A 4 -6.13 -0.15 -9.17
CA LEU A 4 -7.54 -0.04 -8.83
C LEU A 4 -7.86 1.33 -8.23
N THR A 5 -9.15 1.61 -7.95
CA THR A 5 -9.54 2.86 -7.31
C THR A 5 -10.17 2.62 -5.96
N ARG A 6 -10.12 3.67 -5.13
CA ARG A 6 -10.78 3.74 -3.83
C ARG A 6 -11.19 5.19 -3.61
N LYS A 7 -12.09 5.41 -2.64
CA LYS A 7 -12.53 6.75 -2.26
C LYS A 7 -11.90 7.10 -0.92
N VAL A 8 -11.73 8.40 -0.67
CA VAL A 8 -11.21 8.88 0.60
C VAL A 8 -12.12 8.40 1.73
N GLY A 9 -11.58 7.54 2.59
CA GLY A 9 -12.32 6.95 3.70
C GLY A 9 -12.51 5.43 3.55
N GLU A 10 -11.83 4.80 2.58
CA GLU A 10 -11.95 3.37 2.33
C GLU A 10 -10.60 2.67 2.52
N SER A 11 -10.56 1.35 2.32
CA SER A 11 -9.39 0.55 2.68
C SER A 11 -9.04 -0.53 1.65
N ILE A 12 -7.88 -1.15 1.86
CA ILE A 12 -7.23 -2.11 0.98
C ILE A 12 -6.39 -3.05 1.85
N ASN A 13 -5.91 -4.15 1.30
CA ASN A 13 -5.11 -5.13 2.03
C ASN A 13 -4.01 -5.72 1.17
N ILE A 14 -2.94 -6.19 1.84
CA ILE A 14 -1.80 -6.84 1.21
C ILE A 14 -1.39 -8.02 2.08
N GLY A 15 -0.95 -9.11 1.45
CA GLY A 15 -0.61 -10.34 2.15
C GLY A 15 -1.77 -10.77 3.02
N ASP A 16 -1.47 -11.14 4.26
CA ASP A 16 -2.47 -11.51 5.26
C ASP A 16 -2.09 -10.89 6.60
N ASP A 17 -1.21 -9.89 6.57
CA ASP A 17 -0.71 -9.21 7.76
C ASP A 17 -0.55 -7.71 7.52
N ILE A 18 -1.02 -7.18 6.38
CA ILE A 18 -0.91 -5.76 6.09
C ILE A 18 -2.26 -5.20 5.66
N THR A 19 -2.51 -3.93 5.99
CA THR A 19 -3.73 -3.21 5.66
C THR A 19 -3.37 -1.78 5.30
N ILE A 20 -4.20 -1.14 4.47
CA ILE A 20 -4.00 0.22 4.00
C ILE A 20 -5.33 0.95 4.05
N THR A 21 -5.31 2.26 4.33
CA THR A 21 -6.51 3.07 4.34
C THR A 21 -6.23 4.44 3.74
N ILE A 22 -7.04 4.86 2.77
CA ILE A 22 -6.90 6.17 2.14
C ILE A 22 -7.58 7.19 3.05
N LEU A 23 -6.78 7.87 3.88
CA LEU A 23 -7.29 8.74 4.93
C LEU A 23 -7.90 10.03 4.40
N GLY A 24 -7.49 10.47 3.20
CA GLY A 24 -8.06 11.67 2.60
C GLY A 24 -7.24 12.22 1.44
N VAL A 25 -7.63 13.40 0.96
CA VAL A 25 -7.07 14.01 -0.24
C VAL A 25 -6.99 15.53 -0.07
N SER A 26 -5.96 16.15 -0.66
CA SER A 26 -5.71 17.58 -0.58
C SER A 26 -4.97 18.02 -1.85
N GLY A 27 -5.67 18.60 -2.83
CA GLY A 27 -5.04 18.95 -4.09
C GLY A 27 -4.54 17.67 -4.75
N GLN A 28 -3.25 17.61 -5.12
CA GLN A 28 -2.70 16.39 -5.69
C GLN A 28 -2.16 15.52 -4.56
N GLN A 29 -2.10 16.07 -3.35
CA GLN A 29 -1.60 15.36 -2.19
C GLN A 29 -2.66 14.36 -1.75
N VAL A 30 -2.22 13.27 -1.13
CA VAL A 30 -3.11 12.21 -0.72
C VAL A 30 -2.55 11.59 0.57
N ARG A 31 -3.28 11.74 1.67
CA ARG A 31 -2.86 11.19 2.96
C ARG A 31 -3.34 9.75 3.04
N ILE A 32 -2.44 8.84 3.36
CA ILE A 32 -2.74 7.41 3.40
C ILE A 32 -2.12 6.79 4.64
N GLY A 33 -2.75 5.74 5.18
CA GLY A 33 -2.28 5.06 6.37
C GLY A 33 -1.86 3.64 6.02
N ILE A 34 -0.98 3.07 6.86
CA ILE A 34 -0.47 1.72 6.67
C ILE A 34 -0.48 1.03 8.03
N ASN A 35 -0.77 -0.27 8.01
CA ASN A 35 -0.87 -1.05 9.24
C ASN A 35 -0.28 -2.44 9.01
N ALA A 36 0.87 -2.68 9.63
CA ALA A 36 1.59 -3.95 9.51
C ALA A 36 2.40 -4.18 10.78
N PRO A 37 2.78 -5.43 11.06
CA PRO A 37 3.65 -5.76 12.18
C PRO A 37 5.04 -5.15 11.97
N LYS A 38 5.76 -4.88 13.07
CA LYS A 38 7.12 -4.36 12.98
C LYS A 38 8.07 -5.45 12.47
N ASP A 39 7.53 -6.64 12.22
CA ASP A 39 8.26 -7.73 11.57
C ASP A 39 8.51 -7.40 10.10
N VAL A 40 7.93 -6.29 9.61
CA VAL A 40 8.12 -5.81 8.25
C VAL A 40 8.31 -4.29 8.30
N ALA A 41 8.71 -3.67 7.19
CA ALA A 41 9.07 -2.27 7.20
C ALA A 41 8.28 -1.47 6.16
N VAL A 42 8.22 -0.14 6.34
CA VAL A 42 7.53 0.75 5.43
C VAL A 42 8.29 2.07 5.36
N HIS A 43 8.53 2.61 4.15
CA HIS A 43 9.17 3.92 4.01
C HIS A 43 8.80 4.53 2.66
N ARG A 44 9.03 5.84 2.52
CA ARG A 44 8.86 6.49 1.22
C ARG A 44 9.95 5.97 0.27
N GLU A 45 9.68 6.00 -1.03
CA GLU A 45 10.57 5.43 -2.03
C GLU A 45 11.98 6.05 -1.99
N GLU A 46 12.11 7.27 -1.47
CA GLU A 46 13.41 7.90 -1.35
C GLU A 46 14.21 7.26 -0.20
N ILE A 47 13.55 7.04 0.93
CA ILE A 47 14.18 6.51 2.13
C ILE A 47 14.51 5.04 1.94
N TYR A 48 13.68 4.35 1.15
CA TYR A 48 13.80 2.92 0.90
C TYR A 48 15.14 2.57 0.25
N GLN A 49 15.65 3.45 -0.62
CA GLN A 49 16.88 3.19 -1.34
C GLN A 49 18.11 3.29 -0.45
N ARG A 50 17.96 3.91 0.74
CA ARG A 50 19.03 3.97 1.73
C ARG A 50 19.02 2.71 2.59
N ILE A 51 18.00 1.87 2.42
CA ILE A 51 17.82 0.70 3.26
C ILE A 51 18.08 -0.58 2.48
N GLN A 52 17.54 -0.67 1.26
CA GLN A 52 17.72 -1.86 0.43
C GLN A 52 19.16 -2.01 -0.04
N ALA A 53 20.05 -1.08 0.35
CA ALA A 53 21.45 -1.11 -0.01
C ALA A 53 22.17 -2.30 0.64
N GLY A 54 21.57 -2.93 1.66
CA GLY A 54 22.19 -4.08 2.32
C GLY A 54 21.71 -4.30 3.74
N LEU A 55 20.62 -3.65 4.18
CA LEU A 55 20.17 -3.71 5.57
C LEU A 55 18.66 -3.48 5.66
N THR A 56 18.15 -3.29 6.88
CA THR A 56 16.73 -3.05 7.10
C THR A 56 16.51 -1.92 8.11
N ALA A 57 17.61 -1.36 8.64
CA ALA A 57 17.55 -0.26 9.57
C ALA A 57 18.83 0.57 9.45
N PRO A 58 18.71 1.87 9.13
CA PRO A 58 19.83 2.80 9.02
C PRO A 58 20.78 2.75 10.21
N ASP A 59 20.27 2.45 11.41
CA ASP A 59 21.06 2.46 12.63
C ASP A 59 20.33 1.69 13.73
N MET C 1 -0.41 2.35 13.24
CA MET C 1 -0.53 2.95 11.89
C MET C 1 0.69 3.79 11.56
N LEU C 2 1.14 3.74 10.31
CA LEU C 2 2.15 4.65 9.80
C LEU C 2 1.50 5.40 8.65
N ILE C 3 1.18 6.66 8.90
CA ILE C 3 0.53 7.53 7.93
C ILE C 3 1.60 8.27 7.14
N LEU C 4 1.27 8.59 5.89
CA LEU C 4 2.09 9.40 5.02
C LEU C 4 1.16 10.27 4.19
N THR C 5 1.74 11.25 3.51
CA THR C 5 1.02 12.11 2.60
C THR C 5 1.95 12.45 1.45
N ARG C 6 1.61 11.95 0.25
CA ARG C 6 2.35 12.29 -0.96
C ARG C 6 1.38 12.45 -2.12
N LYS C 7 1.86 13.06 -3.21
CA LYS C 7 1.01 13.46 -4.32
C LYS C 7 1.14 12.55 -5.53
N VAL C 8 0.33 12.82 -6.56
CA VAL C 8 0.30 11.94 -7.73
C VAL C 8 1.70 11.74 -8.32
N GLY C 9 1.98 10.51 -8.77
CA GLY C 9 3.22 10.17 -9.45
C GLY C 9 4.30 9.69 -8.48
N GLU C 10 4.16 9.92 -7.18
CA GLU C 10 5.13 9.45 -6.21
C GLU C 10 4.97 7.94 -5.96
N SER C 11 5.85 7.38 -5.13
CA SER C 11 5.90 5.96 -4.85
C SER C 11 6.28 5.70 -3.40
N ILE C 12 5.96 4.51 -2.90
CA ILE C 12 6.16 4.09 -1.51
C ILE C 12 6.54 2.61 -1.52
N ASN C 13 7.08 2.09 -0.41
CA ASN C 13 7.53 0.70 -0.36
C ASN C 13 7.18 0.04 0.97
N ILE C 14 7.06 -1.29 0.92
CA ILE C 14 6.70 -2.13 2.06
C ILE C 14 7.55 -3.41 2.01
N GLY C 15 7.92 -3.92 3.19
CA GLY C 15 8.76 -5.10 3.30
C GLY C 15 10.04 -4.90 2.50
N ASP C 16 10.45 -5.94 1.76
CA ASP C 16 11.60 -5.89 0.88
C ASP C 16 11.26 -6.53 -0.46
N ASP C 17 9.97 -6.70 -0.74
CA ASP C 17 9.47 -7.29 -1.97
C ASP C 17 8.19 -6.61 -2.46
N ILE C 18 7.78 -5.49 -1.85
CA ILE C 18 6.55 -4.81 -2.26
C ILE C 18 6.81 -3.32 -2.53
N THR C 19 6.07 -2.78 -3.50
CA THR C 19 6.13 -1.38 -3.88
C THR C 19 4.70 -0.89 -4.13
N ILE C 20 4.49 0.42 -3.96
CA ILE C 20 3.19 1.06 -4.12
C ILE C 20 3.39 2.34 -4.92
N THR C 21 2.40 2.72 -5.72
CA THR C 21 2.49 3.94 -6.52
C THR C 21 1.14 4.63 -6.54
N ILE C 22 1.14 5.96 -6.41
CA ILE C 22 -0.06 6.78 -6.47
C ILE C 22 -0.21 7.25 -7.90
N LEU C 23 -0.99 6.53 -8.70
CA LEU C 23 -1.04 6.76 -10.14
C LEU C 23 -1.76 8.06 -10.49
N GLY C 24 -2.66 8.51 -9.60
CA GLY C 24 -3.32 9.79 -9.81
C GLY C 24 -4.47 10.01 -8.84
N VAL C 25 -5.13 11.17 -8.96
CA VAL C 25 -6.26 11.53 -8.12
C VAL C 25 -7.37 12.10 -8.99
N SER C 26 -8.62 11.89 -8.57
CA SER C 26 -9.82 12.26 -9.30
C SER C 26 -10.90 12.65 -8.30
N GLY C 27 -10.67 13.76 -7.58
CA GLY C 27 -11.60 14.20 -6.56
C GLY C 27 -11.50 13.25 -5.36
N GLN C 28 -12.66 12.88 -4.80
CA GLN C 28 -12.69 11.96 -3.68
C GLN C 28 -12.20 10.57 -4.10
N GLN C 29 -12.06 10.29 -5.39
CA GLN C 29 -11.55 9.01 -5.84
C GLN C 29 -10.06 9.12 -6.13
N VAL C 30 -9.34 8.02 -5.92
CA VAL C 30 -7.91 7.98 -6.13
C VAL C 30 -7.56 6.68 -6.86
N ARG C 31 -6.60 6.72 -7.78
CA ARG C 31 -6.17 5.53 -8.50
C ARG C 31 -4.78 5.17 -8.00
N ILE C 32 -4.62 3.92 -7.59
CA ILE C 32 -3.43 3.47 -6.91
C ILE C 32 -2.95 2.17 -7.55
N GLY C 33 -1.66 1.88 -7.44
CA GLY C 33 -1.07 0.68 -8.00
C GLY C 33 -0.26 -0.03 -6.93
N ILE C 34 -0.11 -1.34 -7.10
CA ILE C 34 0.60 -2.19 -6.17
C ILE C 34 1.49 -3.13 -6.98
N ASN C 35 2.68 -3.45 -6.43
CA ASN C 35 3.63 -4.30 -7.11
C ASN C 35 4.27 -5.25 -6.11
N ALA C 36 3.91 -6.53 -6.20
CA ALA C 36 4.41 -7.57 -5.33
C ALA C 36 4.37 -8.92 -6.06
N PRO C 37 5.14 -9.90 -5.60
CA PRO C 37 5.10 -11.25 -6.15
C PRO C 37 3.75 -11.90 -5.88
N LYS C 38 3.38 -12.89 -6.70
CA LYS C 38 2.17 -13.69 -6.45
C LYS C 38 2.37 -14.57 -5.22
N ASP C 39 3.55 -14.46 -4.60
CA ASP C 39 3.88 -15.07 -3.34
C ASP C 39 3.05 -14.46 -2.21
N VAL C 40 2.40 -13.32 -2.52
CA VAL C 40 1.53 -12.60 -1.61
C VAL C 40 0.29 -12.14 -2.39
N ALA C 41 -0.73 -11.65 -1.70
CA ALA C 41 -1.97 -11.27 -2.35
C ALA C 41 -2.26 -9.78 -2.14
N VAL C 42 -3.10 -9.20 -3.01
CA VAL C 42 -3.47 -7.79 -2.92
C VAL C 42 -4.92 -7.62 -3.38
N HIS C 43 -5.75 -6.99 -2.54
CA HIS C 43 -7.13 -6.69 -2.92
C HIS C 43 -7.66 -5.51 -2.10
N ARG C 44 -8.76 -4.92 -2.56
CA ARG C 44 -9.48 -3.93 -1.77
C ARG C 44 -10.03 -4.60 -0.52
N GLU C 45 -10.29 -3.81 0.53
CA GLU C 45 -10.75 -4.37 1.79
C GLU C 45 -12.10 -5.07 1.64
N GLU C 46 -12.87 -4.69 0.62
CA GLU C 46 -14.16 -5.34 0.36
C GLU C 46 -13.92 -6.76 -0.15
N ILE C 47 -13.01 -6.91 -1.12
CA ILE C 47 -12.76 -8.18 -1.77
C ILE C 47 -11.99 -9.10 -0.81
N TYR C 48 -11.21 -8.52 0.10
CA TYR C 48 -10.44 -9.26 1.08
C TYR C 48 -11.35 -10.09 1.97
N GLN C 49 -12.53 -9.56 2.32
CA GLN C 49 -13.46 -10.24 3.21
C GLN C 49 -14.13 -11.43 2.53
N ARG C 50 -14.11 -11.48 1.18
CA ARG C 50 -14.61 -12.62 0.43
C ARG C 50 -13.57 -13.75 0.42
N ILE C 51 -12.36 -13.45 0.89
CA ILE C 51 -11.26 -14.40 0.83
C ILE C 51 -10.91 -14.90 2.22
N GLN C 52 -10.81 -14.00 3.20
CA GLN C 52 -10.46 -14.39 4.56
C GLN C 52 -11.57 -15.22 5.22
N ALA C 53 -12.67 -15.47 4.50
CA ALA C 53 -13.75 -16.30 4.97
C ALA C 53 -13.31 -17.77 5.17
N GLY C 54 -12.17 -18.17 4.57
CA GLY C 54 -11.67 -19.52 4.77
C GLY C 54 -10.80 -20.03 3.62
N LEU C 55 -10.33 -19.16 2.71
CA LEU C 55 -9.62 -19.61 1.51
C LEU C 55 -8.66 -18.56 0.97
N THR C 56 -7.93 -18.93 -0.09
CA THR C 56 -7.05 -18.05 -0.84
C THR C 56 -6.96 -18.48 -2.30
N ALA C 57 -7.74 -19.50 -2.68
CA ALA C 57 -7.74 -20.06 -4.03
C ALA C 57 -9.11 -20.66 -4.36
N PRO C 58 -10.09 -19.81 -4.66
CA PRO C 58 -11.45 -20.20 -5.03
C PRO C 58 -11.52 -21.26 -6.12
N ASP C 59 -12.73 -21.78 -6.36
CA ASP C 59 -12.99 -22.82 -7.33
C ASP C 59 -12.61 -22.42 -8.76
N MET A 1 2.09 -4.91 -11.91
CA MET A 1 1.26 -3.99 -11.11
C MET A 1 -0.17 -4.49 -11.02
N LEU A 2 -0.85 -4.14 -9.93
CA LEU A 2 -2.28 -4.34 -9.78
C LEU A 2 -2.90 -2.98 -9.44
N ILE A 3 -3.62 -2.40 -10.40
CA ILE A 3 -4.19 -1.06 -10.28
C ILE A 3 -5.69 -1.15 -9.97
N LEU A 4 -6.18 -0.23 -9.15
CA LEU A 4 -7.60 -0.11 -8.84
C LEU A 4 -7.91 1.26 -8.24
N THR A 5 -9.19 1.59 -8.10
CA THR A 5 -9.61 2.86 -7.50
C THR A 5 -10.14 2.66 -6.09
N ARG A 6 -10.11 3.75 -5.33
CA ARG A 6 -10.62 3.83 -3.97
C ARG A 6 -11.11 5.26 -3.76
N LYS A 7 -11.92 5.51 -2.72
CA LYS A 7 -12.30 6.87 -2.37
C LYS A 7 -11.85 7.18 -0.95
N VAL A 8 -11.71 8.48 -0.67
CA VAL A 8 -11.29 8.95 0.63
C VAL A 8 -12.18 8.36 1.73
N GLY A 9 -11.57 7.73 2.73
CA GLY A 9 -12.30 7.14 3.84
C GLY A 9 -12.49 5.63 3.69
N GLU A 10 -11.86 5.01 2.69
CA GLU A 10 -11.96 3.57 2.46
C GLU A 10 -10.59 2.91 2.60
N SER A 11 -10.50 1.59 2.34
CA SER A 11 -9.27 0.85 2.60
C SER A 11 -8.97 -0.19 1.51
N ILE A 12 -7.74 -0.72 1.57
CA ILE A 12 -7.18 -1.72 0.67
C ILE A 12 -6.34 -2.66 1.54
N ASN A 13 -5.99 -3.85 1.05
CA ASN A 13 -5.24 -4.83 1.82
C ASN A 13 -4.17 -5.53 1.00
N ILE A 14 -3.14 -6.01 1.71
CA ILE A 14 -2.00 -6.70 1.11
C ILE A 14 -1.61 -7.87 2.01
N GLY A 15 -1.15 -8.97 1.41
CA GLY A 15 -0.79 -10.17 2.16
C GLY A 15 -1.95 -10.59 3.06
N ASP A 16 -1.63 -11.01 4.27
CA ASP A 16 -2.60 -11.37 5.29
C ASP A 16 -2.25 -10.72 6.61
N ASP A 17 -1.37 -9.71 6.58
CA ASP A 17 -0.93 -8.98 7.76
C ASP A 17 -0.76 -7.48 7.47
N ILE A 18 -1.19 -7.00 6.29
CA ILE A 18 -1.02 -5.60 5.95
C ILE A 18 -2.35 -5.00 5.47
N THR A 19 -2.54 -3.72 5.79
CA THR A 19 -3.72 -2.95 5.40
C THR A 19 -3.28 -1.55 5.00
N ILE A 20 -4.08 -0.89 4.16
CA ILE A 20 -3.79 0.43 3.62
C ILE A 20 -5.08 1.24 3.68
N THR A 21 -4.97 2.55 3.91
CA THR A 21 -6.14 3.42 3.98
C THR A 21 -5.87 4.71 3.21
N ILE A 22 -6.93 5.30 2.67
CA ILE A 22 -6.86 6.54 1.89
C ILE A 22 -7.55 7.63 2.72
N LEU A 23 -6.75 8.33 3.53
CA LEU A 23 -7.25 9.24 4.55
C LEU A 23 -7.87 10.49 3.96
N GLY A 24 -7.45 10.90 2.75
CA GLY A 24 -8.05 12.05 2.08
C GLY A 24 -7.20 12.57 0.94
N VAL A 25 -7.66 13.65 0.30
CA VAL A 25 -6.91 14.31 -0.77
C VAL A 25 -6.71 15.78 -0.46
N SER A 26 -5.74 16.38 -1.14
CA SER A 26 -5.41 17.79 -1.04
C SER A 26 -4.83 18.21 -2.40
N GLY A 27 -5.66 18.15 -3.44
CA GLY A 27 -5.20 18.45 -4.78
C GLY A 27 -4.30 17.31 -5.26
N GLN A 28 -3.15 17.65 -5.85
CA GLN A 28 -2.20 16.63 -6.30
C GLN A 28 -1.64 15.85 -5.12
N GLN A 29 -1.72 16.37 -3.89
CA GLN A 29 -1.24 15.65 -2.72
C GLN A 29 -2.36 14.74 -2.22
N VAL A 30 -2.00 13.59 -1.63
CA VAL A 30 -2.98 12.66 -1.10
C VAL A 30 -2.46 12.10 0.22
N ARG A 31 -3.27 12.15 1.27
CA ARG A 31 -2.85 11.61 2.57
C ARG A 31 -3.28 10.14 2.64
N ILE A 32 -2.33 9.28 3.00
CA ILE A 32 -2.51 7.84 2.93
C ILE A 32 -1.99 7.23 4.24
N GLY A 33 -2.50 6.05 4.60
CA GLY A 33 -2.09 5.38 5.82
C GLY A 33 -1.73 3.93 5.53
N ILE A 34 -0.91 3.35 6.40
CA ILE A 34 -0.42 1.98 6.27
C ILE A 34 -0.48 1.31 7.64
N ASN A 35 -0.76 0.01 7.66
CA ASN A 35 -0.86 -0.73 8.91
C ASN A 35 -0.28 -2.13 8.72
N ALA A 36 0.87 -2.37 9.36
CA ALA A 36 1.59 -3.63 9.27
C ALA A 36 2.41 -3.83 10.55
N PRO A 37 2.79 -5.08 10.86
CA PRO A 37 3.64 -5.39 11.99
C PRO A 37 5.03 -4.81 11.77
N LYS A 38 5.73 -4.47 12.86
CA LYS A 38 7.11 -3.98 12.77
C LYS A 38 8.03 -5.08 12.23
N ASP A 39 7.50 -6.29 12.02
CA ASP A 39 8.22 -7.38 11.38
C ASP A 39 8.50 -7.06 9.92
N VAL A 40 7.95 -5.95 9.43
CA VAL A 40 8.19 -5.45 8.08
C VAL A 40 8.36 -3.93 8.16
N ALA A 41 8.84 -3.31 7.08
CA ALA A 41 9.16 -1.89 7.11
C ALA A 41 8.37 -1.13 6.05
N VAL A 42 8.23 0.19 6.24
CA VAL A 42 7.50 1.04 5.31
C VAL A 42 8.15 2.41 5.21
N HIS A 43 8.38 2.90 3.99
CA HIS A 43 8.95 4.22 3.76
C HIS A 43 8.55 4.69 2.37
N ARG A 44 8.60 6.01 2.12
CA ARG A 44 8.39 6.50 0.76
C ARG A 44 9.57 6.06 -0.10
N GLU A 45 9.37 5.98 -1.41
CA GLU A 45 10.33 5.35 -2.31
C GLU A 45 11.71 6.01 -2.26
N GLU A 46 11.81 7.28 -1.85
CA GLU A 46 13.11 7.94 -1.79
C GLU A 46 13.94 7.41 -0.62
N ILE A 47 13.32 7.18 0.53
CA ILE A 47 14.02 6.68 1.70
C ILE A 47 14.33 5.20 1.51
N TYR A 48 13.48 4.49 0.78
CA TYR A 48 13.63 3.06 0.58
C TYR A 48 14.96 2.73 -0.11
N GLN A 49 15.38 3.55 -1.08
CA GLN A 49 16.58 3.29 -1.84
C GLN A 49 17.85 3.45 -0.99
N ARG A 50 17.74 4.10 0.18
CA ARG A 50 18.86 4.23 1.11
C ARG A 50 18.93 3.01 2.02
N ILE A 51 17.92 2.15 1.98
CA ILE A 51 17.81 1.02 2.90
C ILE A 51 18.03 -0.30 2.18
N GLN A 52 17.55 -0.43 0.95
CA GLN A 52 17.71 -1.65 0.18
C GLN A 52 19.13 -1.79 -0.36
N ALA A 53 20.00 -0.83 -0.05
CA ALA A 53 21.38 -0.82 -0.52
C ALA A 53 22.20 -1.95 0.10
N GLY A 54 21.72 -2.57 1.19
CA GLY A 54 22.43 -3.68 1.81
C GLY A 54 22.23 -3.77 3.32
N LEU A 55 21.17 -3.15 3.86
CA LEU A 55 21.03 -3.05 5.32
C LEU A 55 19.58 -3.00 5.78
N THR A 56 18.66 -3.61 5.03
CA THR A 56 17.26 -3.66 5.44
C THR A 56 17.09 -4.46 6.74
N ALA A 57 18.16 -5.10 7.22
CA ALA A 57 18.16 -5.90 8.44
C ALA A 57 19.54 -5.79 9.11
N PRO A 58 19.87 -4.61 9.66
CA PRO A 58 21.19 -4.30 10.20
C PRO A 58 21.72 -5.35 11.18
N ASP A 59 20.84 -5.86 12.04
CA ASP A 59 21.21 -6.77 13.11
C ASP A 59 19.97 -7.46 13.69
N MET C 1 -0.80 2.64 12.77
CA MET C 1 -0.80 3.23 11.42
C MET C 1 0.45 4.06 11.19
N LEU C 2 0.93 4.10 9.96
CA LEU C 2 2.02 4.96 9.53
C LEU C 2 1.48 5.76 8.34
N ILE C 3 1.24 7.06 8.57
CA ILE C 3 0.59 7.96 7.63
C ILE C 3 1.63 8.73 6.85
N LEU C 4 1.26 9.11 5.62
CA LEU C 4 2.11 9.86 4.69
C LEU C 4 1.27 10.79 3.82
N THR C 5 1.98 11.62 3.05
CA THR C 5 1.42 12.41 1.95
C THR C 5 2.29 12.16 0.73
N ARG C 6 1.67 11.64 -0.33
CA ARG C 6 2.34 11.37 -1.57
C ARG C 6 1.57 12.06 -2.70
N LYS C 7 2.27 12.79 -3.58
CA LYS C 7 1.60 13.40 -4.71
C LYS C 7 1.41 12.39 -5.84
N VAL C 8 0.42 12.66 -6.69
CA VAL C 8 0.13 11.82 -7.84
C VAL C 8 1.38 11.66 -8.71
N GLY C 9 1.70 10.41 -9.05
CA GLY C 9 2.83 10.10 -9.92
C GLY C 9 4.09 9.70 -9.14
N GLU C 10 4.01 9.61 -7.81
CA GLU C 10 5.16 9.22 -6.99
C GLU C 10 4.93 7.84 -6.37
N SER C 11 5.90 7.35 -5.58
CA SER C 11 5.89 5.96 -5.12
C SER C 11 6.30 5.82 -3.65
N ILE C 12 6.12 4.60 -3.14
CA ILE C 12 6.25 4.21 -1.74
C ILE C 12 6.64 2.73 -1.71
N ASN C 13 7.08 2.21 -0.56
CA ASN C 13 7.51 0.83 -0.44
C ASN C 13 7.11 0.20 0.89
N ILE C 14 6.99 -1.13 0.86
CA ILE C 14 6.59 -1.94 2.01
C ILE C 14 7.43 -3.23 2.01
N GLY C 15 7.78 -3.72 3.20
CA GLY C 15 8.60 -4.91 3.33
C GLY C 15 9.90 -4.74 2.57
N ASP C 16 10.33 -5.80 1.88
CA ASP C 16 11.52 -5.77 1.04
C ASP C 16 11.22 -6.42 -0.31
N ASP C 17 9.94 -6.60 -0.63
CA ASP C 17 9.48 -7.19 -1.87
C ASP C 17 8.22 -6.50 -2.41
N ILE C 18 7.80 -5.36 -1.82
CA ILE C 18 6.59 -4.69 -2.28
C ILE C 18 6.88 -3.21 -2.57
N THR C 19 6.16 -2.69 -3.57
CA THR C 19 6.22 -1.29 -3.97
C THR C 19 4.79 -0.81 -4.20
N ILE C 20 4.55 0.49 -4.04
CA ILE C 20 3.23 1.09 -4.15
C ILE C 20 3.37 2.39 -4.94
N THR C 21 2.34 2.74 -5.70
CA THR C 21 2.35 3.97 -6.48
C THR C 21 0.98 4.63 -6.44
N ILE C 22 0.95 5.95 -6.49
CA ILE C 22 -0.26 6.76 -6.47
C ILE C 22 -0.47 7.31 -7.88
N LEU C 23 -1.11 6.50 -8.72
CA LEU C 23 -1.16 6.74 -10.16
C LEU C 23 -1.89 8.04 -10.53
N GLY C 24 -2.80 8.51 -9.67
CA GLY C 24 -3.47 9.77 -9.93
C GLY C 24 -4.63 10.05 -8.98
N VAL C 25 -5.34 11.14 -9.24
CA VAL C 25 -6.43 11.62 -8.41
C VAL C 25 -7.55 12.16 -9.30
N SER C 26 -8.80 11.94 -8.89
CA SER C 26 -9.98 12.29 -9.64
C SER C 26 -11.10 12.64 -8.67
N GLY C 27 -10.97 13.78 -7.98
CA GLY C 27 -11.93 14.15 -6.96
C GLY C 27 -11.76 13.23 -5.76
N GLN C 28 -12.87 12.79 -5.17
CA GLN C 28 -12.82 11.87 -4.04
C GLN C 28 -12.28 10.51 -4.48
N GLN C 29 -12.25 10.22 -5.79
CA GLN C 29 -11.72 8.97 -6.28
C GLN C 29 -10.21 9.11 -6.46
N VAL C 30 -9.47 8.02 -6.28
CA VAL C 30 -8.03 8.01 -6.39
C VAL C 30 -7.64 6.70 -7.07
N ARG C 31 -6.62 6.73 -7.93
CA ARG C 31 -6.17 5.52 -8.60
C ARG C 31 -4.80 5.14 -8.06
N ILE C 32 -4.67 3.89 -7.65
CA ILE C 32 -3.51 3.43 -6.91
C ILE C 32 -3.00 2.14 -7.55
N GLY C 33 -1.71 1.84 -7.38
CA GLY C 33 -1.11 0.65 -7.94
C GLY C 33 -0.27 -0.07 -6.89
N ILE C 34 -0.10 -1.37 -7.08
CA ILE C 34 0.65 -2.21 -6.16
C ILE C 34 1.54 -3.13 -6.98
N ASN C 35 2.74 -3.43 -6.47
CA ASN C 35 3.69 -4.27 -7.17
C ASN C 35 4.35 -5.21 -6.16
N ALA C 36 3.96 -6.48 -6.22
CA ALA C 36 4.44 -7.51 -5.32
C ALA C 36 4.40 -8.87 -6.03
N PRO C 37 5.14 -9.86 -5.52
CA PRO C 37 5.09 -11.23 -6.02
C PRO C 37 3.72 -11.85 -5.78
N LYS C 38 3.34 -12.84 -6.59
CA LYS C 38 2.12 -13.62 -6.36
C LYS C 38 2.27 -14.46 -5.09
N ASP C 39 3.44 -14.37 -4.46
CA ASP C 39 3.73 -14.97 -3.17
C ASP C 39 2.88 -14.32 -2.07
N VAL C 40 2.23 -13.20 -2.42
CA VAL C 40 1.36 -12.45 -1.52
C VAL C 40 0.14 -12.00 -2.32
N ALA C 41 -0.89 -11.49 -1.63
CA ALA C 41 -2.15 -11.15 -2.27
C ALA C 41 -2.47 -9.67 -2.10
N VAL C 42 -3.34 -9.12 -2.97
CA VAL C 42 -3.76 -7.73 -2.89
C VAL C 42 -5.21 -7.61 -3.35
N HIS C 43 -6.05 -6.94 -2.56
CA HIS C 43 -7.45 -6.71 -2.94
C HIS C 43 -8.02 -5.52 -2.19
N ARG C 44 -9.22 -5.08 -2.57
CA ARG C 44 -9.96 -4.08 -1.81
C ARG C 44 -10.39 -4.70 -0.49
N GLU C 45 -10.64 -3.85 0.52
CA GLU C 45 -11.05 -4.31 1.84
C GLU C 45 -12.36 -5.10 1.75
N GLU C 46 -13.15 -4.82 0.72
CA GLU C 46 -14.41 -5.51 0.47
C GLU C 46 -14.19 -6.95 0.03
N ILE C 47 -13.29 -7.15 -0.94
CA ILE C 47 -13.04 -8.48 -1.50
C ILE C 47 -12.23 -9.30 -0.49
N TYR C 48 -11.45 -8.62 0.34
CA TYR C 48 -10.59 -9.24 1.33
C TYR C 48 -11.39 -10.08 2.32
N GLN C 49 -12.60 -9.65 2.68
CA GLN C 49 -13.44 -10.35 3.64
C GLN C 49 -13.97 -11.67 3.08
N ARG C 50 -13.94 -11.84 1.75
CA ARG C 50 -14.33 -13.09 1.10
C ARG C 50 -13.16 -14.05 1.07
N ILE C 51 -11.97 -13.60 1.44
CA ILE C 51 -10.75 -14.37 1.31
C ILE C 51 -10.22 -14.79 2.68
N GLN C 52 -10.21 -13.87 3.63
CA GLN C 52 -9.72 -14.17 4.98
C GLN C 52 -10.65 -15.15 5.71
N ALA C 53 -11.73 -15.57 5.05
CA ALA C 53 -12.66 -16.54 5.59
C ALA C 53 -12.00 -17.92 5.76
N GLY C 54 -10.86 -18.17 5.11
CA GLY C 54 -10.15 -19.43 5.26
C GLY C 54 -9.37 -19.85 4.02
N LEU C 55 -9.09 -18.94 3.09
CA LEU C 55 -8.46 -19.30 1.82
C LEU C 55 -7.70 -18.14 1.19
N THR C 56 -7.12 -18.39 0.00
CA THR C 56 -6.47 -17.39 -0.83
C THR C 56 -6.71 -17.69 -2.31
N ALA C 57 -7.56 -18.68 -2.58
CA ALA C 57 -7.91 -19.10 -3.92
C ALA C 57 -9.32 -19.70 -3.89
N PRO C 58 -10.36 -18.85 -3.99
CA PRO C 58 -11.75 -19.25 -3.92
C PRO C 58 -12.06 -20.50 -4.73
N ASP C 59 -12.88 -21.38 -4.13
CA ASP C 59 -13.35 -22.63 -4.72
C ASP C 59 -12.23 -23.60 -5.11
N MET A 1 2.12 -5.19 -12.04
CA MET A 1 1.30 -4.24 -11.26
C MET A 1 -0.14 -4.70 -11.19
N LEU A 2 -0.83 -4.30 -10.13
CA LEU A 2 -2.26 -4.49 -9.97
C LEU A 2 -2.86 -3.12 -9.61
N ILE A 3 -3.60 -2.54 -10.55
CA ILE A 3 -4.15 -1.19 -10.43
C ILE A 3 -5.64 -1.26 -10.12
N LEU A 4 -6.11 -0.31 -9.30
CA LEU A 4 -7.52 -0.20 -8.95
C LEU A 4 -7.81 1.19 -8.39
N THR A 5 -9.06 1.45 -8.01
CA THR A 5 -9.45 2.74 -7.42
C THR A 5 -9.99 2.58 -6.02
N ARG A 6 -9.87 3.66 -5.26
CA ARG A 6 -10.35 3.79 -3.89
C ARG A 6 -10.75 5.26 -3.71
N LYS A 7 -11.52 5.61 -2.68
CA LYS A 7 -11.72 7.02 -2.34
C LYS A 7 -11.58 7.26 -0.86
N VAL A 8 -11.47 8.53 -0.48
CA VAL A 8 -11.14 8.91 0.89
C VAL A 8 -11.98 8.14 1.91
N GLY A 9 -11.32 7.63 2.95
CA GLY A 9 -11.99 6.98 4.07
C GLY A 9 -12.16 5.46 3.89
N GLU A 10 -11.69 4.90 2.77
CA GLU A 10 -11.80 3.47 2.51
C GLU A 10 -10.44 2.80 2.75
N SER A 11 -10.36 1.48 2.53
CA SER A 11 -9.15 0.72 2.84
C SER A 11 -8.82 -0.34 1.79
N ILE A 12 -7.59 -0.88 1.89
CA ILE A 12 -7.03 -1.88 1.00
C ILE A 12 -6.18 -2.83 1.85
N ASN A 13 -5.85 -4.01 1.34
CA ASN A 13 -5.11 -5.02 2.09
C ASN A 13 -4.03 -5.66 1.23
N ILE A 14 -3.02 -6.20 1.92
CA ILE A 14 -1.87 -6.87 1.31
C ILE A 14 -1.46 -8.05 2.19
N GLY A 15 -1.09 -9.16 1.56
CA GLY A 15 -0.73 -10.38 2.28
C GLY A 15 -1.87 -10.77 3.22
N ASP A 16 -1.51 -11.14 4.45
CA ASP A 16 -2.48 -11.45 5.49
C ASP A 16 -2.05 -10.82 6.82
N ASP A 17 -1.13 -9.84 6.75
CA ASP A 17 -0.64 -9.13 7.92
C ASP A 17 -0.47 -7.64 7.64
N ILE A 18 -0.90 -7.14 6.47
CA ILE A 18 -0.75 -5.73 6.13
C ILE A 18 -2.08 -5.15 5.66
N THR A 19 -2.29 -3.87 6.00
CA THR A 19 -3.47 -3.13 5.61
C THR A 19 -3.05 -1.72 5.21
N ILE A 20 -3.85 -1.08 4.37
CA ILE A 20 -3.57 0.24 3.81
C ILE A 20 -4.87 1.05 3.85
N THR A 21 -4.77 2.36 3.99
CA THR A 21 -5.94 3.22 4.08
C THR A 21 -5.68 4.52 3.33
N ILE A 22 -6.76 5.14 2.82
CA ILE A 22 -6.69 6.39 2.07
C ILE A 22 -7.34 7.47 2.92
N LEU A 23 -6.53 8.07 3.80
CA LEU A 23 -7.03 8.95 4.85
C LEU A 23 -7.68 10.21 4.27
N GLY A 24 -7.25 10.63 3.08
CA GLY A 24 -7.89 11.76 2.42
C GLY A 24 -7.12 12.23 1.19
N VAL A 25 -7.66 13.24 0.52
CA VAL A 25 -7.04 13.84 -0.67
C VAL A 25 -7.09 15.36 -0.56
N SER A 26 -6.05 16.00 -1.09
CA SER A 26 -5.86 17.44 -1.05
C SER A 26 -5.20 17.89 -2.34
N GLY A 27 -5.95 17.84 -3.43
CA GLY A 27 -5.40 18.14 -4.75
C GLY A 27 -4.51 16.98 -5.17
N GLN A 28 -3.34 17.30 -5.74
CA GLN A 28 -2.39 16.27 -6.12
C GLN A 28 -1.82 15.56 -4.89
N GLN A 29 -1.99 16.12 -3.69
CA GLN A 29 -1.51 15.48 -2.48
C GLN A 29 -2.53 14.47 -1.98
N VAL A 30 -2.05 13.40 -1.34
CA VAL A 30 -2.89 12.34 -0.84
C VAL A 30 -2.31 11.87 0.49
N ARG A 31 -3.12 11.85 1.56
CA ARG A 31 -2.67 11.35 2.86
C ARG A 31 -3.08 9.90 2.97
N ILE A 32 -2.13 9.06 3.37
CA ILE A 32 -2.29 7.61 3.32
C ILE A 32 -1.91 7.00 4.67
N GLY A 33 -2.54 5.89 4.99
CA GLY A 33 -2.30 5.16 6.23
C GLY A 33 -1.74 3.78 5.90
N ILE A 34 -0.90 3.25 6.78
CA ILE A 34 -0.32 1.94 6.62
C ILE A 34 -0.36 1.23 7.98
N ASN A 35 -0.60 -0.07 7.96
CA ASN A 35 -0.73 -0.83 9.18
C ASN A 35 -0.14 -2.22 9.00
N ALA A 36 1.05 -2.42 9.58
CA ALA A 36 1.78 -3.68 9.47
C ALA A 36 2.61 -3.91 10.74
N PRO A 37 3.00 -5.16 11.00
CA PRO A 37 3.89 -5.48 12.11
C PRO A 37 5.28 -4.91 11.85
N LYS A 38 6.03 -4.62 12.93
CA LYS A 38 7.39 -4.12 12.81
C LYS A 38 8.32 -5.23 12.28
N ASP A 39 7.76 -6.42 12.08
CA ASP A 39 8.45 -7.53 11.43
C ASP A 39 8.68 -7.24 9.94
N VAL A 40 8.09 -6.14 9.45
CA VAL A 40 8.26 -5.69 8.07
C VAL A 40 8.46 -4.18 8.07
N ALA A 41 8.86 -3.62 6.92
CA ALA A 41 9.20 -2.20 6.84
C ALA A 41 8.17 -1.44 6.00
N VAL A 42 8.06 -0.14 6.24
CA VAL A 42 7.19 0.75 5.47
C VAL A 42 7.85 2.12 5.37
N HIS A 43 8.05 2.63 4.14
CA HIS A 43 8.62 3.96 3.94
C HIS A 43 8.25 4.48 2.56
N ARG A 44 8.53 5.76 2.30
CA ARG A 44 8.35 6.30 0.96
C ARG A 44 9.58 5.98 0.11
N GLU A 45 9.42 6.02 -1.20
CA GLU A 45 10.40 5.53 -2.17
C GLU A 45 11.79 6.15 -2.00
N GLU A 46 11.86 7.41 -1.57
CA GLU A 46 13.13 8.11 -1.37
C GLU A 46 13.90 7.56 -0.15
N ILE A 47 13.19 7.05 0.85
CA ILE A 47 13.81 6.48 2.04
C ILE A 47 14.14 5.01 1.80
N TYR A 48 13.37 4.37 0.92
CA TYR A 48 13.54 2.96 0.60
C TYR A 48 14.92 2.67 0.04
N GLN A 49 15.51 3.62 -0.71
CA GLN A 49 16.81 3.42 -1.33
C GLN A 49 17.94 3.47 -0.30
N ARG A 50 17.67 3.95 0.92
CA ARG A 50 18.66 4.01 1.99
C ARG A 50 18.71 2.69 2.76
N ILE A 51 17.75 1.79 2.50
CA ILE A 51 17.60 0.57 3.27
C ILE A 51 17.96 -0.65 2.42
N GLN A 52 17.27 -0.83 1.30
CA GLN A 52 17.46 -1.97 0.43
C GLN A 52 18.82 -1.94 -0.27
N ALA A 53 19.63 -0.92 0.02
CA ALA A 53 21.00 -0.81 -0.47
C ALA A 53 21.87 -1.96 0.03
N GLY A 54 21.44 -2.69 1.06
CA GLY A 54 22.21 -3.83 1.57
C GLY A 54 21.82 -4.23 3.00
N LEU A 55 20.74 -3.68 3.55
CA LEU A 55 20.34 -3.91 4.93
C LEU A 55 18.83 -3.75 5.11
N THR A 56 18.36 -3.73 6.35
CA THR A 56 16.94 -3.56 6.66
C THR A 56 16.73 -2.54 7.78
N ALA A 57 17.83 -2.01 8.34
CA ALA A 57 17.76 -1.00 9.39
C ALA A 57 19.02 -0.12 9.30
N PRO A 58 18.85 1.19 9.08
CA PRO A 58 19.95 2.16 9.01
C PRO A 58 20.94 2.06 10.17
N ASP A 59 20.46 1.67 11.35
CA ASP A 59 21.29 1.63 12.55
C ASP A 59 20.58 0.81 13.64
N MET C 1 -0.47 2.41 13.27
CA MET C 1 -0.43 2.99 11.91
C MET C 1 0.88 3.72 11.64
N LEU C 2 1.15 3.96 10.37
CA LEU C 2 2.20 4.85 9.92
C LEU C 2 1.59 5.68 8.80
N ILE C 3 1.46 7.00 9.03
CA ILE C 3 0.75 7.90 8.12
C ILE C 3 1.74 8.87 7.49
N LEU C 4 1.51 9.19 6.21
CA LEU C 4 2.32 10.14 5.47
C LEU C 4 1.59 10.62 4.21
N THR C 5 2.17 11.58 3.50
CA THR C 5 1.60 12.09 2.25
C THR C 5 2.52 11.81 1.08
N ARG C 6 1.90 11.77 -0.11
CA ARG C 6 2.55 11.63 -1.39
C ARG C 6 1.76 12.44 -2.41
N LYS C 7 2.36 12.69 -3.57
CA LYS C 7 1.63 13.31 -4.67
C LYS C 7 1.53 12.36 -5.85
N VAL C 8 0.63 12.68 -6.78
CA VAL C 8 0.39 11.81 -7.92
C VAL C 8 1.68 11.57 -8.70
N GLY C 9 1.96 10.31 -9.01
CA GLY C 9 3.13 9.90 -9.77
C GLY C 9 4.25 9.38 -8.86
N GLU C 10 4.15 9.62 -7.55
CA GLU C 10 5.15 9.18 -6.59
C GLU C 10 4.86 7.75 -6.13
N SER C 11 5.71 7.21 -5.24
CA SER C 11 5.60 5.81 -4.82
C SER C 11 5.88 5.64 -3.33
N ILE C 12 5.56 4.44 -2.84
CA ILE C 12 5.71 4.00 -1.46
C ILE C 12 6.20 2.56 -1.50
N ASN C 13 6.76 2.04 -0.40
CA ASN C 13 7.30 0.70 -0.36
C ASN C 13 6.96 -0.01 0.95
N ILE C 14 6.91 -1.34 0.88
CA ILE C 14 6.58 -2.19 2.02
C ILE C 14 7.46 -3.45 1.97
N GLY C 15 7.87 -3.94 3.14
CA GLY C 15 8.73 -5.10 3.22
C GLY C 15 9.98 -4.91 2.36
N ASP C 16 10.38 -5.96 1.65
CA ASP C 16 11.51 -5.92 0.74
C ASP C 16 11.14 -6.59 -0.59
N ASP C 17 9.84 -6.77 -0.83
CA ASP C 17 9.31 -7.37 -2.05
C ASP C 17 8.02 -6.68 -2.51
N ILE C 18 7.62 -5.55 -1.89
CA ILE C 18 6.38 -4.88 -2.27
C ILE C 18 6.63 -3.40 -2.53
N THR C 19 5.89 -2.85 -3.50
CA THR C 19 5.94 -1.44 -3.87
C THR C 19 4.52 -0.99 -4.18
N ILE C 20 4.28 0.33 -4.04
CA ILE C 20 2.98 0.95 -4.26
C ILE C 20 3.20 2.24 -5.04
N THR C 21 2.26 2.63 -5.89
CA THR C 21 2.37 3.87 -6.65
C THR C 21 1.02 4.57 -6.73
N ILE C 22 0.99 5.85 -6.38
CA ILE C 22 -0.21 6.67 -6.47
C ILE C 22 -0.31 7.18 -7.91
N LEU C 23 -1.11 6.48 -8.73
CA LEU C 23 -1.15 6.75 -10.16
C LEU C 23 -1.85 8.08 -10.47
N GLY C 24 -2.77 8.52 -9.61
CA GLY C 24 -3.43 9.80 -9.82
C GLY C 24 -4.67 9.96 -8.95
N VAL C 25 -5.38 11.08 -9.12
CA VAL C 25 -6.63 11.33 -8.42
C VAL C 25 -7.73 11.73 -9.40
N SER C 26 -8.97 11.60 -8.93
CA SER C 26 -10.17 11.97 -9.67
C SER C 26 -11.22 12.36 -8.64
N GLY C 27 -11.03 13.53 -8.01
CA GLY C 27 -11.90 13.96 -6.93
C GLY C 27 -11.60 13.11 -5.70
N GLN C 28 -12.63 12.65 -4.99
CA GLN C 28 -12.42 11.78 -3.85
C GLN C 28 -11.84 10.45 -4.30
N GLN C 29 -11.98 10.10 -5.58
CA GLN C 29 -11.44 8.85 -6.09
C GLN C 29 -9.95 9.00 -6.29
N VAL C 30 -9.21 7.89 -6.15
CA VAL C 30 -7.77 7.86 -6.20
C VAL C 30 -7.37 6.56 -6.88
N ARG C 31 -6.68 6.64 -8.03
CA ARG C 31 -6.22 5.44 -8.72
C ARG C 31 -4.85 5.08 -8.18
N ILE C 32 -4.67 3.80 -7.83
CA ILE C 32 -3.47 3.34 -7.14
C ILE C 32 -3.00 2.05 -7.80
N GLY C 33 -1.70 1.79 -7.72
CA GLY C 33 -1.09 0.59 -8.27
C GLY C 33 -0.32 -0.13 -7.18
N ILE C 34 -0.12 -1.44 -7.37
CA ILE C 34 0.53 -2.30 -6.40
C ILE C 34 1.45 -3.24 -7.16
N ASN C 35 2.60 -3.57 -6.56
CA ASN C 35 3.58 -4.43 -7.20
C ASN C 35 4.19 -5.35 -6.16
N ALA C 36 3.83 -6.64 -6.25
CA ALA C 36 4.29 -7.67 -5.34
C ALA C 36 4.26 -9.01 -6.07
N PRO C 37 5.03 -10.01 -5.59
CA PRO C 37 5.00 -11.34 -6.13
C PRO C 37 3.64 -12.00 -5.89
N LYS C 38 3.23 -12.92 -6.77
CA LYS C 38 1.98 -13.65 -6.59
C LYS C 38 2.07 -14.58 -5.38
N ASP C 39 3.24 -14.62 -4.74
CA ASP C 39 3.45 -15.33 -3.47
C ASP C 39 2.70 -14.63 -2.34
N VAL C 40 2.12 -13.46 -2.61
CA VAL C 40 1.31 -12.71 -1.65
C VAL C 40 0.08 -12.19 -2.37
N ALA C 41 -0.90 -11.68 -1.62
CA ALA C 41 -2.17 -11.27 -2.20
C ALA C 41 -2.38 -9.77 -2.05
N VAL C 42 -3.22 -9.19 -2.92
CA VAL C 42 -3.54 -7.76 -2.86
C VAL C 42 -5.00 -7.57 -3.28
N HIS C 43 -5.79 -6.90 -2.45
CA HIS C 43 -7.18 -6.59 -2.80
C HIS C 43 -7.70 -5.42 -1.97
N ARG C 44 -8.81 -4.83 -2.41
CA ARG C 44 -9.55 -3.86 -1.62
C ARG C 44 -10.14 -4.56 -0.40
N GLU C 45 -10.48 -3.80 0.64
CA GLU C 45 -10.98 -4.36 1.90
C GLU C 45 -12.22 -5.23 1.66
N GLU C 46 -13.05 -4.87 0.68
CA GLU C 46 -14.25 -5.62 0.36
C GLU C 46 -13.91 -6.98 -0.24
N ILE C 47 -12.98 -7.01 -1.20
CA ILE C 47 -12.61 -8.25 -1.89
C ILE C 47 -11.79 -9.12 -0.94
N TYR C 48 -11.02 -8.50 -0.03
CA TYR C 48 -10.17 -9.19 0.92
C TYR C 48 -10.96 -10.16 1.80
N GLN C 49 -12.25 -9.91 1.98
CA GLN C 49 -13.08 -10.76 2.81
C GLN C 49 -13.35 -12.12 2.14
N ARG C 50 -13.06 -12.26 0.85
CA ARG C 50 -13.22 -13.52 0.16
C ARG C 50 -11.99 -14.41 0.40
N ILE C 51 -10.96 -13.86 1.05
CA ILE C 51 -9.71 -14.56 1.34
C ILE C 51 -9.63 -14.81 2.84
N GLN C 52 -10.49 -14.15 3.62
CA GLN C 52 -10.53 -14.28 5.08
C GLN C 52 -11.87 -14.81 5.60
N ALA C 53 -12.93 -14.81 4.77
CA ALA C 53 -14.26 -15.23 5.21
C ALA C 53 -15.02 -16.03 4.15
N GLY C 54 -14.41 -16.26 2.98
CA GLY C 54 -15.08 -16.92 1.86
C GLY C 54 -14.05 -17.47 0.89
N LEU C 55 -12.99 -18.07 1.45
CA LEU C 55 -11.80 -18.54 0.74
C LEU C 55 -12.10 -19.02 -0.67
N THR C 56 -11.27 -18.58 -1.63
CA THR C 56 -11.45 -18.99 -3.01
C THR C 56 -10.95 -20.41 -3.22
N ALA C 57 -11.30 -21.00 -4.36
CA ALA C 57 -10.95 -22.37 -4.74
C ALA C 57 -10.92 -23.34 -3.55
N PRO C 58 -12.03 -23.49 -2.81
CA PRO C 58 -12.13 -24.34 -1.64
C PRO C 58 -11.56 -25.75 -1.84
N ASP C 59 -11.75 -26.31 -3.03
CA ASP C 59 -11.35 -27.67 -3.33
C ASP C 59 -11.32 -27.93 -4.84
N MET A 1 1.95 -5.08 -12.75
CA MET A 1 1.33 -4.30 -11.66
C MET A 1 -0.17 -4.55 -11.57
N LEU A 2 -0.77 -4.23 -10.42
CA LEU A 2 -2.19 -4.34 -10.17
C LEU A 2 -2.72 -2.95 -9.82
N ILE A 3 -3.77 -2.49 -10.51
CA ILE A 3 -4.26 -1.12 -10.42
C ILE A 3 -5.76 -1.13 -10.19
N LEU A 4 -6.22 -0.19 -9.36
CA LEU A 4 -7.64 -0.01 -9.09
C LEU A 4 -7.89 1.38 -8.49
N THR A 5 -9.15 1.77 -8.38
CA THR A 5 -9.52 3.04 -7.77
C THR A 5 -10.18 2.81 -6.42
N ARG A 6 -10.04 3.81 -5.55
CA ARG A 6 -10.65 3.86 -4.23
C ARG A 6 -11.03 5.31 -3.95
N LYS A 7 -11.87 5.53 -2.94
CA LYS A 7 -12.23 6.89 -2.55
C LYS A 7 -11.84 7.15 -1.11
N VAL A 8 -11.74 8.43 -0.77
CA VAL A 8 -11.26 8.84 0.55
C VAL A 8 -12.10 8.19 1.65
N GLY A 9 -11.43 7.44 2.52
CA GLY A 9 -12.05 6.76 3.65
C GLY A 9 -12.06 5.24 3.48
N GLU A 10 -11.88 4.74 2.25
CA GLU A 10 -11.85 3.30 2.00
C GLU A 10 -10.49 2.70 2.32
N SER A 11 -10.39 1.36 2.21
CA SER A 11 -9.18 0.64 2.58
C SER A 11 -8.86 -0.46 1.57
N ILE A 12 -7.65 -1.02 1.70
CA ILE A 12 -7.10 -2.06 0.85
C ILE A 12 -6.28 -3.00 1.73
N ASN A 13 -5.85 -4.14 1.21
CA ASN A 13 -5.09 -5.11 1.99
C ASN A 13 -3.97 -5.74 1.14
N ILE A 14 -2.88 -6.13 1.80
CA ILE A 14 -1.72 -6.72 1.13
C ILE A 14 -1.07 -7.78 2.03
N GLY A 15 -0.58 -8.86 1.40
CA GLY A 15 0.22 -9.88 2.07
C GLY A 15 -0.46 -10.53 3.27
N ASP A 16 -1.77 -10.33 3.46
CA ASP A 16 -2.54 -10.88 4.56
C ASP A 16 -2.01 -10.45 5.94
N ASP A 17 -1.08 -9.50 6.00
CA ASP A 17 -0.55 -8.96 7.25
C ASP A 17 -0.38 -7.45 7.16
N ILE A 18 -0.82 -6.84 6.06
CA ILE A 18 -0.70 -5.40 5.86
C ILE A 18 -2.04 -4.86 5.38
N THR A 19 -2.38 -3.64 5.79
CA THR A 19 -3.61 -2.98 5.41
C THR A 19 -3.27 -1.54 5.05
N ILE A 20 -4.06 -0.95 4.15
CA ILE A 20 -3.83 0.40 3.64
C ILE A 20 -5.15 1.15 3.69
N THR A 21 -5.10 2.47 3.88
CA THR A 21 -6.30 3.28 3.94
C THR A 21 -6.03 4.64 3.30
N ILE A 22 -6.84 5.01 2.31
CA ILE A 22 -6.75 6.32 1.67
C ILE A 22 -7.39 7.34 2.60
N LEU A 23 -6.58 8.01 3.43
CA LEU A 23 -7.10 8.90 4.46
C LEU A 23 -7.72 10.16 3.88
N GLY A 24 -7.26 10.60 2.70
CA GLY A 24 -7.85 11.77 2.07
C GLY A 24 -6.98 12.32 0.94
N VAL A 25 -7.43 13.43 0.34
CA VAL A 25 -6.66 14.12 -0.69
C VAL A 25 -6.54 15.60 -0.34
N SER A 26 -5.57 16.25 -0.99
CA SER A 26 -5.32 17.68 -0.88
C SER A 26 -4.69 18.11 -2.20
N GLY A 27 -5.50 18.20 -3.25
CA GLY A 27 -5.00 18.47 -4.58
C GLY A 27 -4.28 17.22 -5.08
N GLN A 28 -3.15 17.39 -5.76
CA GLN A 28 -2.38 16.25 -6.20
C GLN A 28 -1.76 15.49 -5.02
N GLN A 29 -1.78 16.07 -3.81
CA GLN A 29 -1.26 15.40 -2.65
C GLN A 29 -2.31 14.41 -2.14
N VAL A 30 -1.87 13.30 -1.54
CA VAL A 30 -2.76 12.25 -1.08
C VAL A 30 -2.23 11.73 0.24
N ARG A 31 -3.04 11.82 1.31
CA ARG A 31 -2.62 11.31 2.61
C ARG A 31 -3.08 9.86 2.71
N ILE A 32 -2.18 8.99 3.17
CA ILE A 32 -2.41 7.56 3.18
C ILE A 32 -2.03 6.99 4.54
N GLY A 33 -2.68 5.90 4.92
CA GLY A 33 -2.44 5.20 6.16
C GLY A 33 -1.98 3.78 5.84
N ILE A 34 -1.13 3.22 6.70
CA ILE A 34 -0.60 1.88 6.53
C ILE A 34 -0.61 1.22 7.90
N ASN A 35 -0.88 -0.08 7.92
CA ASN A 35 -1.00 -0.83 9.17
C ASN A 35 -0.42 -2.22 8.97
N ALA A 36 0.78 -2.42 9.52
CA ALA A 36 1.54 -3.66 9.37
C ALA A 36 2.36 -3.92 10.63
N PRO A 37 2.77 -5.16 10.88
CA PRO A 37 3.64 -5.51 11.98
C PRO A 37 5.03 -4.92 11.76
N LYS A 38 5.75 -4.63 12.84
CA LYS A 38 7.11 -4.11 12.75
C LYS A 38 8.07 -5.19 12.22
N ASP A 39 7.54 -6.39 11.97
CA ASP A 39 8.26 -7.48 11.32
C ASP A 39 8.51 -7.14 9.85
N VAL A 40 7.88 -6.06 9.36
CA VAL A 40 8.05 -5.56 8.01
C VAL A 40 8.23 -4.04 8.10
N ALA A 41 8.63 -3.40 6.99
CA ALA A 41 8.97 -1.99 7.02
C ALA A 41 8.18 -1.21 5.97
N VAL A 42 8.10 0.11 6.15
CA VAL A 42 7.37 0.98 5.23
C VAL A 42 8.10 2.32 5.13
N HIS A 43 8.36 2.79 3.90
CA HIS A 43 8.98 4.10 3.69
C HIS A 43 8.68 4.61 2.29
N ARG A 44 8.91 5.91 2.06
CA ARG A 44 8.83 6.50 0.73
C ARG A 44 9.83 5.79 -0.17
N GLU A 45 9.58 5.75 -1.48
CA GLU A 45 10.47 5.06 -2.40
C GLU A 45 11.86 5.69 -2.37
N GLU A 46 11.94 7.00 -2.12
CA GLU A 46 13.19 7.72 -2.06
C GLU A 46 13.93 7.52 -0.73
N ILE A 47 13.22 7.10 0.31
CA ILE A 47 13.82 6.81 1.62
C ILE A 47 14.23 5.34 1.67
N TYR A 48 13.54 4.51 0.88
CA TYR A 48 13.79 3.08 0.82
C TYR A 48 15.20 2.78 0.30
N GLN A 49 15.69 3.57 -0.66
CA GLN A 49 17.00 3.35 -1.28
C GLN A 49 18.13 3.62 -0.30
N ARG A 50 17.86 4.34 0.79
CA ARG A 50 18.85 4.58 1.85
C ARG A 50 18.95 3.34 2.74
N ILE A 51 18.00 2.41 2.60
CA ILE A 51 17.89 1.25 3.47
C ILE A 51 18.24 -0.03 2.75
N GLN A 52 17.90 -0.12 1.45
CA GLN A 52 18.20 -1.32 0.69
C GLN A 52 19.71 -1.42 0.42
N ALA A 53 20.46 -0.45 0.94
CA ALA A 53 21.90 -0.44 0.90
C ALA A 53 22.50 -1.54 1.78
N GLY A 54 21.68 -2.17 2.63
CA GLY A 54 22.11 -3.31 3.43
C GLY A 54 21.53 -3.32 4.84
N LEU A 55 20.71 -2.32 5.19
CA LEU A 55 20.21 -2.16 6.55
C LEU A 55 19.05 -3.09 6.88
N THR A 56 18.52 -3.81 5.90
CA THR A 56 17.32 -4.63 6.09
C THR A 56 17.59 -5.83 7.01
N ALA A 57 18.85 -6.17 7.24
CA ALA A 57 19.23 -7.30 8.08
C ALA A 57 20.68 -7.15 8.57
N PRO A 58 20.91 -6.25 9.54
CA PRO A 58 22.23 -5.99 10.08
C PRO A 58 22.99 -7.25 10.48
N ASP A 59 22.26 -8.21 11.04
CA ASP A 59 22.82 -9.47 11.51
C ASP A 59 21.72 -10.46 11.86
N MET C 1 -0.71 2.53 13.21
CA MET C 1 -0.69 3.10 11.86
C MET C 1 0.63 3.78 11.56
N LEU C 2 0.90 3.97 10.26
CA LEU C 2 1.97 4.81 9.77
C LEU C 2 1.38 5.63 8.63
N ILE C 3 1.27 6.95 8.83
CA ILE C 3 0.62 7.84 7.90
C ILE C 3 1.69 8.56 7.08
N LEU C 4 1.34 8.93 5.84
CA LEU C 4 2.30 9.48 4.89
C LEU C 4 1.55 10.33 3.85
N THR C 5 2.28 11.19 3.13
CA THR C 5 1.73 11.92 1.99
C THR C 5 2.61 11.71 0.76
N ARG C 6 1.97 11.67 -0.41
CA ARG C 6 2.62 11.59 -1.70
C ARG C 6 1.83 12.43 -2.69
N LYS C 7 2.41 12.66 -3.87
CA LYS C 7 1.73 13.36 -4.94
C LYS C 7 1.61 12.42 -6.14
N VAL C 8 0.70 12.73 -7.08
CA VAL C 8 0.50 11.84 -8.21
C VAL C 8 1.80 11.57 -8.95
N GLY C 9 2.10 10.29 -9.17
CA GLY C 9 3.29 9.86 -9.89
C GLY C 9 4.40 9.38 -8.95
N GLU C 10 4.29 9.65 -7.65
CA GLU C 10 5.30 9.24 -6.67
C GLU C 10 5.02 7.83 -6.15
N SER C 11 5.93 7.29 -5.32
CA SER C 11 5.83 5.91 -4.86
C SER C 11 6.23 5.74 -3.39
N ILE C 12 5.93 4.55 -2.87
CA ILE C 12 6.18 4.13 -1.49
C ILE C 12 6.58 2.65 -1.56
N ASN C 13 7.15 2.10 -0.48
CA ASN C 13 7.58 0.71 -0.45
C ASN C 13 7.13 0.04 0.85
N ILE C 14 6.96 -1.28 0.81
CA ILE C 14 6.50 -2.08 1.96
C ILE C 14 7.29 -3.39 2.00
N GLY C 15 7.58 -3.86 3.22
CA GLY C 15 8.35 -5.08 3.40
C GLY C 15 9.71 -4.93 2.70
N ASP C 16 10.06 -5.94 1.91
CA ASP C 16 11.28 -5.93 1.13
C ASP C 16 11.00 -6.48 -0.28
N ASP C 17 9.72 -6.64 -0.62
CA ASP C 17 9.29 -7.25 -1.87
C ASP C 17 8.01 -6.61 -2.40
N ILE C 18 7.54 -5.50 -1.83
CA ILE C 18 6.31 -4.85 -2.27
C ILE C 18 6.55 -3.36 -2.51
N THR C 19 5.86 -2.80 -3.49
CA THR C 19 5.96 -1.39 -3.83
C THR C 19 4.56 -0.85 -4.11
N ILE C 20 4.39 0.47 -3.95
CA ILE C 20 3.11 1.14 -4.11
C ILE C 20 3.34 2.42 -4.90
N THR C 21 2.36 2.82 -5.72
CA THR C 21 2.46 4.03 -6.52
C THR C 21 1.10 4.69 -6.64
N ILE C 22 1.05 6.00 -6.37
CA ILE C 22 -0.15 6.79 -6.54
C ILE C 22 -0.23 7.21 -8.00
N LEU C 23 -0.97 6.45 -8.82
CA LEU C 23 -0.98 6.65 -10.26
C LEU C 23 -1.68 7.95 -10.65
N GLY C 24 -2.60 8.43 -9.81
CA GLY C 24 -3.28 9.70 -10.06
C GLY C 24 -4.51 9.89 -9.18
N VAL C 25 -5.19 11.03 -9.36
CA VAL C 25 -6.42 11.31 -8.63
C VAL C 25 -7.50 11.80 -9.58
N SER C 26 -8.74 11.75 -9.10
CA SER C 26 -9.92 12.26 -9.79
C SER C 26 -10.92 12.68 -8.71
N GLY C 27 -10.58 13.75 -7.99
CA GLY C 27 -11.40 14.21 -6.89
C GLY C 27 -11.25 13.28 -5.70
N GLN C 28 -12.37 12.89 -5.09
CA GLN C 28 -12.35 11.94 -3.99
C GLN C 28 -11.89 10.57 -4.48
N GLN C 29 -11.86 10.32 -5.80
CA GLN C 29 -11.37 9.06 -6.32
C GLN C 29 -9.86 9.15 -6.50
N VAL C 30 -9.17 8.02 -6.31
CA VAL C 30 -7.74 7.95 -6.37
C VAL C 30 -7.36 6.63 -7.04
N ARG C 31 -6.56 6.67 -8.12
CA ARG C 31 -6.12 5.46 -8.78
C ARG C 31 -4.74 5.09 -8.23
N ILE C 32 -4.60 3.83 -7.80
CA ILE C 32 -3.42 3.39 -7.08
C ILE C 32 -2.92 2.09 -7.71
N GLY C 33 -1.63 1.82 -7.56
CA GLY C 33 -1.01 0.62 -8.07
C GLY C 33 -0.27 -0.10 -6.96
N ILE C 34 -0.20 -1.43 -7.05
CA ILE C 34 0.49 -2.28 -6.10
C ILE C 34 1.31 -3.28 -6.89
N ASN C 35 2.54 -3.52 -6.45
CA ASN C 35 3.49 -4.34 -7.19
C ASN C 35 4.21 -5.27 -6.23
N ALA C 36 3.83 -6.54 -6.26
CA ALA C 36 4.34 -7.57 -5.38
C ALA C 36 4.31 -8.93 -6.08
N PRO C 37 5.08 -9.92 -5.58
CA PRO C 37 5.04 -11.27 -6.11
C PRO C 37 3.68 -11.90 -5.87
N LYS C 38 3.29 -12.87 -6.71
CA LYS C 38 2.03 -13.57 -6.54
C LYS C 38 2.10 -14.50 -5.31
N ASP C 39 3.26 -14.53 -4.66
CA ASP C 39 3.45 -15.20 -3.38
C ASP C 39 2.70 -14.46 -2.26
N VAL C 40 2.13 -13.30 -2.59
CA VAL C 40 1.31 -12.51 -1.69
C VAL C 40 0.07 -12.02 -2.43
N ALA C 41 -0.92 -11.48 -1.71
CA ALA C 41 -2.18 -11.12 -2.32
C ALA C 41 -2.50 -9.64 -2.09
N VAL C 42 -3.37 -9.08 -2.92
CA VAL C 42 -3.77 -7.68 -2.82
C VAL C 42 -5.25 -7.55 -3.22
N HIS C 43 -6.06 -6.86 -2.42
CA HIS C 43 -7.46 -6.62 -2.78
C HIS C 43 -8.04 -5.44 -1.99
N ARG C 44 -9.21 -4.98 -2.43
CA ARG C 44 -10.01 -4.01 -1.68
C ARG C 44 -10.37 -4.64 -0.33
N GLU C 45 -10.58 -3.82 0.70
CA GLU C 45 -10.89 -4.33 2.03
C GLU C 45 -12.18 -5.15 2.02
N GLU C 46 -13.08 -4.89 1.07
CA GLU C 46 -14.31 -5.65 0.92
C GLU C 46 -14.02 -7.02 0.31
N ILE C 47 -13.26 -7.08 -0.78
CA ILE C 47 -12.96 -8.34 -1.45
C ILE C 47 -12.12 -9.21 -0.50
N TYR C 48 -11.39 -8.57 0.41
CA TYR C 48 -10.59 -9.26 1.40
C TYR C 48 -11.48 -10.18 2.24
N GLN C 49 -12.56 -9.64 2.81
CA GLN C 49 -13.41 -10.36 3.75
C GLN C 49 -14.04 -11.61 3.16
N ARG C 50 -14.05 -11.74 1.83
CA ARG C 50 -14.57 -12.94 1.17
C ARG C 50 -13.54 -14.05 1.18
N ILE C 51 -12.36 -13.80 1.75
CA ILE C 51 -11.26 -14.75 1.68
C ILE C 51 -10.93 -15.30 3.08
N GLN C 52 -10.20 -14.53 3.90
CA GLN C 52 -9.70 -15.00 5.19
C GLN C 52 -10.80 -15.33 6.18
N ALA C 53 -12.06 -15.25 5.77
CA ALA C 53 -13.18 -15.71 6.57
C ALA C 53 -13.15 -17.22 6.76
N GLY C 54 -12.27 -17.92 6.02
CA GLY C 54 -12.13 -19.38 6.16
C GLY C 54 -11.14 -19.99 5.18
N LEU C 55 -10.51 -19.19 4.32
CA LEU C 55 -9.60 -19.70 3.29
C LEU C 55 -8.61 -18.62 2.85
N THR C 56 -7.63 -18.99 2.02
CA THR C 56 -6.67 -18.04 1.47
C THR C 56 -6.14 -18.50 0.11
N ALA C 57 -6.23 -19.81 -0.17
CA ALA C 57 -5.71 -20.38 -1.42
C ALA C 57 -6.45 -21.68 -1.77
N PRO C 58 -7.71 -21.58 -2.19
CA PRO C 58 -8.54 -22.69 -2.65
C PRO C 58 -7.93 -23.56 -3.75
N ASP C 59 -8.77 -24.45 -4.30
CA ASP C 59 -8.35 -25.46 -5.24
C ASP C 59 -9.31 -25.57 -6.42
N MET A 1 1.96 -5.48 -11.79
CA MET A 1 1.24 -4.24 -11.39
C MET A 1 -0.26 -4.50 -11.29
N LEU A 2 -0.86 -4.02 -10.21
CA LEU A 2 -2.28 -4.18 -9.98
C LEU A 2 -2.86 -2.79 -9.64
N ILE A 3 -3.69 -2.27 -10.53
CA ILE A 3 -4.20 -0.90 -10.47
C ILE A 3 -5.69 -0.94 -10.16
N LEU A 4 -6.14 -0.05 -9.27
CA LEU A 4 -7.54 0.05 -8.92
C LEU A 4 -7.84 1.40 -8.28
N THR A 5 -9.12 1.67 -7.98
CA THR A 5 -9.54 2.92 -7.37
C THR A 5 -10.15 2.70 -6.00
N ARG A 6 -10.02 3.73 -5.16
CA ARG A 6 -10.62 3.85 -3.84
C ARG A 6 -11.00 5.31 -3.66
N LYS A 7 -11.79 5.62 -2.62
CA LYS A 7 -12.14 6.99 -2.28
C LYS A 7 -11.66 7.33 -0.88
N VAL A 8 -11.56 8.62 -0.56
CA VAL A 8 -11.06 9.00 0.76
C VAL A 8 -11.93 8.39 1.85
N GLY A 9 -11.29 7.79 2.86
CA GLY A 9 -11.99 7.18 3.97
C GLY A 9 -12.17 5.68 3.79
N GLU A 10 -11.59 5.09 2.74
CA GLU A 10 -11.71 3.66 2.46
C GLU A 10 -10.36 2.95 2.66
N SER A 11 -10.33 1.63 2.52
CA SER A 11 -9.14 0.84 2.86
C SER A 11 -8.82 -0.23 1.82
N ILE A 12 -7.62 -0.81 1.97
CA ILE A 12 -7.06 -1.83 1.10
C ILE A 12 -6.26 -2.79 1.98
N ASN A 13 -5.86 -3.94 1.44
CA ASN A 13 -5.13 -4.95 2.18
C ASN A 13 -4.06 -5.62 1.33
N ILE A 14 -3.03 -6.12 2.00
CA ILE A 14 -1.90 -6.79 1.36
C ILE A 14 -1.52 -7.99 2.23
N GLY A 15 -1.21 -9.11 1.57
CA GLY A 15 -0.91 -10.35 2.27
C GLY A 15 -2.06 -10.70 3.21
N ASP A 16 -1.74 -11.01 4.46
CA ASP A 16 -2.71 -11.30 5.50
C ASP A 16 -2.24 -10.68 6.82
N ASP A 17 -1.32 -9.72 6.73
CA ASP A 17 -0.74 -9.05 7.90
C ASP A 17 -0.53 -7.55 7.65
N ILE A 18 -1.00 -7.03 6.50
CA ILE A 18 -0.84 -5.61 6.19
C ILE A 18 -2.17 -5.02 5.73
N THR A 19 -2.40 -3.75 6.08
CA THR A 19 -3.59 -3.00 5.71
C THR A 19 -3.18 -1.58 5.35
N ILE A 20 -3.95 -0.94 4.48
CA ILE A 20 -3.68 0.41 3.99
C ILE A 20 -4.99 1.19 3.99
N THR A 21 -4.92 2.51 4.19
CA THR A 21 -6.12 3.34 4.24
C THR A 21 -5.83 4.70 3.62
N ILE A 22 -6.66 5.10 2.66
CA ILE A 22 -6.57 6.42 2.03
C ILE A 22 -7.21 7.43 2.97
N LEU A 23 -6.40 8.09 3.81
CA LEU A 23 -6.91 8.97 4.84
C LEU A 23 -7.52 10.24 4.23
N GLY A 24 -7.05 10.67 3.06
CA GLY A 24 -7.63 11.84 2.40
C GLY A 24 -6.73 12.41 1.32
N VAL A 25 -7.15 13.53 0.70
CA VAL A 25 -6.34 14.23 -0.29
C VAL A 25 -6.33 15.73 -0.03
N SER A 26 -5.36 16.40 -0.63
CA SER A 26 -5.20 17.86 -0.55
C SER A 26 -4.53 18.33 -1.83
N GLY A 27 -5.30 18.37 -2.93
CA GLY A 27 -4.79 18.79 -4.22
C GLY A 27 -4.17 17.59 -4.92
N GLN A 28 -2.83 17.57 -5.01
CA GLN A 28 -2.16 16.38 -5.53
C GLN A 28 -1.72 15.53 -4.36
N GLN A 29 -1.77 16.09 -3.14
CA GLN A 29 -1.36 15.36 -1.96
C GLN A 29 -2.38 14.28 -1.65
N VAL A 30 -1.91 13.23 -0.98
CA VAL A 30 -2.71 12.09 -0.59
C VAL A 30 -2.15 11.58 0.74
N ARG A 31 -2.84 11.86 1.85
CA ARG A 31 -2.40 11.34 3.13
C ARG A 31 -2.85 9.89 3.21
N ILE A 32 -1.94 9.00 3.65
CA ILE A 32 -2.20 7.57 3.63
C ILE A 32 -1.82 6.97 4.98
N GLY A 33 -2.54 5.92 5.38
CA GLY A 33 -2.31 5.18 6.61
C GLY A 33 -1.84 3.79 6.25
N ILE A 34 -1.01 3.21 7.12
CA ILE A 34 -0.46 1.88 6.93
C ILE A 34 -0.50 1.17 8.27
N ASN A 35 -0.73 -0.14 8.24
CA ASN A 35 -0.86 -0.91 9.46
C ASN A 35 -0.27 -2.30 9.24
N ALA A 36 0.93 -2.51 9.79
CA ALA A 36 1.66 -3.75 9.64
C ALA A 36 2.57 -3.97 10.85
N PRO A 37 2.96 -5.22 11.12
CA PRO A 37 3.91 -5.56 12.17
C PRO A 37 5.30 -5.01 11.86
N LYS A 38 6.11 -4.70 12.88
CA LYS A 38 7.49 -4.27 12.68
C LYS A 38 8.33 -5.39 12.05
N ASP A 39 7.75 -6.58 11.91
CA ASP A 39 8.38 -7.70 11.22
C ASP A 39 8.52 -7.40 9.72
N VAL A 40 7.94 -6.27 9.28
CA VAL A 40 8.05 -5.78 7.92
C VAL A 40 8.30 -4.29 7.97
N ALA A 41 8.72 -3.67 6.86
CA ALA A 41 9.09 -2.27 6.87
C ALA A 41 8.26 -1.48 5.87
N VAL A 42 8.10 -0.18 6.11
CA VAL A 42 7.29 0.70 5.26
C VAL A 42 7.92 2.08 5.19
N HIS A 43 8.19 2.58 3.97
CA HIS A 43 8.72 3.94 3.80
C HIS A 43 8.42 4.45 2.40
N ARG A 44 8.47 5.78 2.23
CA ARG A 44 8.37 6.40 0.92
C ARG A 44 9.58 5.98 0.09
N GLU A 45 9.43 5.91 -1.23
CA GLU A 45 10.45 5.37 -2.11
C GLU A 45 11.79 6.10 -1.96
N GLU A 46 11.77 7.39 -1.63
CA GLU A 46 13.00 8.14 -1.41
C GLU A 46 13.71 7.70 -0.14
N ILE A 47 12.94 7.46 0.92
CA ILE A 47 13.50 7.07 2.22
C ILE A 47 14.00 5.64 2.17
N TYR A 48 13.41 4.84 1.29
CA TYR A 48 13.77 3.44 1.10
C TYR A 48 15.21 3.33 0.61
N GLN A 49 15.67 4.27 -0.21
CA GLN A 49 17.03 4.23 -0.75
C GLN A 49 18.08 4.51 0.32
N ARG A 50 17.68 5.09 1.46
CA ARG A 50 18.57 5.32 2.59
C ARG A 50 18.66 4.06 3.45
N ILE A 51 17.81 3.07 3.15
CA ILE A 51 17.71 1.87 3.97
C ILE A 51 18.28 0.67 3.23
N GLN A 52 17.94 0.53 1.94
CA GLN A 52 18.43 -0.60 1.16
C GLN A 52 19.94 -0.53 0.93
N ALA A 53 20.58 0.52 1.46
CA ALA A 53 22.03 0.67 1.38
C ALA A 53 22.76 -0.39 2.20
N GLY A 54 22.07 -1.10 3.11
CA GLY A 54 22.68 -2.18 3.87
C GLY A 54 22.04 -2.44 5.22
N LEU A 55 20.84 -1.90 5.49
CA LEU A 55 20.25 -1.99 6.82
C LEU A 55 18.72 -1.92 6.79
N THR A 56 18.10 -1.94 7.96
CA THR A 56 16.66 -1.80 8.13
C THR A 56 16.33 -1.06 9.43
N ALA A 57 17.34 -0.47 10.06
CA ALA A 57 17.18 0.33 11.26
C ALA A 57 18.27 1.41 11.29
N PRO A 58 17.90 2.67 11.45
CA PRO A 58 18.83 3.80 11.56
C PRO A 58 19.97 3.53 12.55
N ASP A 59 19.64 2.87 13.66
CA ASP A 59 20.60 2.58 14.72
C ASP A 59 20.02 1.59 15.72
N MET C 1 -0.50 2.27 13.50
CA MET C 1 -0.52 2.91 12.17
C MET C 1 0.79 3.61 11.87
N LEU C 2 1.03 3.84 10.58
CA LEU C 2 2.11 4.69 10.10
C LEU C 2 1.51 5.57 9.00
N ILE C 3 1.42 6.87 9.26
CA ILE C 3 0.77 7.82 8.37
C ILE C 3 1.81 8.75 7.77
N LEU C 4 1.61 9.11 6.50
CA LEU C 4 2.45 10.07 5.81
C LEU C 4 1.72 10.63 4.58
N THR C 5 2.30 11.63 3.94
CA THR C 5 1.73 12.22 2.73
C THR C 5 2.58 11.85 1.52
N ARG C 6 1.91 11.86 0.37
CA ARG C 6 2.53 11.71 -0.94
C ARG C 6 1.71 12.48 -1.94
N LYS C 7 2.11 12.45 -3.21
CA LYS C 7 1.31 13.09 -4.25
C LYS C 7 1.39 12.31 -5.57
N VAL C 8 0.52 12.65 -6.52
CA VAL C 8 0.40 11.86 -7.74
C VAL C 8 1.75 11.68 -8.43
N GLY C 9 2.08 10.42 -8.73
CA GLY C 9 3.32 10.05 -9.42
C GLY C 9 4.39 9.47 -8.49
N GLU C 10 4.25 9.66 -7.17
CA GLU C 10 5.22 9.16 -6.20
C GLU C 10 4.99 7.69 -5.87
N SER C 11 5.85 7.11 -5.02
CA SER C 11 5.77 5.70 -4.66
C SER C 11 6.15 5.44 -3.20
N ILE C 12 5.81 4.24 -2.73
CA ILE C 12 6.11 3.74 -1.38
C ILE C 12 6.56 2.28 -1.50
N ASN C 13 7.20 1.75 -0.46
CA ASN C 13 7.68 0.38 -0.46
C ASN C 13 7.26 -0.33 0.84
N ILE C 14 6.99 -1.64 0.75
CA ILE C 14 6.51 -2.41 1.89
C ILE C 14 7.09 -3.83 1.85
N GLY C 15 7.44 -4.35 3.03
CA GLY C 15 7.87 -5.73 3.22
C GLY C 15 9.07 -6.14 2.35
N ASP C 16 9.77 -5.16 1.76
CA ASP C 16 10.91 -5.38 0.90
C ASP C 16 10.62 -6.31 -0.30
N ASP C 17 9.34 -6.59 -0.58
CA ASP C 17 8.93 -7.37 -1.75
C ASP C 17 7.68 -6.77 -2.37
N ILE C 18 7.23 -5.61 -1.88
CA ILE C 18 6.05 -4.95 -2.41
C ILE C 18 6.37 -3.47 -2.60
N THR C 19 5.71 -2.87 -3.61
CA THR C 19 5.85 -1.46 -3.92
C THR C 19 4.47 -0.90 -4.22
N ILE C 20 4.27 0.39 -3.97
CA ILE C 20 2.99 1.05 -4.15
C ILE C 20 3.22 2.34 -4.92
N THR C 21 2.22 2.75 -5.71
CA THR C 21 2.33 3.94 -6.54
C THR C 21 0.98 4.67 -6.55
N ILE C 22 1.01 5.99 -6.72
CA ILE C 22 -0.18 6.82 -6.73
C ILE C 22 -0.37 7.36 -8.15
N LEU C 23 -1.05 6.58 -8.98
CA LEU C 23 -1.12 6.87 -10.41
C LEU C 23 -1.85 8.17 -10.69
N GLY C 24 -2.73 8.61 -9.77
CA GLY C 24 -3.39 9.90 -9.91
C GLY C 24 -4.66 10.00 -9.07
N VAL C 25 -5.36 11.13 -9.20
CA VAL C 25 -6.65 11.32 -8.53
C VAL C 25 -7.73 11.74 -9.52
N SER C 26 -8.97 11.61 -9.08
CA SER C 26 -10.16 12.00 -9.82
C SER C 26 -11.22 12.38 -8.80
N GLY C 27 -11.06 13.57 -8.20
CA GLY C 27 -11.94 13.98 -7.13
C GLY C 27 -11.55 13.19 -5.88
N GLN C 28 -12.54 12.77 -5.09
CA GLN C 28 -12.23 11.91 -3.95
C GLN C 28 -11.78 10.53 -4.38
N GLN C 29 -11.93 10.18 -5.66
CA GLN C 29 -11.47 8.89 -6.15
C GLN C 29 -9.96 8.98 -6.36
N VAL C 30 -9.24 7.87 -6.19
CA VAL C 30 -7.79 7.86 -6.28
C VAL C 30 -7.36 6.57 -6.97
N ARG C 31 -6.62 6.68 -8.08
CA ARG C 31 -6.13 5.50 -8.78
C ARG C 31 -4.76 5.15 -8.23
N ILE C 32 -4.61 3.91 -7.77
CA ILE C 32 -3.44 3.46 -7.06
C ILE C 32 -2.87 2.23 -7.75
N GLY C 33 -1.57 1.99 -7.59
CA GLY C 33 -0.87 0.87 -8.18
C GLY C 33 -0.21 0.05 -7.08
N ILE C 34 -0.03 -1.24 -7.33
CA ILE C 34 0.59 -2.16 -6.40
C ILE C 34 1.46 -3.11 -7.21
N ASN C 35 2.60 -3.50 -6.65
CA ASN C 35 3.57 -4.30 -7.37
C ASN C 35 4.23 -5.29 -6.40
N ALA C 36 3.81 -6.55 -6.48
CA ALA C 36 4.26 -7.61 -5.60
C ALA C 36 4.21 -8.95 -6.33
N PRO C 37 4.97 -9.94 -5.85
CA PRO C 37 4.93 -11.29 -6.37
C PRO C 37 3.57 -11.94 -6.09
N LYS C 38 3.11 -12.85 -6.94
CA LYS C 38 1.87 -13.58 -6.69
C LYS C 38 2.00 -14.47 -5.45
N ASP C 39 3.21 -14.53 -4.86
CA ASP C 39 3.45 -15.22 -3.61
C ASP C 39 2.74 -14.52 -2.45
N VAL C 40 2.15 -13.36 -2.73
CA VAL C 40 1.37 -12.58 -1.78
C VAL C 40 0.12 -12.06 -2.49
N ALA C 41 -0.84 -11.52 -1.73
CA ALA C 41 -2.11 -11.12 -2.30
C ALA C 41 -2.37 -9.64 -2.08
N VAL C 42 -3.21 -9.04 -2.94
CA VAL C 42 -3.56 -7.62 -2.84
C VAL C 42 -5.02 -7.44 -3.25
N HIS C 43 -5.83 -6.79 -2.42
CA HIS C 43 -7.22 -6.50 -2.75
C HIS C 43 -7.72 -5.33 -1.91
N ARG C 44 -8.79 -4.66 -2.37
CA ARG C 44 -9.39 -3.63 -1.54
C ARG C 44 -10.11 -4.29 -0.36
N GLU C 45 -10.38 -3.53 0.69
CA GLU C 45 -10.96 -4.04 1.93
C GLU C 45 -12.30 -4.75 1.70
N GLU C 46 -13.01 -4.44 0.60
CA GLU C 46 -14.29 -5.05 0.30
C GLU C 46 -14.10 -6.46 -0.27
N ILE C 47 -13.09 -6.67 -1.12
CA ILE C 47 -12.82 -7.97 -1.72
C ILE C 47 -12.12 -8.84 -0.69
N TYR C 48 -11.29 -8.22 0.16
CA TYR C 48 -10.48 -8.93 1.13
C TYR C 48 -11.32 -9.81 2.05
N GLN C 49 -12.56 -9.42 2.33
CA GLN C 49 -13.43 -10.20 3.20
C GLN C 49 -13.89 -11.50 2.52
N ARG C 50 -13.80 -11.57 1.20
CA ARG C 50 -14.08 -12.80 0.47
C ARG C 50 -12.81 -13.66 0.40
N ILE C 51 -11.65 -13.06 0.69
CA ILE C 51 -10.39 -13.79 0.71
C ILE C 51 -10.27 -14.55 2.03
N GLN C 52 -10.34 -13.79 3.13
CA GLN C 52 -10.09 -14.29 4.47
C GLN C 52 -11.18 -15.27 4.93
N ALA C 53 -12.15 -15.57 4.06
CA ALA C 53 -13.18 -16.54 4.35
C ALA C 53 -12.64 -17.97 4.40
N GLY C 54 -11.40 -18.19 3.92
CA GLY C 54 -10.80 -19.52 3.99
C GLY C 54 -9.68 -19.75 2.96
N LEU C 55 -9.20 -18.69 2.30
CA LEU C 55 -8.20 -18.83 1.24
C LEU C 55 -7.36 -17.56 1.13
N THR C 56 -6.40 -17.52 0.19
CA THR C 56 -5.60 -16.32 -0.03
C THR C 56 -5.10 -16.21 -1.47
N ALA C 57 -4.86 -17.35 -2.14
CA ALA C 57 -4.36 -17.36 -3.50
C ALA C 57 -4.73 -18.65 -4.23
N PRO C 58 -6.03 -18.89 -4.46
CA PRO C 58 -6.52 -20.08 -5.16
C PRO C 58 -5.86 -20.34 -6.51
N ASP C 59 -6.10 -21.54 -7.03
CA ASP C 59 -5.49 -22.02 -8.27
C ASP C 59 -5.90 -21.20 -9.50
N MET A 1 1.96 -5.24 -12.04
CA MET A 1 1.15 -4.29 -11.26
C MET A 1 -0.28 -4.75 -11.16
N LEU A 2 -0.96 -4.35 -10.09
CA LEU A 2 -2.38 -4.57 -9.89
C LEU A 2 -3.00 -3.21 -9.53
N ILE A 3 -3.73 -2.63 -10.49
CA ILE A 3 -4.30 -1.29 -10.39
C ILE A 3 -5.79 -1.37 -10.05
N LEU A 4 -6.26 -0.42 -9.24
CA LEU A 4 -7.66 -0.28 -8.90
C LEU A 4 -7.95 1.11 -8.31
N THR A 5 -9.23 1.42 -8.07
CA THR A 5 -9.60 2.70 -7.48
C THR A 5 -10.20 2.54 -6.09
N ARG A 6 -10.13 3.62 -5.30
CA ARG A 6 -10.78 3.77 -4.02
C ARG A 6 -11.18 5.23 -3.85
N LYS A 7 -12.07 5.50 -2.90
CA LYS A 7 -12.52 6.84 -2.56
C LYS A 7 -11.91 7.24 -1.23
N VAL A 8 -11.87 8.54 -0.92
CA VAL A 8 -11.31 8.96 0.35
C VAL A 8 -12.10 8.33 1.49
N GLY A 9 -11.40 7.68 2.43
CA GLY A 9 -12.04 7.02 3.56
C GLY A 9 -12.23 5.52 3.35
N GLU A 10 -11.64 4.94 2.30
CA GLU A 10 -11.74 3.52 2.02
C GLU A 10 -10.37 2.85 2.10
N SER A 11 -10.33 1.51 1.98
CA SER A 11 -9.12 0.74 2.28
C SER A 11 -8.83 -0.37 1.27
N ILE A 12 -7.67 -1.00 1.46
CA ILE A 12 -7.05 -1.99 0.60
C ILE A 12 -6.18 -2.88 1.50
N ASN A 13 -5.74 -4.03 1.01
CA ASN A 13 -4.96 -4.98 1.81
C ASN A 13 -3.87 -5.67 0.99
N ILE A 14 -2.82 -6.11 1.69
CA ILE A 14 -1.66 -6.77 1.09
C ILE A 14 -1.08 -7.81 2.05
N GLY A 15 -0.48 -8.87 1.50
CA GLY A 15 0.28 -9.86 2.24
C GLY A 15 -0.47 -10.54 3.39
N ASP A 16 -1.80 -10.40 3.44
CA ASP A 16 -2.64 -10.97 4.48
C ASP A 16 -2.23 -10.54 5.89
N ASP A 17 -1.35 -9.54 6.04
CA ASP A 17 -0.95 -8.99 7.33
C ASP A 17 -0.76 -7.48 7.24
N ILE A 18 -1.17 -6.86 6.11
CA ILE A 18 -1.01 -5.44 5.89
C ILE A 18 -2.33 -4.86 5.39
N THR A 19 -2.56 -3.59 5.72
CA THR A 19 -3.72 -2.83 5.30
C THR A 19 -3.28 -1.45 4.88
N ILE A 20 -4.00 -0.85 3.93
CA ILE A 20 -3.72 0.48 3.40
C ILE A 20 -5.03 1.24 3.37
N THR A 21 -4.98 2.56 3.57
CA THR A 21 -6.18 3.38 3.60
C THR A 21 -5.90 4.76 3.01
N ILE A 22 -6.73 5.17 2.06
CA ILE A 22 -6.67 6.51 1.50
C ILE A 22 -7.33 7.46 2.49
N LEU A 23 -6.54 8.11 3.35
CA LEU A 23 -7.08 8.92 4.43
C LEU A 23 -7.74 10.19 3.88
N GLY A 24 -7.27 10.66 2.72
CA GLY A 24 -7.89 11.79 2.06
C GLY A 24 -6.98 12.39 0.99
N VAL A 25 -7.43 13.45 0.33
CA VAL A 25 -6.62 14.15 -0.66
C VAL A 25 -6.53 15.64 -0.35
N SER A 26 -5.57 16.29 -0.98
CA SER A 26 -5.33 17.72 -0.87
C SER A 26 -4.70 18.17 -2.18
N GLY A 27 -5.51 18.23 -3.25
CA GLY A 27 -5.00 18.52 -4.57
C GLY A 27 -4.17 17.34 -5.06
N GLN A 28 -3.04 17.61 -5.69
CA GLN A 28 -2.15 16.57 -6.17
C GLN A 28 -1.51 15.81 -4.99
N GLN A 29 -1.61 16.33 -3.77
CA GLN A 29 -1.10 15.64 -2.60
C GLN A 29 -2.17 14.67 -2.10
N VAL A 30 -1.74 13.56 -1.49
CA VAL A 30 -2.65 12.55 -0.99
C VAL A 30 -2.12 12.04 0.35
N ARG A 31 -2.95 12.04 1.40
CA ARG A 31 -2.55 11.51 2.69
C ARG A 31 -3.02 10.07 2.77
N ILE A 32 -2.10 9.19 3.17
CA ILE A 32 -2.34 7.76 3.13
C ILE A 32 -1.98 7.16 4.48
N GLY A 33 -2.64 6.06 4.82
CA GLY A 33 -2.43 5.33 6.07
C GLY A 33 -1.97 3.92 5.73
N ILE A 34 -1.17 3.35 6.62
CA ILE A 34 -0.63 2.02 6.46
C ILE A 34 -0.70 1.32 7.81
N ASN A 35 -0.99 0.03 7.81
CA ASN A 35 -1.15 -0.72 9.03
C ASN A 35 -0.61 -2.12 8.87
N ALA A 36 0.56 -2.37 9.45
CA ALA A 36 1.25 -3.64 9.40
C ALA A 36 2.04 -3.83 10.68
N PRO A 37 2.37 -5.07 11.05
CA PRO A 37 3.18 -5.36 12.21
C PRO A 37 4.55 -4.71 12.02
N LYS A 38 5.17 -4.24 13.10
CA LYS A 38 6.49 -3.59 13.02
C LYS A 38 7.55 -4.57 12.52
N ASP A 39 7.16 -5.84 12.39
CA ASP A 39 7.94 -6.94 11.86
C ASP A 39 8.24 -6.77 10.36
N VAL A 40 7.64 -5.76 9.72
CA VAL A 40 7.88 -5.45 8.32
C VAL A 40 8.13 -3.94 8.18
N ALA A 41 8.59 -3.49 7.02
CA ALA A 41 8.98 -2.10 6.84
C ALA A 41 8.07 -1.39 5.85
N VAL A 42 7.95 -0.06 6.00
CA VAL A 42 7.16 0.76 5.10
C VAL A 42 7.82 2.14 5.00
N HIS A 43 8.06 2.63 3.77
CA HIS A 43 8.59 3.98 3.58
C HIS A 43 8.28 4.45 2.16
N ARG A 44 8.40 5.76 1.93
CA ARG A 44 8.31 6.31 0.59
C ARG A 44 9.50 5.78 -0.22
N GLU A 45 9.37 5.72 -1.54
CA GLU A 45 10.41 5.16 -2.41
C GLU A 45 11.75 5.86 -2.21
N GLU A 46 11.73 7.16 -1.86
CA GLU A 46 12.96 7.91 -1.66
C GLU A 46 13.66 7.49 -0.37
N ILE A 47 12.88 7.17 0.67
CA ILE A 47 13.44 6.82 1.97
C ILE A 47 13.86 5.36 1.97
N TYR A 48 13.15 4.53 1.20
CA TYR A 48 13.42 3.11 1.06
C TYR A 48 14.85 2.86 0.58
N GLN A 49 15.44 3.84 -0.12
CA GLN A 49 16.78 3.71 -0.67
C GLN A 49 17.85 3.65 0.42
N ARG A 50 17.52 4.01 1.67
CA ARG A 50 18.46 3.93 2.77
C ARG A 50 18.51 2.49 3.26
N ILE A 51 17.35 1.84 3.35
CA ILE A 51 17.21 0.46 3.80
C ILE A 51 17.85 -0.48 2.77
N GLN A 52 18.23 0.07 1.62
CA GLN A 52 18.86 -0.68 0.54
C GLN A 52 20.27 -0.21 0.20
N ALA A 53 20.74 0.89 0.80
CA ALA A 53 22.06 1.43 0.47
C ALA A 53 22.89 1.92 1.67
N GLY A 54 22.36 1.88 2.89
CA GLY A 54 23.09 2.29 4.07
C GLY A 54 22.55 1.64 5.35
N LEU A 55 21.38 1.00 5.23
CA LEU A 55 20.69 0.28 6.28
C LEU A 55 20.45 1.14 7.53
N THR A 56 19.92 0.52 8.58
CA THR A 56 19.56 1.20 9.83
C THR A 56 19.99 0.38 11.05
N ALA A 57 20.71 -0.72 10.83
CA ALA A 57 21.17 -1.59 11.90
C ALA A 57 22.47 -2.31 11.51
N PRO A 58 23.57 -1.56 11.31
CA PRO A 58 24.88 -2.11 10.98
C PRO A 58 25.36 -3.21 11.92
N ASP A 59 26.48 -3.84 11.55
CA ASP A 59 27.07 -4.94 12.30
C ASP A 59 27.51 -4.54 13.71
N MET C 1 -0.80 2.51 13.05
CA MET C 1 -0.77 3.11 11.70
C MET C 1 0.55 3.80 11.42
N LEU C 2 0.82 4.02 10.13
CA LEU C 2 1.91 4.86 9.67
C LEU C 2 1.35 5.73 8.56
N ILE C 3 1.28 7.05 8.80
CA ILE C 3 0.64 8.00 7.93
C ILE C 3 1.68 8.93 7.30
N LEU C 4 1.47 9.26 6.03
CA LEU C 4 2.35 10.15 5.29
C LEU C 4 1.67 10.68 4.04
N THR C 5 2.34 11.58 3.30
CA THR C 5 1.82 12.11 2.06
C THR C 5 2.76 11.85 0.90
N ARG C 6 2.18 11.78 -0.29
CA ARG C 6 2.86 11.66 -1.57
C ARG C 6 2.03 12.41 -2.60
N LYS C 7 2.59 12.63 -3.79
CA LYS C 7 1.83 13.25 -4.88
C LYS C 7 1.67 12.28 -6.02
N VAL C 8 0.71 12.57 -6.91
CA VAL C 8 0.43 11.73 -8.06
C VAL C 8 1.69 11.52 -8.89
N GLY C 9 2.01 10.25 -9.17
CA GLY C 9 3.17 9.87 -9.95
C GLY C 9 4.31 9.35 -9.08
N GLU C 10 4.26 9.58 -7.76
CA GLU C 10 5.29 9.13 -6.83
C GLU C 10 5.02 7.69 -6.39
N SER C 11 5.91 7.13 -5.57
CA SER C 11 5.83 5.74 -5.16
C SER C 11 6.17 5.54 -3.69
N ILE C 12 5.86 4.35 -3.18
CA ILE C 12 6.06 3.92 -1.80
C ILE C 12 6.48 2.45 -1.83
N ASN C 13 6.97 1.91 -0.72
CA ASN C 13 7.45 0.54 -0.66
C ASN C 13 7.05 -0.13 0.65
N ILE C 14 6.95 -1.46 0.62
CA ILE C 14 6.59 -2.28 1.77
C ILE C 14 7.44 -3.54 1.76
N GLY C 15 7.86 -3.97 2.96
CA GLY C 15 8.73 -5.13 3.09
C GLY C 15 9.99 -4.94 2.26
N ASP C 16 10.37 -5.96 1.51
CA ASP C 16 11.51 -5.92 0.61
C ASP C 16 11.15 -6.60 -0.71
N ASP C 17 9.85 -6.78 -0.96
CA ASP C 17 9.35 -7.46 -2.15
C ASP C 17 8.07 -6.79 -2.68
N ILE C 18 7.66 -5.65 -2.12
CA ILE C 18 6.44 -4.98 -2.56
C ILE C 18 6.72 -3.50 -2.84
N THR C 19 6.00 -2.96 -3.82
CA THR C 19 6.08 -1.55 -4.19
C THR C 19 4.67 -1.04 -4.45
N ILE C 20 4.46 0.27 -4.30
CA ILE C 20 3.16 0.91 -4.45
C ILE C 20 3.35 2.19 -5.25
N THR C 21 2.38 2.57 -6.07
CA THR C 21 2.46 3.79 -6.86
C THR C 21 1.10 4.49 -6.88
N ILE C 22 1.10 5.78 -6.56
CA ILE C 22 -0.11 6.61 -6.63
C ILE C 22 -0.25 7.09 -8.07
N LEU C 23 -1.05 6.36 -8.86
CA LEU C 23 -1.12 6.60 -10.30
C LEU C 23 -1.79 7.93 -10.62
N GLY C 24 -2.71 8.40 -9.79
CA GLY C 24 -3.35 9.68 -10.01
C GLY C 24 -4.62 9.85 -9.18
N VAL C 25 -5.31 10.98 -9.38
CA VAL C 25 -6.58 11.25 -8.72
C VAL C 25 -7.66 11.56 -9.75
N SER C 26 -8.91 11.47 -9.30
CA SER C 26 -10.10 11.74 -10.08
C SER C 26 -11.16 12.23 -9.09
N GLY C 27 -10.93 13.42 -8.54
CA GLY C 27 -11.77 13.93 -7.47
C GLY C 27 -11.51 13.11 -6.21
N GLN C 28 -12.56 12.77 -5.46
CA GLN C 28 -12.41 11.95 -4.28
C GLN C 28 -11.94 10.55 -4.62
N GLN C 29 -11.97 10.15 -5.90
CA GLN C 29 -11.49 8.83 -6.26
C GLN C 29 -9.99 8.92 -6.54
N VAL C 30 -9.28 7.86 -6.20
CA VAL C 30 -7.84 7.81 -6.36
C VAL C 30 -7.49 6.48 -7.01
N ARG C 31 -6.64 6.52 -8.05
CA ARG C 31 -6.22 5.31 -8.74
C ARG C 31 -4.83 4.96 -8.25
N ILE C 32 -4.66 3.71 -7.84
CA ILE C 32 -3.46 3.27 -7.16
C ILE C 32 -3.00 1.95 -7.79
N GLY C 33 -1.70 1.66 -7.68
CA GLY C 33 -1.14 0.44 -8.21
C GLY C 33 -0.29 -0.24 -7.15
N ILE C 34 -0.16 -1.57 -7.26
CA ILE C 34 0.60 -2.38 -6.35
C ILE C 34 1.46 -3.33 -7.18
N ASN C 35 2.67 -3.62 -6.72
CA ASN C 35 3.60 -4.47 -7.44
C ASN C 35 4.27 -5.44 -6.47
N ALA C 36 3.89 -6.71 -6.55
CA ALA C 36 4.40 -7.75 -5.67
C ALA C 36 4.33 -9.10 -6.36
N PRO C 37 5.11 -10.09 -5.89
CA PRO C 37 5.06 -11.46 -6.38
C PRO C 37 3.72 -12.10 -6.04
N LYS C 38 3.27 -13.08 -6.85
CA LYS C 38 2.04 -13.82 -6.55
C LYS C 38 2.20 -14.64 -5.27
N ASP C 39 3.43 -14.67 -4.70
CA ASP C 39 3.69 -15.30 -3.42
C ASP C 39 2.98 -14.55 -2.28
N VAL C 40 2.39 -13.40 -2.59
CA VAL C 40 1.61 -12.62 -1.65
C VAL C 40 0.34 -12.15 -2.35
N ALA C 41 -0.64 -11.67 -1.59
CA ALA C 41 -1.93 -11.32 -2.15
C ALA C 41 -2.20 -9.83 -2.02
N VAL C 42 -3.04 -9.29 -2.92
CA VAL C 42 -3.43 -7.89 -2.92
C VAL C 42 -4.87 -7.77 -3.38
N HIS C 43 -5.71 -7.06 -2.62
CA HIS C 43 -7.10 -6.81 -2.99
C HIS C 43 -7.62 -5.57 -2.29
N ARG C 44 -8.69 -4.98 -2.82
CA ARG C 44 -9.39 -3.92 -2.10
C ARG C 44 -10.03 -4.51 -0.85
N GLU C 45 -10.32 -3.68 0.15
CA GLU C 45 -10.80 -4.15 1.45
C GLU C 45 -12.09 -4.97 1.32
N GLU C 46 -12.85 -4.76 0.24
CA GLU C 46 -14.12 -5.46 0.06
C GLU C 46 -13.89 -6.93 -0.27
N ILE C 47 -12.95 -7.21 -1.17
CA ILE C 47 -12.63 -8.56 -1.58
C ILE C 47 -11.83 -9.26 -0.49
N TYR C 48 -11.07 -8.48 0.29
CA TYR C 48 -10.24 -9.03 1.34
C TYR C 48 -11.07 -9.78 2.37
N GLN C 49 -12.24 -9.26 2.71
CA GLN C 49 -13.09 -9.84 3.74
C GLN C 49 -13.68 -11.20 3.30
N ARG C 50 -13.62 -11.51 2.01
CA ARG C 50 -14.07 -12.80 1.49
C ARG C 50 -12.93 -13.82 1.57
N ILE C 51 -11.71 -13.36 1.88
CA ILE C 51 -10.53 -14.20 1.83
C ILE C 51 -9.98 -14.49 3.23
N GLN C 52 -10.07 -13.52 4.14
CA GLN C 52 -9.59 -13.69 5.50
C GLN C 52 -10.56 -14.54 6.32
N ALA C 53 -11.67 -14.98 5.71
CA ALA C 53 -12.68 -15.77 6.37
C ALA C 53 -12.18 -17.17 6.75
N GLY C 54 -11.07 -17.64 6.16
CA GLY C 54 -10.53 -18.95 6.51
C GLY C 54 -9.84 -19.66 5.35
N LEU C 55 -9.41 -18.94 4.31
CA LEU C 55 -8.91 -19.60 3.11
C LEU C 55 -7.78 -18.85 2.42
N THR C 56 -6.94 -18.14 3.18
CA THR C 56 -5.78 -17.47 2.60
C THR C 56 -4.76 -18.47 2.05
N ALA C 57 -5.00 -19.77 2.21
CA ALA C 57 -4.14 -20.83 1.71
C ALA C 57 -5.00 -22.04 1.31
N PRO C 58 -5.74 -21.93 0.19
CA PRO C 58 -6.65 -22.95 -0.29
C PRO C 58 -6.06 -24.35 -0.36
N ASP C 59 -4.76 -24.45 -0.62
CA ASP C 59 -4.09 -25.71 -0.80
C ASP C 59 -2.57 -25.54 -0.67
N MET A 1 1.97 -4.99 -12.62
CA MET A 1 1.36 -4.20 -11.55
C MET A 1 -0.13 -4.46 -11.44
N LEU A 2 -0.72 -4.10 -10.30
CA LEU A 2 -2.15 -4.23 -10.05
C LEU A 2 -2.69 -2.84 -9.71
N ILE A 3 -3.75 -2.41 -10.41
CA ILE A 3 -4.26 -1.05 -10.34
C ILE A 3 -5.76 -1.07 -10.08
N LEU A 4 -6.22 -0.14 -9.24
CA LEU A 4 -7.64 0.03 -8.96
C LEU A 4 -7.90 1.42 -8.38
N THR A 5 -9.16 1.85 -8.39
CA THR A 5 -9.53 3.13 -7.78
C THR A 5 -9.99 2.90 -6.35
N ARG A 6 -9.87 3.94 -5.53
CA ARG A 6 -10.35 3.92 -4.16
C ARG A 6 -10.78 5.34 -3.77
N LYS A 7 -11.88 5.50 -3.04
CA LYS A 7 -12.26 6.82 -2.57
C LYS A 7 -11.77 7.04 -1.15
N VAL A 8 -11.65 8.31 -0.76
CA VAL A 8 -11.19 8.67 0.56
C VAL A 8 -11.99 7.93 1.64
N GLY A 9 -11.30 7.49 2.70
CA GLY A 9 -11.93 6.85 3.84
C GLY A 9 -12.05 5.33 3.70
N GLU A 10 -11.90 4.79 2.49
CA GLU A 10 -11.95 3.35 2.28
C GLU A 10 -10.62 2.69 2.63
N SER A 11 -10.54 1.36 2.49
CA SER A 11 -9.37 0.59 2.89
C SER A 11 -9.02 -0.50 1.88
N ILE A 12 -7.85 -1.11 2.09
CA ILE A 12 -7.21 -2.07 1.19
C ILE A 12 -6.31 -2.96 2.05
N ASN A 13 -5.98 -4.16 1.55
CA ASN A 13 -5.16 -5.11 2.30
C ASN A 13 -4.11 -5.75 1.41
N ILE A 14 -3.01 -6.20 2.02
CA ILE A 14 -1.88 -6.79 1.31
C ILE A 14 -1.24 -7.87 2.18
N GLY A 15 -0.71 -8.92 1.53
CA GLY A 15 0.09 -9.96 2.15
C GLY A 15 -0.55 -10.64 3.36
N ASP A 16 -1.87 -10.47 3.55
CA ASP A 16 -2.62 -11.02 4.68
C ASP A 16 -2.05 -10.65 6.05
N ASP A 17 -1.13 -9.68 6.12
CA ASP A 17 -0.58 -9.17 7.37
C ASP A 17 -0.40 -7.65 7.30
N ILE A 18 -0.89 -7.01 6.24
CA ILE A 18 -0.75 -5.58 6.04
C ILE A 18 -2.10 -5.01 5.63
N THR A 19 -2.37 -3.77 6.06
CA THR A 19 -3.59 -3.05 5.74
C THR A 19 -3.22 -1.63 5.35
N ILE A 20 -4.04 -1.02 4.50
CA ILE A 20 -3.82 0.32 3.98
C ILE A 20 -5.13 1.09 4.05
N THR A 21 -5.07 2.40 4.32
CA THR A 21 -6.26 3.23 4.34
C THR A 21 -5.98 4.55 3.64
N ILE A 22 -6.85 4.92 2.69
CA ILE A 22 -6.72 6.17 1.95
C ILE A 22 -7.36 7.28 2.79
N LEU A 23 -6.56 7.89 3.67
CA LEU A 23 -7.06 8.81 4.69
C LEU A 23 -7.71 10.05 4.09
N GLY A 24 -7.33 10.44 2.87
CA GLY A 24 -7.96 11.56 2.21
C GLY A 24 -7.20 12.01 0.97
N VAL A 25 -7.69 13.08 0.34
CA VAL A 25 -7.11 13.64 -0.87
C VAL A 25 -7.12 15.17 -0.75
N SER A 26 -6.10 15.80 -1.33
CA SER A 26 -5.91 17.25 -1.26
C SER A 26 -5.23 17.70 -2.57
N GLY A 27 -5.98 17.62 -3.67
CA GLY A 27 -5.43 17.94 -4.97
C GLY A 27 -4.47 16.84 -5.40
N GLN A 28 -3.31 17.23 -5.93
CA GLN A 28 -2.29 16.26 -6.30
C GLN A 28 -1.74 15.54 -5.07
N GLN A 29 -1.94 16.08 -3.87
CA GLN A 29 -1.48 15.42 -2.66
C GLN A 29 -2.53 14.42 -2.17
N VAL A 30 -2.06 13.35 -1.52
CA VAL A 30 -2.91 12.28 -1.05
C VAL A 30 -2.34 11.80 0.29
N ARG A 31 -3.19 11.62 1.30
CA ARG A 31 -2.73 11.15 2.60
C ARG A 31 -3.17 9.71 2.78
N ILE A 32 -2.24 8.88 3.25
CA ILE A 32 -2.43 7.45 3.28
C ILE A 32 -1.93 6.91 4.61
N GLY A 33 -2.45 5.76 5.03
CA GLY A 33 -2.06 5.11 6.26
C GLY A 33 -1.68 3.67 5.98
N ILE A 34 -0.81 3.11 6.83
CA ILE A 34 -0.32 1.76 6.67
C ILE A 34 -0.34 1.08 8.04
N ASN A 35 -0.63 -0.21 8.05
CA ASN A 35 -0.70 -0.97 9.28
C ASN A 35 -0.14 -2.36 9.04
N ALA A 36 1.03 -2.63 9.61
CA ALA A 36 1.75 -3.88 9.46
C ALA A 36 2.57 -4.15 10.71
N PRO A 37 2.95 -5.40 10.96
CA PRO A 37 3.83 -5.76 12.06
C PRO A 37 5.19 -5.10 11.86
N LYS A 38 5.89 -4.78 12.94
CA LYS A 38 7.24 -4.22 12.85
C LYS A 38 8.22 -5.28 12.33
N ASP A 39 7.72 -6.48 12.08
CA ASP A 39 8.45 -7.56 11.41
C ASP A 39 8.70 -7.21 9.94
N VAL A 40 8.11 -6.11 9.46
CA VAL A 40 8.31 -5.60 8.12
C VAL A 40 8.49 -4.09 8.19
N ALA A 41 8.91 -3.47 7.08
CA ALA A 41 9.25 -2.06 7.09
C ALA A 41 8.45 -1.28 6.05
N VAL A 42 8.36 0.04 6.21
CA VAL A 42 7.63 0.91 5.29
C VAL A 42 8.36 2.24 5.17
N HIS A 43 8.60 2.73 3.94
CA HIS A 43 9.20 4.04 3.73
C HIS A 43 8.84 4.59 2.36
N ARG A 44 9.11 5.88 2.16
CA ARG A 44 9.00 6.53 0.85
C ARG A 44 9.97 5.85 -0.11
N GLU A 45 9.72 5.94 -1.41
CA GLU A 45 10.58 5.31 -2.41
C GLU A 45 11.99 5.90 -2.36
N GLU A 46 12.09 7.21 -2.13
CA GLU A 46 13.37 7.90 -2.05
C GLU A 46 14.11 7.58 -0.74
N ILE A 47 13.41 7.09 0.28
CA ILE A 47 14.02 6.71 1.54
C ILE A 47 14.40 5.24 1.50
N TYR A 48 13.64 4.45 0.75
CA TYR A 48 13.80 3.01 0.63
C TYR A 48 15.17 2.65 0.06
N GLN A 49 15.69 3.45 -0.88
CA GLN A 49 16.96 3.16 -1.52
C GLN A 49 18.15 3.34 -0.57
N ARG A 50 17.95 4.05 0.55
CA ARG A 50 18.98 4.20 1.57
C ARG A 50 19.02 2.97 2.47
N ILE A 51 18.03 2.09 2.33
CA ILE A 51 17.88 0.94 3.20
C ILE A 51 18.18 -0.35 2.47
N GLN A 52 17.68 -0.50 1.24
CA GLN A 52 17.91 -1.71 0.46
C GLN A 52 19.37 -1.85 0.02
N ALA A 53 20.22 -0.89 0.39
CA ALA A 53 21.63 -0.93 0.07
C ALA A 53 22.36 -2.09 0.75
N GLY A 54 21.75 -2.70 1.78
CA GLY A 54 22.36 -3.84 2.47
C GLY A 54 21.92 -3.99 3.92
N LEU A 55 20.83 -3.33 4.33
CA LEU A 55 20.41 -3.30 5.72
C LEU A 55 18.90 -3.10 5.86
N THR A 56 18.43 -2.85 7.08
CA THR A 56 17.02 -2.62 7.36
C THR A 56 16.84 -1.42 8.29
N ALA A 57 17.95 -0.87 8.79
CA ALA A 57 17.93 0.29 9.66
C ALA A 57 19.27 1.03 9.55
N PRO A 58 19.26 2.25 8.98
CA PRO A 58 20.42 3.14 8.88
C PRO A 58 21.15 3.43 10.19
N ASP A 59 22.03 4.43 10.13
CA ASP A 59 22.94 4.75 11.21
C ASP A 59 23.14 6.26 11.35
N MET C 1 -0.50 2.43 13.19
CA MET C 1 -0.54 3.03 11.83
C MET C 1 0.73 3.81 11.56
N LEU C 2 1.14 3.86 10.28
CA LEU C 2 2.19 4.72 9.81
C LEU C 2 1.59 5.53 8.67
N ILE C 3 1.25 6.79 8.98
CA ILE C 3 0.62 7.72 8.05
C ILE C 3 1.70 8.38 7.21
N LEU C 4 1.36 8.75 5.98
CA LEU C 4 2.30 9.27 5.00
C LEU C 4 1.54 10.14 4.00
N THR C 5 2.27 10.93 3.21
CA THR C 5 1.69 11.76 2.17
C THR C 5 2.52 11.60 0.91
N ARG C 6 1.85 11.68 -0.24
CA ARG C 6 2.47 11.45 -1.53
C ARG C 6 1.76 12.32 -2.57
N LYS C 7 2.37 12.54 -3.73
CA LYS C 7 1.69 13.21 -4.82
C LYS C 7 1.63 12.31 -6.05
N VAL C 8 0.71 12.63 -6.96
CA VAL C 8 0.46 11.80 -8.12
C VAL C 8 1.75 11.59 -8.91
N GLY C 9 2.07 10.33 -9.22
CA GLY C 9 3.25 9.99 -9.99
C GLY C 9 4.44 9.57 -9.13
N GLU C 10 4.25 9.42 -7.82
CA GLU C 10 5.31 9.01 -6.91
C GLU C 10 5.00 7.64 -6.29
N SER C 11 5.89 7.12 -5.44
CA SER C 11 5.76 5.76 -4.92
C SER C 11 6.17 5.65 -3.45
N ILE C 12 5.87 4.49 -2.87
CA ILE C 12 6.15 4.10 -1.50
C ILE C 12 6.51 2.62 -1.50
N ASN C 13 7.09 2.09 -0.42
CA ASN C 13 7.51 0.70 -0.37
C ASN C 13 7.14 0.05 0.97
N ILE C 14 6.99 -1.28 0.93
CA ILE C 14 6.62 -2.10 2.08
C ILE C 14 7.45 -3.38 2.04
N GLY C 15 7.80 -3.90 3.23
CA GLY C 15 8.62 -5.08 3.33
C GLY C 15 9.92 -4.88 2.54
N ASP C 16 10.33 -5.91 1.81
CA ASP C 16 11.50 -5.85 0.94
C ASP C 16 11.17 -6.50 -0.41
N ASP C 17 9.88 -6.67 -0.70
CA ASP C 17 9.39 -7.26 -1.94
C ASP C 17 8.11 -6.58 -2.43
N ILE C 18 7.69 -5.46 -1.82
CA ILE C 18 6.46 -4.80 -2.21
C ILE C 18 6.70 -3.32 -2.48
N THR C 19 5.91 -2.77 -3.41
CA THR C 19 5.96 -1.36 -3.79
C THR C 19 4.53 -0.87 -3.98
N ILE C 20 4.33 0.43 -3.81
CA ILE C 20 3.02 1.08 -3.92
C ILE C 20 3.20 2.34 -4.74
N THR C 21 2.16 2.73 -5.50
CA THR C 21 2.26 3.91 -6.35
C THR C 21 0.92 4.64 -6.38
N ILE C 22 0.96 5.95 -6.56
CA ILE C 22 -0.22 6.81 -6.62
C ILE C 22 -0.34 7.32 -8.05
N LEU C 23 -1.08 6.58 -8.88
CA LEU C 23 -1.12 6.82 -10.31
C LEU C 23 -1.83 8.12 -10.66
N GLY C 24 -2.74 8.59 -9.79
CA GLY C 24 -3.40 9.86 -10.03
C GLY C 24 -4.64 10.05 -9.14
N VAL C 25 -5.34 11.17 -9.33
CA VAL C 25 -6.58 11.45 -8.61
C VAL C 25 -7.69 11.80 -9.58
N SER C 26 -8.93 11.70 -9.08
CA SER C 26 -10.14 12.02 -9.81
C SER C 26 -11.17 12.47 -8.77
N GLY C 27 -10.90 13.59 -8.11
CA GLY C 27 -11.77 14.07 -7.06
C GLY C 27 -11.61 13.18 -5.82
N GLN C 28 -12.72 12.81 -5.19
CA GLN C 28 -12.67 11.91 -4.05
C GLN C 28 -12.17 10.53 -4.46
N GLN C 29 -12.14 10.22 -5.76
CA GLN C 29 -11.60 8.95 -6.23
C GLN C 29 -10.11 9.11 -6.48
N VAL C 30 -9.35 8.03 -6.31
CA VAL C 30 -7.90 8.04 -6.46
C VAL C 30 -7.48 6.74 -7.12
N ARG C 31 -6.65 6.79 -8.17
CA ARG C 31 -6.17 5.58 -8.82
C ARG C 31 -4.82 5.22 -8.22
N ILE C 32 -4.69 3.97 -7.78
CA ILE C 32 -3.54 3.52 -7.01
C ILE C 32 -3.00 2.22 -7.60
N GLY C 33 -1.71 1.96 -7.39
CA GLY C 33 -1.05 0.77 -7.90
C GLY C 33 -0.36 0.03 -6.77
N ILE C 34 -0.26 -1.30 -6.91
CA ILE C 34 0.41 -2.17 -5.96
C ILE C 34 1.23 -3.16 -6.76
N ASN C 35 2.43 -3.45 -6.28
CA ASN C 35 3.38 -4.25 -7.04
C ASN C 35 4.13 -5.18 -6.09
N ALA C 36 3.75 -6.46 -6.13
CA ALA C 36 4.30 -7.49 -5.27
C ALA C 36 4.27 -8.83 -6.00
N PRO C 37 5.05 -9.82 -5.55
CA PRO C 37 5.02 -11.17 -6.11
C PRO C 37 3.67 -11.81 -5.85
N LYS C 38 3.24 -12.74 -6.73
CA LYS C 38 1.99 -13.46 -6.54
C LYS C 38 2.08 -14.40 -5.34
N ASP C 39 3.26 -14.44 -4.69
CA ASP C 39 3.47 -15.13 -3.44
C ASP C 39 2.71 -14.44 -2.29
N VAL C 40 2.13 -13.27 -2.59
CA VAL C 40 1.32 -12.51 -1.66
C VAL C 40 0.09 -12.00 -2.42
N ALA C 41 -0.90 -11.47 -1.70
CA ALA C 41 -2.15 -11.08 -2.32
C ALA C 41 -2.49 -9.62 -2.01
N VAL C 42 -3.35 -9.02 -2.84
CA VAL C 42 -3.74 -7.62 -2.69
C VAL C 42 -5.21 -7.48 -3.11
N HIS C 43 -6.03 -6.82 -2.29
CA HIS C 43 -7.43 -6.55 -2.66
C HIS C 43 -7.98 -5.38 -1.88
N ARG C 44 -9.09 -4.81 -2.37
CA ARG C 44 -9.86 -3.83 -1.61
C ARG C 44 -10.30 -4.52 -0.32
N GLU C 45 -10.41 -3.78 0.78
CA GLU C 45 -10.74 -4.38 2.07
C GLU C 45 -12.09 -5.08 2.07
N GLU C 46 -12.99 -4.72 1.15
CA GLU C 46 -14.27 -5.41 1.00
C GLU C 46 -14.06 -6.78 0.39
N ILE C 47 -13.22 -6.86 -0.65
CA ILE C 47 -12.97 -8.09 -1.38
C ILE C 47 -12.11 -9.02 -0.53
N TYR C 48 -11.23 -8.43 0.28
CA TYR C 48 -10.32 -9.14 1.16
C TYR C 48 -11.05 -10.15 2.02
N GLN C 49 -12.24 -9.79 2.50
CA GLN C 49 -13.02 -10.58 3.44
C GLN C 49 -13.44 -11.94 2.88
N ARG C 50 -13.33 -12.13 1.55
CA ARG C 50 -13.63 -13.43 0.94
C ARG C 50 -12.42 -14.33 1.12
N ILE C 51 -11.22 -13.78 0.98
CA ILE C 51 -9.97 -14.51 1.08
C ILE C 51 -9.72 -14.90 2.54
N GLN C 52 -10.46 -14.30 3.46
CA GLN C 52 -10.39 -14.64 4.87
C GLN C 52 -11.56 -15.50 5.34
N ALA C 53 -12.50 -15.88 4.45
CA ALA C 53 -13.70 -16.59 4.88
C ALA C 53 -14.15 -17.73 3.95
N GLY C 54 -13.50 -17.93 2.80
CA GLY C 54 -13.88 -19.02 1.90
C GLY C 54 -13.03 -19.08 0.64
N LEU C 55 -12.22 -18.04 0.40
CA LEU C 55 -11.18 -18.01 -0.63
C LEU C 55 -11.80 -18.00 -2.03
N THR C 56 -10.94 -18.01 -3.05
CA THR C 56 -11.36 -17.94 -4.44
C THR C 56 -10.61 -18.95 -5.31
N ALA C 57 -9.82 -19.83 -4.69
CA ALA C 57 -9.07 -20.86 -5.40
C ALA C 57 -8.89 -22.11 -4.53
N PRO C 58 -9.98 -22.74 -4.06
CA PRO C 58 -9.94 -23.94 -3.26
C PRO C 58 -9.03 -25.05 -3.77
N ASP C 59 -8.74 -26.01 -2.89
CA ASP C 59 -7.87 -27.15 -3.15
C ASP C 59 -8.40 -28.08 -4.23
N MET A 1 2.00 -5.07 -11.88
CA MET A 1 1.19 -4.13 -11.11
C MET A 1 -0.27 -4.59 -11.04
N LEU A 2 -0.96 -4.20 -9.98
CA LEU A 2 -2.39 -4.40 -9.82
C LEU A 2 -2.98 -3.04 -9.47
N ILE A 3 -3.66 -2.42 -10.45
CA ILE A 3 -4.20 -1.07 -10.35
C ILE A 3 -5.69 -1.12 -10.04
N LEU A 4 -6.15 -0.20 -9.20
CA LEU A 4 -7.57 -0.03 -8.90
C LEU A 4 -7.82 1.34 -8.28
N THR A 5 -9.10 1.74 -8.19
CA THR A 5 -9.46 3.00 -7.54
C THR A 5 -9.93 2.75 -6.12
N ARG A 6 -9.91 3.80 -5.30
CA ARG A 6 -10.45 3.79 -3.97
C ARG A 6 -10.97 5.19 -3.65
N LYS A 7 -11.90 5.31 -2.69
CA LYS A 7 -12.37 6.62 -2.25
C LYS A 7 -11.72 6.98 -0.92
N VAL A 8 -11.60 8.27 -0.66
CA VAL A 8 -11.05 8.75 0.59
C VAL A 8 -11.86 8.22 1.76
N GLY A 9 -11.18 7.66 2.76
CA GLY A 9 -11.82 7.13 3.96
C GLY A 9 -12.07 5.62 3.87
N GLU A 10 -11.58 4.95 2.83
CA GLU A 10 -11.78 3.50 2.68
C GLU A 10 -10.42 2.78 2.72
N SER A 11 -10.44 1.45 2.61
CA SER A 11 -9.25 0.64 2.88
C SER A 11 -9.01 -0.45 1.83
N ILE A 12 -7.84 -1.08 1.95
CA ILE A 12 -7.24 -2.03 1.03
C ILE A 12 -6.34 -2.94 1.86
N ASN A 13 -5.99 -4.14 1.35
CA ASN A 13 -5.19 -5.09 2.12
C ASN A 13 -4.13 -5.76 1.24
N ILE A 14 -3.06 -6.21 1.90
CA ILE A 14 -1.92 -6.86 1.28
C ILE A 14 -1.45 -8.00 2.17
N GLY A 15 -1.02 -9.11 1.54
CA GLY A 15 -0.59 -10.29 2.27
C GLY A 15 -1.70 -10.75 3.20
N ASP A 16 -1.33 -11.12 4.43
CA ASP A 16 -2.28 -11.50 5.46
C ASP A 16 -1.92 -10.85 6.79
N ASP A 17 -1.04 -9.83 6.75
CA ASP A 17 -0.61 -9.09 7.93
C ASP A 17 -0.50 -7.60 7.64
N ILE A 18 -0.94 -7.13 6.46
CA ILE A 18 -0.81 -5.72 6.13
C ILE A 18 -2.15 -5.15 5.64
N THR A 19 -2.38 -3.88 5.96
CA THR A 19 -3.57 -3.14 5.57
C THR A 19 -3.14 -1.76 5.11
N ILE A 20 -3.98 -1.12 4.30
CA ILE A 20 -3.71 0.19 3.72
C ILE A 20 -4.99 1.01 3.80
N THR A 21 -4.86 2.32 3.98
CA THR A 21 -6.02 3.22 4.02
C THR A 21 -5.68 4.51 3.29
N ILE A 22 -6.68 5.09 2.62
CA ILE A 22 -6.54 6.34 1.89
C ILE A 22 -7.22 7.42 2.71
N LEU A 23 -6.44 8.07 3.58
CA LEU A 23 -7.00 8.96 4.59
C LEU A 23 -7.63 10.21 3.99
N GLY A 24 -7.17 10.64 2.81
CA GLY A 24 -7.77 11.78 2.14
C GLY A 24 -6.88 12.37 1.05
N VAL A 25 -7.35 13.46 0.43
CA VAL A 25 -6.59 14.16 -0.59
C VAL A 25 -6.44 15.64 -0.24
N SER A 26 -5.48 16.28 -0.90
CA SER A 26 -5.18 17.69 -0.77
C SER A 26 -4.59 18.15 -2.10
N GLY A 27 -5.40 18.09 -3.16
CA GLY A 27 -4.94 18.42 -4.49
C GLY A 27 -4.06 17.28 -4.99
N GLN A 28 -2.92 17.62 -5.61
CA GLN A 28 -1.99 16.60 -6.07
C GLN A 28 -1.39 15.83 -4.89
N GLN A 29 -1.50 16.36 -3.66
CA GLN A 29 -1.02 15.66 -2.49
C GLN A 29 -2.11 14.72 -1.99
N VAL A 30 -1.71 13.61 -1.36
CA VAL A 30 -2.64 12.62 -0.86
C VAL A 30 -2.09 12.10 0.46
N ARG A 31 -2.94 11.98 1.49
CA ARG A 31 -2.52 11.43 2.78
C ARG A 31 -2.94 9.98 2.84
N ILE A 32 -1.99 9.10 3.17
CA ILE A 32 -2.19 7.67 3.09
C ILE A 32 -1.69 7.03 4.38
N GLY A 33 -2.22 5.87 4.72
CA GLY A 33 -1.85 5.16 5.94
C GLY A 33 -1.53 3.70 5.62
N ILE A 34 -0.69 3.10 6.45
CA ILE A 34 -0.25 1.72 6.29
C ILE A 34 -0.27 1.07 7.67
N ASN A 35 -0.63 -0.20 7.73
CA ASN A 35 -0.73 -0.91 9.00
C ASN A 35 -0.20 -2.33 8.86
N ALA A 36 0.96 -2.56 9.49
CA ALA A 36 1.63 -3.85 9.50
C ALA A 36 2.47 -3.93 10.77
N PRO A 37 2.84 -5.14 11.22
CA PRO A 37 3.70 -5.29 12.37
C PRO A 37 5.04 -4.61 12.09
N LYS A 38 5.70 -4.09 13.13
CA LYS A 38 7.00 -3.46 12.98
C LYS A 38 8.02 -4.48 12.45
N ASP A 39 7.59 -5.73 12.37
CA ASP A 39 8.32 -6.87 11.83
C ASP A 39 8.65 -6.69 10.35
N VAL A 40 8.05 -5.69 9.69
CA VAL A 40 8.28 -5.39 8.29
C VAL A 40 8.54 -3.89 8.15
N ALA A 41 8.93 -3.44 6.96
CA ALA A 41 9.31 -2.05 6.76
C ALA A 41 8.34 -1.35 5.82
N VAL A 42 8.18 -0.02 5.98
CA VAL A 42 7.35 0.79 5.11
C VAL A 42 7.96 2.19 4.98
N HIS A 43 8.18 2.66 3.75
CA HIS A 43 8.72 4.00 3.53
C HIS A 43 8.38 4.50 2.14
N ARG A 44 8.48 5.82 1.94
CA ARG A 44 8.35 6.41 0.62
C ARG A 44 9.54 5.95 -0.23
N GLU A 45 9.34 5.91 -1.55
CA GLU A 45 10.36 5.41 -2.46
C GLU A 45 11.67 6.22 -2.34
N GLU A 46 11.57 7.49 -1.98
CA GLU A 46 12.73 8.35 -1.81
C GLU A 46 13.53 7.93 -0.58
N ILE A 47 12.84 7.59 0.50
CA ILE A 47 13.48 7.17 1.75
C ILE A 47 14.03 5.75 1.60
N TYR A 48 13.37 4.93 0.80
CA TYR A 48 13.72 3.54 0.59
C TYR A 48 15.17 3.39 0.09
N GLN A 49 15.65 4.34 -0.72
CA GLN A 49 16.98 4.27 -1.29
C GLN A 49 18.07 4.47 -0.23
N ARG A 50 17.74 5.04 0.92
CA ARG A 50 18.67 5.20 2.03
C ARG A 50 18.70 3.95 2.89
N ILE A 51 17.78 3.02 2.63
CA ILE A 51 17.57 1.86 3.48
C ILE A 51 18.02 0.58 2.78
N GLN A 52 17.83 0.51 1.46
CA GLN A 52 18.30 -0.64 0.69
C GLN A 52 19.80 -0.52 0.42
N ALA A 53 20.44 0.53 0.94
CA ALA A 53 21.85 0.79 0.72
C ALA A 53 22.75 -0.29 1.33
N GLY A 54 22.24 -1.07 2.29
CA GLY A 54 23.04 -2.12 2.89
C GLY A 54 22.68 -2.45 4.34
N LEU A 55 21.47 -2.13 4.80
CA LEU A 55 21.16 -2.32 6.21
C LEU A 55 19.70 -2.72 6.49
N THR A 56 18.76 -2.23 5.69
CA THR A 56 17.32 -2.42 5.87
C THR A 56 16.88 -2.34 7.34
N ALA A 57 17.60 -1.58 8.17
CA ALA A 57 17.29 -1.43 9.58
C ALA A 57 17.94 -0.16 10.16
N PRO A 58 17.47 1.03 9.73
CA PRO A 58 17.96 2.32 10.21
C PRO A 58 18.00 2.44 11.73
N ASP A 59 18.71 3.47 12.20
CA ASP A 59 18.90 3.71 13.62
C ASP A 59 17.57 3.79 14.37
N MET C 1 -0.43 2.14 12.79
CA MET C 1 -0.45 2.78 11.47
C MET C 1 0.79 3.64 11.27
N LEU C 2 1.17 3.84 10.00
CA LEU C 2 2.21 4.76 9.60
C LEU C 2 1.62 5.63 8.50
N ILE C 3 1.31 6.89 8.84
CA ILE C 3 0.66 7.84 7.95
C ILE C 3 1.69 8.78 7.37
N LEU C 4 1.53 9.16 6.10
CA LEU C 4 2.39 10.14 5.44
C LEU C 4 1.71 10.68 4.18
N THR C 5 2.38 11.58 3.46
CA THR C 5 1.86 12.16 2.24
C THR C 5 2.77 11.85 1.05
N ARG C 6 2.14 11.80 -0.13
CA ARG C 6 2.78 11.61 -1.41
C ARG C 6 2.00 12.42 -2.44
N LYS C 7 2.56 12.56 -3.64
CA LYS C 7 1.87 13.23 -4.73
C LYS C 7 1.67 12.27 -5.90
N VAL C 8 0.77 12.61 -6.81
CA VAL C 8 0.49 11.78 -7.96
C VAL C 8 1.78 11.47 -8.72
N GLY C 9 1.95 10.22 -9.14
CA GLY C 9 3.09 9.77 -9.91
C GLY C 9 4.23 9.24 -9.02
N GLU C 10 4.18 9.51 -7.72
CA GLU C 10 5.20 9.05 -6.78
C GLU C 10 4.95 7.61 -6.36
N SER C 11 5.83 7.07 -5.51
CA SER C 11 5.76 5.67 -5.09
C SER C 11 6.10 5.49 -3.61
N ILE C 12 5.84 4.29 -3.09
CA ILE C 12 6.08 3.90 -1.71
C ILE C 12 6.53 2.43 -1.72
N ASN C 13 7.00 1.91 -0.59
CA ASN C 13 7.52 0.55 -0.53
C ASN C 13 7.09 -0.15 0.77
N ILE C 14 7.03 -1.49 0.74
CA ILE C 14 6.68 -2.32 1.88
C ILE C 14 7.58 -3.56 1.87
N GLY C 15 8.06 -3.96 3.06
CA GLY C 15 8.99 -5.06 3.18
C GLY C 15 10.21 -4.78 2.30
N ASP C 16 10.58 -5.76 1.47
CA ASP C 16 11.64 -5.60 0.48
C ASP C 16 11.26 -6.33 -0.81
N ASP C 17 9.97 -6.69 -0.96
CA ASP C 17 9.46 -7.37 -2.14
C ASP C 17 8.12 -6.78 -2.59
N ILE C 18 7.68 -5.66 -1.99
CA ILE C 18 6.42 -5.04 -2.36
C ILE C 18 6.64 -3.55 -2.60
N THR C 19 5.92 -3.00 -3.57
CA THR C 19 6.00 -1.58 -3.94
C THR C 19 4.58 -1.08 -4.21
N ILE C 20 4.37 0.23 -4.06
CA ILE C 20 3.06 0.85 -4.20
C ILE C 20 3.24 2.14 -5.00
N THR C 21 2.23 2.52 -5.77
CA THR C 21 2.30 3.73 -6.58
C THR C 21 0.96 4.46 -6.51
N ILE C 22 1.00 5.79 -6.64
CA ILE C 22 -0.17 6.65 -6.62
C ILE C 22 -0.35 7.21 -8.03
N LEU C 23 -1.07 6.46 -8.86
CA LEU C 23 -1.12 6.73 -10.29
C LEU C 23 -1.80 8.08 -10.60
N GLY C 24 -2.66 8.55 -9.70
CA GLY C 24 -3.24 9.87 -9.86
C GLY C 24 -4.38 10.13 -8.88
N VAL C 25 -4.99 11.31 -8.97
CA VAL C 25 -6.06 11.72 -8.09
C VAL C 25 -7.21 12.31 -8.91
N SER C 26 -8.43 12.08 -8.44
CA SER C 26 -9.66 12.45 -9.13
C SER C 26 -10.71 12.83 -8.09
N GLY C 27 -10.42 13.85 -7.29
CA GLY C 27 -11.34 14.26 -6.24
C GLY C 27 -11.33 13.24 -5.13
N GLN C 28 -12.51 12.88 -4.61
CA GLN C 28 -12.61 11.89 -3.56
C GLN C 28 -12.18 10.50 -4.05
N GLN C 29 -11.96 10.32 -5.36
CA GLN C 29 -11.49 9.05 -5.87
C GLN C 29 -10.02 9.16 -6.21
N VAL C 30 -9.30 8.07 -5.99
CA VAL C 30 -7.87 8.01 -6.23
C VAL C 30 -7.53 6.72 -6.96
N ARG C 31 -6.60 6.76 -7.91
CA ARG C 31 -6.18 5.55 -8.63
C ARG C 31 -4.80 5.18 -8.11
N ILE C 32 -4.69 3.92 -7.68
CA ILE C 32 -3.52 3.43 -6.97
C ILE C 32 -3.05 2.13 -7.61
N GLY C 33 -1.76 1.81 -7.45
CA GLY C 33 -1.18 0.60 -8.02
C GLY C 33 -0.38 -0.14 -6.95
N ILE C 34 -0.23 -1.44 -7.14
CA ILE C 34 0.48 -2.31 -6.22
C ILE C 34 1.36 -3.25 -7.04
N ASN C 35 2.53 -3.58 -6.50
CA ASN C 35 3.47 -4.44 -7.20
C ASN C 35 4.12 -5.41 -6.20
N ALA C 36 3.73 -6.67 -6.30
CA ALA C 36 4.21 -7.72 -5.41
C ALA C 36 4.16 -9.07 -6.12
N PRO C 37 4.93 -10.06 -5.65
CA PRO C 37 4.89 -11.42 -6.17
C PRO C 37 3.53 -12.06 -5.88
N LYS C 38 3.09 -13.00 -6.72
CA LYS C 38 1.85 -13.74 -6.48
C LYS C 38 1.97 -14.59 -5.22
N ASP C 39 3.16 -14.63 -4.60
CA ASP C 39 3.38 -15.29 -3.33
C ASP C 39 2.64 -14.58 -2.20
N VAL C 40 2.03 -13.42 -2.50
CA VAL C 40 1.22 -12.66 -1.58
C VAL C 40 -0.02 -12.16 -2.32
N ALA C 41 -1.03 -11.70 -1.60
CA ALA C 41 -2.30 -11.33 -2.21
C ALA C 41 -2.59 -9.85 -2.00
N VAL C 42 -3.42 -9.27 -2.88
CA VAL C 42 -3.79 -7.86 -2.79
C VAL C 42 -5.24 -7.68 -3.24
N HIS C 43 -6.05 -6.98 -2.46
CA HIS C 43 -7.43 -6.68 -2.85
C HIS C 43 -7.95 -5.47 -2.07
N ARG C 44 -9.09 -4.94 -2.51
CA ARG C 44 -9.81 -3.93 -1.74
C ARG C 44 -10.18 -4.59 -0.41
N GLU C 45 -10.32 -3.82 0.68
CA GLU C 45 -10.64 -4.41 1.97
C GLU C 45 -12.02 -5.11 1.95
N GLU C 46 -12.91 -4.72 1.03
CA GLU C 46 -14.19 -5.39 0.90
C GLU C 46 -14.01 -6.77 0.25
N ILE C 47 -13.01 -6.90 -0.62
CA ILE C 47 -12.76 -8.14 -1.34
C ILE C 47 -11.79 -9.00 -0.53
N TYR C 48 -11.03 -8.38 0.36
CA TYR C 48 -10.13 -9.08 1.27
C TYR C 48 -10.93 -10.02 2.17
N GLN C 49 -12.18 -9.66 2.45
CA GLN C 49 -13.07 -10.47 3.27
C GLN C 49 -13.45 -11.75 2.55
N ARG C 50 -13.20 -11.85 1.24
CA ARG C 50 -13.47 -13.07 0.50
C ARG C 50 -12.34 -14.07 0.70
N ILE C 51 -11.25 -13.64 1.36
CA ILE C 51 -10.08 -14.48 1.63
C ILE C 51 -10.01 -14.77 3.12
N GLN C 52 -10.78 -14.01 3.92
CA GLN C 52 -10.82 -14.15 5.36
C GLN C 52 -12.18 -14.61 5.89
N ALA C 53 -13.24 -14.56 5.07
CA ALA C 53 -14.59 -14.89 5.52
C ALA C 53 -15.44 -15.59 4.45
N GLY C 54 -14.91 -15.78 3.25
CA GLY C 54 -15.66 -16.32 2.13
C GLY C 54 -14.71 -16.88 1.07
N LEU C 55 -13.79 -17.75 1.53
CA LEU C 55 -12.70 -18.30 0.76
C LEU C 55 -13.12 -18.85 -0.60
N THR C 56 -12.13 -19.12 -1.46
CA THR C 56 -12.41 -19.62 -2.79
C THR C 56 -13.17 -20.95 -2.72
N ALA C 57 -12.86 -21.78 -1.72
CA ALA C 57 -13.57 -23.01 -1.42
C ALA C 57 -13.07 -23.66 -0.13
N PRO C 58 -11.75 -23.70 0.14
CA PRO C 58 -11.20 -24.26 1.36
C PRO C 58 -11.57 -23.48 2.61
N ASP C 59 -11.06 -23.95 3.76
CA ASP C 59 -11.21 -23.28 5.04
C ASP C 59 -10.34 -22.01 5.10
N MET A 1 1.82 -5.17 -12.06
CA MET A 1 1.07 -4.21 -11.23
C MET A 1 -0.38 -4.64 -11.09
N LEU A 2 -1.01 -4.27 -9.97
CA LEU A 2 -2.44 -4.46 -9.74
C LEU A 2 -3.02 -3.10 -9.37
N ILE A 3 -3.70 -2.48 -10.35
CA ILE A 3 -4.25 -1.13 -10.27
C ILE A 3 -5.69 -1.16 -9.77
N LEU A 4 -6.11 -0.09 -9.10
CA LEU A 4 -7.44 0.04 -8.51
C LEU A 4 -7.89 1.50 -8.44
N THR A 5 -9.13 1.70 -7.99
CA THR A 5 -9.66 3.00 -7.62
C THR A 5 -10.26 2.88 -6.23
N ARG A 6 -9.75 3.70 -5.30
CA ARG A 6 -10.24 3.76 -3.93
C ARG A 6 -10.69 5.18 -3.61
N LYS A 7 -11.84 5.35 -2.96
CA LYS A 7 -12.30 6.66 -2.52
C LYS A 7 -11.64 7.03 -1.20
N VAL A 8 -11.54 8.32 -0.92
CA VAL A 8 -11.01 8.78 0.35
C VAL A 8 -11.81 8.17 1.50
N GLY A 9 -11.11 7.63 2.50
CA GLY A 9 -11.76 7.06 3.68
C GLY A 9 -12.00 5.55 3.57
N GLU A 10 -11.56 4.91 2.47
CA GLU A 10 -11.73 3.48 2.27
C GLU A 10 -10.39 2.76 2.46
N SER A 11 -10.40 1.42 2.32
CA SER A 11 -9.25 0.60 2.68
C SER A 11 -8.95 -0.51 1.65
N ILE A 12 -7.80 -1.15 1.86
CA ILE A 12 -7.20 -2.15 0.98
C ILE A 12 -6.36 -3.07 1.87
N ASN A 13 -5.95 -4.24 1.35
CA ASN A 13 -5.16 -5.20 2.13
C ASN A 13 -4.07 -5.84 1.29
N ILE A 14 -3.01 -6.30 1.98
CA ILE A 14 -1.86 -6.95 1.36
C ILE A 14 -1.43 -8.11 2.27
N GLY A 15 -1.06 -9.23 1.66
CA GLY A 15 -0.68 -10.42 2.40
C GLY A 15 -1.81 -10.82 3.34
N ASP A 16 -1.45 -11.17 4.58
CA ASP A 16 -2.41 -11.52 5.62
C ASP A 16 -1.99 -10.85 6.93
N ASP A 17 -1.11 -9.83 6.83
CA ASP A 17 -0.60 -9.12 7.99
C ASP A 17 -0.47 -7.61 7.71
N ILE A 18 -0.94 -7.14 6.55
CA ILE A 18 -0.85 -5.72 6.22
C ILE A 18 -2.20 -5.20 5.75
N THR A 19 -2.44 -3.92 6.05
CA THR A 19 -3.65 -3.20 5.64
C THR A 19 -3.22 -1.82 5.19
N ILE A 20 -3.99 -1.22 4.28
CA ILE A 20 -3.69 0.07 3.67
C ILE A 20 -4.96 0.90 3.65
N THR A 21 -4.82 2.22 3.76
CA THR A 21 -5.95 3.13 3.80
C THR A 21 -5.61 4.41 3.06
N ILE A 22 -6.63 5.06 2.50
CA ILE A 22 -6.49 6.32 1.77
C ILE A 22 -7.16 7.40 2.60
N LEU A 23 -6.38 7.99 3.52
CA LEU A 23 -6.93 8.87 4.55
C LEU A 23 -7.59 10.11 3.97
N GLY A 24 -7.17 10.54 2.77
CA GLY A 24 -7.81 11.66 2.11
C GLY A 24 -7.03 12.14 0.89
N VAL A 25 -7.50 13.25 0.31
CA VAL A 25 -6.94 13.82 -0.91
C VAL A 25 -6.95 15.34 -0.82
N SER A 26 -5.91 15.96 -1.39
CA SER A 26 -5.70 17.40 -1.34
C SER A 26 -4.99 17.83 -2.61
N GLY A 27 -5.71 17.80 -3.74
CA GLY A 27 -5.10 18.11 -5.03
C GLY A 27 -4.17 16.98 -5.42
N GLN A 28 -3.00 17.33 -5.95
CA GLN A 28 -2.01 16.34 -6.33
C GLN A 28 -1.46 15.63 -5.09
N GLN A 29 -1.65 16.19 -3.89
CA GLN A 29 -1.18 15.58 -2.66
C GLN A 29 -2.25 14.61 -2.15
N VAL A 30 -1.81 13.54 -1.48
CA VAL A 30 -2.70 12.49 -1.00
C VAL A 30 -2.15 11.99 0.34
N ARG A 31 -3.01 11.84 1.36
CA ARG A 31 -2.57 11.33 2.64
C ARG A 31 -2.98 9.86 2.73
N ILE A 32 -2.03 9.01 3.12
CA ILE A 32 -2.18 7.57 3.05
C ILE A 32 -1.83 6.95 4.39
N GLY A 33 -2.46 5.82 4.71
CA GLY A 33 -2.28 5.11 5.96
C GLY A 33 -1.79 3.70 5.67
N ILE A 34 -0.93 3.17 6.56
CA ILE A 34 -0.39 1.83 6.44
C ILE A 34 -0.43 1.20 7.82
N ASN A 35 -0.70 -0.10 7.88
CA ASN A 35 -0.84 -0.79 9.15
C ASN A 35 -0.27 -2.19 9.02
N ALA A 36 0.92 -2.39 9.59
CA ALA A 36 1.63 -3.66 9.54
C ALA A 36 2.52 -3.80 10.79
N PRO A 37 2.92 -5.04 11.14
CA PRO A 37 3.84 -5.30 12.23
C PRO A 37 5.23 -4.77 11.88
N LYS A 38 6.02 -4.43 12.91
CA LYS A 38 7.42 -4.05 12.69
C LYS A 38 8.21 -5.24 12.13
N ASP A 39 7.54 -6.38 11.97
CA ASP A 39 8.10 -7.57 11.34
C ASP A 39 8.37 -7.31 9.86
N VAL A 40 7.86 -6.19 9.35
CA VAL A 40 8.04 -5.74 7.98
C VAL A 40 8.31 -4.23 8.01
N ALA A 41 8.74 -3.66 6.89
CA ALA A 41 9.12 -2.25 6.85
C ALA A 41 8.30 -1.50 5.82
N VAL A 42 8.13 -0.19 6.02
CA VAL A 42 7.34 0.65 5.14
C VAL A 42 7.99 2.04 5.04
N HIS A 43 8.23 2.53 3.82
CA HIS A 43 8.76 3.87 3.64
C HIS A 43 8.44 4.41 2.26
N ARG A 44 8.57 5.74 2.09
CA ARG A 44 8.52 6.36 0.77
C ARG A 44 9.71 5.86 -0.02
N GLU A 45 9.63 5.89 -1.34
CA GLU A 45 10.68 5.36 -2.20
C GLU A 45 12.03 6.03 -1.93
N GLU A 46 12.02 7.30 -1.53
CA GLU A 46 13.23 8.05 -1.22
C GLU A 46 13.87 7.57 0.08
N ILE A 47 13.04 7.32 1.12
CA ILE A 47 13.53 6.87 2.41
C ILE A 47 13.88 5.39 2.33
N TYR A 48 13.22 4.66 1.43
CA TYR A 48 13.49 3.25 1.23
C TYR A 48 14.95 3.03 0.87
N GLN A 49 15.51 3.92 0.05
CA GLN A 49 16.88 3.80 -0.43
C GLN A 49 17.89 3.87 0.71
N ARG A 50 17.49 4.33 1.90
CA ARG A 50 18.42 4.37 3.02
C ARG A 50 18.57 2.95 3.56
N ILE A 51 17.45 2.23 3.60
CA ILE A 51 17.41 0.84 4.02
C ILE A 51 18.09 -0.05 2.97
N GLN A 52 18.27 0.48 1.75
CA GLN A 52 18.98 -0.25 0.71
C GLN A 52 20.46 0.17 0.61
N ALA A 53 20.94 1.13 1.41
CA ALA A 53 22.29 1.66 1.23
C ALA A 53 23.05 1.98 2.53
N GLY A 54 22.43 1.85 3.71
CA GLY A 54 23.15 2.11 4.96
C GLY A 54 22.35 1.74 6.21
N LEU A 55 21.05 1.48 6.04
CA LEU A 55 20.18 0.91 7.06
C LEU A 55 20.00 1.87 8.24
N THR A 56 19.30 1.40 9.28
CA THR A 56 19.01 2.19 10.47
C THR A 56 19.35 1.40 11.74
N ALA A 57 19.92 0.21 11.58
CA ALA A 57 20.35 -0.62 12.69
C ALA A 57 21.46 -1.59 12.27
N PRO A 58 22.57 -1.11 11.68
CA PRO A 58 23.67 -1.94 11.22
C PRO A 58 24.07 -3.02 12.22
N ASP A 59 24.44 -4.20 11.70
CA ASP A 59 24.95 -5.34 12.46
C ASP A 59 24.01 -5.85 13.56
N MET C 1 -0.53 2.42 13.09
CA MET C 1 -0.51 3.03 11.73
C MET C 1 0.80 3.74 11.46
N LEU C 2 1.06 3.98 10.18
CA LEU C 2 2.12 4.85 9.71
C LEU C 2 1.51 5.69 8.59
N ILE C 3 1.41 7.00 8.82
CA ILE C 3 0.74 7.92 7.90
C ILE C 3 1.75 8.87 7.30
N LEU C 4 1.58 9.19 6.02
CA LEU C 4 2.39 10.16 5.33
C LEU C 4 1.70 10.65 4.05
N THR C 5 2.25 11.68 3.41
CA THR C 5 1.72 12.19 2.16
C THR C 5 2.58 11.76 0.99
N ARG C 6 1.96 11.77 -0.20
CA ARG C 6 2.57 11.42 -1.45
C ARG C 6 1.91 12.29 -2.54
N LYS C 7 2.51 12.38 -3.73
CA LYS C 7 1.86 13.05 -4.83
C LYS C 7 1.78 12.12 -6.03
N VAL C 8 0.82 12.42 -6.92
CA VAL C 8 0.60 11.62 -8.11
C VAL C 8 1.89 11.45 -8.89
N GLY C 9 2.25 10.20 -9.19
CA GLY C 9 3.45 9.91 -9.95
C GLY C 9 4.64 9.50 -9.07
N GLU C 10 4.41 9.30 -7.78
CA GLU C 10 5.46 8.91 -6.83
C GLU C 10 5.15 7.52 -6.26
N SER C 11 6.04 7.00 -5.42
CA SER C 11 5.94 5.62 -4.97
C SER C 11 6.26 5.44 -3.47
N ILE C 12 5.94 4.25 -2.96
CA ILE C 12 6.13 3.82 -1.58
C ILE C 12 6.53 2.35 -1.63
N ASN C 13 7.06 1.79 -0.54
CA ASN C 13 7.53 0.42 -0.52
C ASN C 13 7.12 -0.28 0.78
N ILE C 14 6.94 -1.60 0.72
CA ILE C 14 6.50 -2.39 1.86
C ILE C 14 7.15 -3.78 1.82
N GLY C 15 7.51 -4.30 3.01
CA GLY C 15 7.99 -5.66 3.18
C GLY C 15 9.21 -6.03 2.33
N ASP C 16 9.89 -5.04 1.74
CA ASP C 16 11.04 -5.23 0.87
C ASP C 16 10.76 -6.16 -0.32
N ASP C 17 9.50 -6.49 -0.60
CA ASP C 17 9.11 -7.29 -1.76
C ASP C 17 7.82 -6.75 -2.38
N ILE C 18 7.33 -5.60 -1.87
CA ILE C 18 6.11 -4.98 -2.37
C ILE C 18 6.38 -3.50 -2.61
N THR C 19 5.71 -2.93 -3.61
CA THR C 19 5.83 -1.52 -3.93
C THR C 19 4.44 -0.98 -4.23
N ILE C 20 4.25 0.33 -4.04
CA ILE C 20 2.96 0.98 -4.24
C ILE C 20 3.21 2.24 -5.04
N THR C 21 2.28 2.61 -5.93
CA THR C 21 2.42 3.80 -6.74
C THR C 21 1.10 4.53 -6.83
N ILE C 22 1.12 5.83 -6.53
CA ILE C 22 -0.05 6.69 -6.61
C ILE C 22 -0.18 7.18 -8.04
N LEU C 23 -0.95 6.44 -8.85
CA LEU C 23 -1.00 6.63 -10.29
C LEU C 23 -1.69 7.94 -10.68
N GLY C 24 -2.56 8.47 -9.81
CA GLY C 24 -3.21 9.74 -10.08
C GLY C 24 -4.44 9.94 -9.18
N VAL C 25 -5.14 11.06 -9.38
CA VAL C 25 -6.37 11.34 -8.63
C VAL C 25 -7.53 11.59 -9.58
N SER C 26 -8.74 11.50 -9.03
CA SER C 26 -9.99 11.74 -9.73
C SER C 26 -10.98 12.24 -8.69
N GLY C 27 -10.64 13.36 -8.04
CA GLY C 27 -11.47 13.92 -7.00
C GLY C 27 -11.36 13.06 -5.75
N GLN C 28 -12.51 12.72 -5.15
CA GLN C 28 -12.53 11.85 -3.97
C GLN C 28 -12.04 10.46 -4.31
N GLN C 29 -11.92 10.12 -5.60
CA GLN C 29 -11.42 8.83 -6.01
C GLN C 29 -9.94 8.96 -6.37
N VAL C 30 -9.17 7.91 -6.12
CA VAL C 30 -7.74 7.94 -6.36
C VAL C 30 -7.33 6.64 -7.05
N ARG C 31 -6.57 6.74 -8.14
CA ARG C 31 -6.11 5.56 -8.84
C ARG C 31 -4.74 5.18 -8.30
N ILE C 32 -4.60 3.93 -7.89
CA ILE C 32 -3.40 3.47 -7.19
C ILE C 32 -2.99 2.12 -7.78
N GLY C 33 -1.71 1.79 -7.66
CA GLY C 33 -1.18 0.53 -8.17
C GLY C 33 -0.36 -0.17 -7.10
N ILE C 34 -0.21 -1.49 -7.25
CA ILE C 34 0.52 -2.33 -6.31
C ILE C 34 1.40 -3.27 -7.13
N ASN C 35 2.58 -3.58 -6.61
CA ASN C 35 3.52 -4.45 -7.31
C ASN C 35 4.17 -5.38 -6.29
N ALA C 36 3.83 -6.66 -6.38
CA ALA C 36 4.33 -7.69 -5.48
C ALA C 36 4.34 -9.04 -6.20
N PRO C 37 5.13 -10.00 -5.70
CA PRO C 37 5.12 -11.37 -6.21
C PRO C 37 3.78 -12.02 -5.93
N LYS C 38 3.38 -13.00 -6.74
CA LYS C 38 2.18 -13.79 -6.46
C LYS C 38 2.39 -14.65 -5.22
N ASP C 39 3.58 -14.54 -4.63
CA ASP C 39 3.94 -15.16 -3.36
C ASP C 39 3.11 -14.54 -2.23
N VAL C 40 2.44 -13.42 -2.53
CA VAL C 40 1.59 -12.70 -1.61
C VAL C 40 0.34 -12.24 -2.37
N ALA C 41 -0.66 -11.75 -1.64
CA ALA C 41 -1.93 -11.39 -2.25
C ALA C 41 -2.25 -9.92 -2.00
N VAL C 42 -3.11 -9.35 -2.86
CA VAL C 42 -3.53 -7.96 -2.75
C VAL C 42 -4.98 -7.84 -3.18
N HIS C 43 -5.83 -7.17 -2.38
CA HIS C 43 -7.21 -6.94 -2.78
C HIS C 43 -7.78 -5.74 -2.03
N ARG C 44 -8.90 -5.22 -2.52
CA ARG C 44 -9.65 -4.18 -1.82
C ARG C 44 -10.17 -4.78 -0.51
N GLU C 45 -10.45 -3.93 0.48
CA GLU C 45 -10.88 -4.42 1.79
C GLU C 45 -12.17 -5.23 1.70
N GLU C 46 -12.98 -4.98 0.65
CA GLU C 46 -14.21 -5.75 0.44
C GLU C 46 -13.89 -7.19 0.06
N ILE C 47 -13.01 -7.37 -0.93
CA ILE C 47 -12.73 -8.68 -1.49
C ILE C 47 -11.89 -9.49 -0.51
N TYR C 48 -11.11 -8.81 0.33
CA TYR C 48 -10.26 -9.46 1.30
C TYR C 48 -11.11 -10.26 2.29
N GLN C 49 -12.27 -9.73 2.69
CA GLN C 49 -13.13 -10.37 3.66
C GLN C 49 -13.80 -11.63 3.10
N ARG C 50 -13.81 -11.78 1.77
CA ARG C 50 -14.33 -12.99 1.12
C ARG C 50 -13.26 -14.08 1.12
N ILE C 51 -12.02 -13.71 1.48
CA ILE C 51 -10.89 -14.62 1.38
C ILE C 51 -10.41 -15.03 2.76
N GLN C 52 -10.32 -14.07 3.69
CA GLN C 52 -9.86 -14.36 5.04
C GLN C 52 -10.89 -15.19 5.82
N ALA C 53 -12.01 -15.54 5.18
CA ALA C 53 -13.02 -16.39 5.78
C ALA C 53 -12.50 -17.81 6.00
N GLY C 54 -11.37 -18.18 5.38
CA GLY C 54 -10.77 -19.49 5.59
C GLY C 54 -10.02 -20.04 4.39
N LEU C 55 -9.68 -19.21 3.40
CA LEU C 55 -9.09 -19.71 2.16
C LEU C 55 -8.23 -18.68 1.46
N THR C 56 -7.71 -19.04 0.27
CA THR C 56 -6.97 -18.14 -0.61
C THR C 56 -7.26 -18.46 -2.07
N ALA C 57 -8.21 -19.37 -2.33
CA ALA C 57 -8.61 -19.73 -3.67
C ALA C 57 -10.07 -20.21 -3.64
N PRO C 58 -10.94 -19.63 -4.48
CA PRO C 58 -12.32 -20.06 -4.65
C PRO C 58 -12.47 -21.55 -4.96
N ASP C 59 -13.73 -22.01 -4.99
CA ASP C 59 -14.06 -23.40 -5.25
C ASP C 59 -13.63 -23.85 -6.64
N MET A 1 1.75 -5.19 -12.52
CA MET A 1 1.20 -4.27 -11.53
C MET A 1 -0.31 -4.48 -11.38
N LEU A 2 -0.86 -4.19 -10.20
CA LEU A 2 -2.28 -4.32 -9.93
C LEU A 2 -2.81 -2.94 -9.55
N ILE A 3 -3.85 -2.49 -10.24
CA ILE A 3 -4.35 -1.11 -10.13
C ILE A 3 -5.83 -1.12 -9.80
N LEU A 4 -6.25 -0.15 -8.99
CA LEU A 4 -7.64 0.08 -8.65
C LEU A 4 -7.81 1.50 -8.14
N THR A 5 -9.07 1.94 -8.01
CA THR A 5 -9.36 3.24 -7.42
C THR A 5 -9.88 3.06 -6.00
N ARG A 6 -9.75 4.09 -5.18
CA ARG A 6 -10.29 4.12 -3.84
C ARG A 6 -10.71 5.54 -3.48
N LYS A 7 -11.85 5.70 -2.82
CA LYS A 7 -12.31 7.00 -2.36
C LYS A 7 -11.71 7.32 -1.00
N VAL A 8 -11.61 8.61 -0.66
CA VAL A 8 -11.05 8.98 0.63
C VAL A 8 -11.85 8.34 1.76
N GLY A 9 -11.14 7.76 2.73
CA GLY A 9 -11.77 7.16 3.89
C GLY A 9 -12.01 5.66 3.74
N GLU A 10 -11.53 5.06 2.64
CA GLU A 10 -11.66 3.62 2.43
C GLU A 10 -10.29 2.94 2.43
N SER A 11 -10.26 1.61 2.29
CA SER A 11 -9.02 0.86 2.52
C SER A 11 -8.77 -0.23 1.48
N ILE A 12 -7.56 -0.81 1.55
CA ILE A 12 -7.06 -1.87 0.69
C ILE A 12 -6.18 -2.77 1.58
N ASN A 13 -5.81 -3.96 1.11
CA ASN A 13 -5.05 -4.91 1.92
C ASN A 13 -4.01 -5.66 1.09
N ILE A 14 -2.94 -6.12 1.76
CA ILE A 14 -1.82 -6.82 1.13
C ILE A 14 -1.26 -7.88 2.08
N GLY A 15 -0.70 -8.94 1.50
CA GLY A 15 0.08 -9.95 2.21
C GLY A 15 -0.65 -10.63 3.38
N ASP A 16 -1.98 -10.48 3.45
CA ASP A 16 -2.80 -11.05 4.53
C ASP A 16 -2.36 -10.61 5.93
N ASP A 17 -1.48 -9.60 6.04
CA ASP A 17 -1.03 -9.06 7.31
C ASP A 17 -0.79 -7.55 7.22
N ILE A 18 -1.17 -6.93 6.09
CA ILE A 18 -0.97 -5.51 5.88
C ILE A 18 -2.27 -4.87 5.41
N THR A 19 -2.46 -3.61 5.76
CA THR A 19 -3.62 -2.82 5.37
C THR A 19 -3.15 -1.44 4.95
N ILE A 20 -3.89 -0.82 4.03
CA ILE A 20 -3.60 0.50 3.50
C ILE A 20 -4.90 1.29 3.54
N THR A 21 -4.80 2.61 3.76
CA THR A 21 -5.99 3.45 3.84
C THR A 21 -5.71 4.80 3.22
N ILE A 22 -6.55 5.20 2.28
CA ILE A 22 -6.48 6.50 1.64
C ILE A 22 -7.12 7.53 2.58
N LEU A 23 -6.31 8.10 3.47
CA LEU A 23 -6.84 8.94 4.54
C LEU A 23 -7.49 10.20 3.98
N GLY A 24 -7.02 10.69 2.83
CA GLY A 24 -7.63 11.85 2.19
C GLY A 24 -6.74 12.42 1.08
N VAL A 25 -7.20 13.50 0.46
CA VAL A 25 -6.43 14.19 -0.57
C VAL A 25 -6.37 15.69 -0.28
N SER A 26 -5.39 16.34 -0.90
CA SER A 26 -5.18 17.77 -0.82
C SER A 26 -4.54 18.21 -2.14
N GLY A 27 -5.36 18.23 -3.20
CA GLY A 27 -4.86 18.53 -4.53
C GLY A 27 -4.06 17.35 -5.02
N GLN A 28 -2.91 17.61 -5.66
CA GLN A 28 -2.04 16.54 -6.12
C GLN A 28 -1.44 15.77 -4.94
N GLN A 29 -1.53 16.30 -3.71
CA GLN A 29 -1.03 15.61 -2.54
C GLN A 29 -2.10 14.61 -2.06
N VAL A 30 -1.66 13.53 -1.41
CA VAL A 30 -2.54 12.49 -0.93
C VAL A 30 -1.98 11.99 0.40
N ARG A 31 -2.82 11.96 1.46
CA ARG A 31 -2.39 11.46 2.75
C ARG A 31 -2.81 10.00 2.85
N ILE A 32 -1.88 9.14 3.29
CA ILE A 32 -2.07 7.70 3.23
C ILE A 32 -1.69 7.08 4.56
N GLY A 33 -2.38 6.01 4.94
CA GLY A 33 -2.14 5.27 6.17
C GLY A 33 -1.68 3.86 5.83
N ILE A 34 -0.86 3.28 6.70
CA ILE A 34 -0.35 1.94 6.54
C ILE A 34 -0.40 1.25 7.89
N ASN A 35 -0.69 -0.04 7.87
CA ASN A 35 -0.86 -0.80 9.09
C ASN A 35 -0.32 -2.22 8.88
N ALA A 36 0.85 -2.49 9.47
CA ALA A 36 1.51 -3.78 9.34
C ALA A 36 2.33 -4.05 10.61
N PRO A 37 2.63 -5.33 10.88
CA PRO A 37 3.50 -5.71 11.98
C PRO A 37 4.91 -5.18 11.77
N LYS A 38 5.64 -4.91 12.86
CA LYS A 38 7.02 -4.47 12.78
C LYS A 38 7.90 -5.57 12.17
N ASP A 39 7.33 -6.75 11.96
CA ASP A 39 7.99 -7.87 11.31
C ASP A 39 8.24 -7.56 9.82
N VAL A 40 7.71 -6.44 9.34
CA VAL A 40 7.92 -5.96 7.99
C VAL A 40 8.19 -4.46 8.05
N ALA A 41 8.63 -3.88 6.94
CA ALA A 41 9.03 -2.48 6.92
C ALA A 41 8.17 -1.66 5.97
N VAL A 42 8.07 -0.35 6.21
CA VAL A 42 7.28 0.55 5.37
C VAL A 42 7.96 1.93 5.31
N HIS A 43 8.21 2.45 4.11
CA HIS A 43 8.80 3.78 3.96
C HIS A 43 8.52 4.37 2.59
N ARG A 44 8.82 5.66 2.43
CA ARG A 44 8.80 6.31 1.12
C ARG A 44 9.92 5.75 0.27
N GLU A 45 9.74 5.78 -1.05
CA GLU A 45 10.71 5.21 -1.99
C GLU A 45 12.09 5.85 -1.84
N GLU A 46 12.12 7.12 -1.40
CA GLU A 46 13.38 7.83 -1.18
C GLU A 46 14.14 7.24 0.01
N ILE A 47 13.42 6.94 1.09
CA ILE A 47 14.05 6.45 2.31
C ILE A 47 14.44 4.99 2.14
N TYR A 48 13.71 4.28 1.28
CA TYR A 48 13.93 2.87 1.00
C TYR A 48 15.33 2.62 0.45
N GLN A 49 15.87 3.57 -0.35
CA GLN A 49 17.18 3.41 -0.94
C GLN A 49 18.30 3.54 0.10
N ARG A 50 18.00 4.10 1.27
CA ARG A 50 18.95 4.21 2.36
C ARG A 50 18.92 2.94 3.22
N ILE A 51 17.95 2.06 2.94
CA ILE A 51 17.72 0.86 3.74
C ILE A 51 18.09 -0.39 2.93
N GLN A 52 17.87 -0.35 1.61
CA GLN A 52 18.27 -1.43 0.74
C GLN A 52 19.75 -1.33 0.37
N ALA A 53 20.46 -0.34 0.93
CA ALA A 53 21.87 -0.12 0.67
C ALA A 53 22.73 -1.29 1.15
N GLY A 54 22.21 -2.16 2.02
CA GLY A 54 22.97 -3.32 2.48
C GLY A 54 22.68 -3.75 3.91
N LEU A 55 21.54 -3.37 4.49
CA LEU A 55 21.32 -3.63 5.90
C LEU A 55 19.87 -3.92 6.30
N THR A 56 18.89 -3.43 5.54
CA THR A 56 17.47 -3.51 5.90
C THR A 56 17.22 -3.41 7.40
N ALA A 57 17.91 -2.48 8.07
CA ALA A 57 17.80 -2.31 9.51
C ALA A 57 17.98 -0.83 9.88
N PRO A 58 16.93 -0.02 9.67
CA PRO A 58 16.91 1.39 10.00
C PRO A 58 17.31 1.69 11.44
N ASP A 59 17.49 2.98 11.74
CA ASP A 59 17.88 3.44 13.06
C ASP A 59 16.83 3.09 14.12
N MET C 1 -0.42 2.38 13.18
CA MET C 1 -0.37 2.94 11.81
C MET C 1 0.95 3.64 11.56
N LEU C 2 1.24 3.88 10.27
CA LEU C 2 2.31 4.74 9.82
C LEU C 2 1.73 5.59 8.70
N ILE C 3 1.64 6.90 8.92
CA ILE C 3 0.96 7.83 8.03
C ILE C 3 1.96 8.81 7.42
N LEU C 4 1.74 9.16 6.15
CA LEU C 4 2.56 10.13 5.44
C LEU C 4 1.86 10.61 4.17
N THR C 5 2.51 11.49 3.41
CA THR C 5 1.95 12.03 2.17
C THR C 5 2.83 11.72 0.97
N ARG C 6 2.18 11.75 -0.20
CA ARG C 6 2.79 11.55 -1.51
C ARG C 6 2.04 12.43 -2.50
N LYS C 7 2.60 12.65 -3.68
CA LYS C 7 1.88 13.28 -4.77
C LYS C 7 1.77 12.31 -5.94
N VAL C 8 0.83 12.58 -6.85
CA VAL C 8 0.66 11.73 -8.02
C VAL C 8 2.00 11.49 -8.72
N GLY C 9 2.31 10.23 -9.01
CA GLY C 9 3.53 9.86 -9.72
C GLY C 9 4.67 9.48 -8.78
N GLU C 10 4.40 9.37 -7.48
CA GLU C 10 5.42 8.98 -6.49
C GLU C 10 5.10 7.60 -5.92
N SER C 11 5.99 7.07 -5.08
CA SER C 11 5.87 5.68 -4.63
C SER C 11 6.20 5.51 -3.14
N ILE C 12 5.87 4.30 -2.65
CA ILE C 12 6.04 3.87 -1.27
C ILE C 12 6.51 2.40 -1.34
N ASN C 13 7.07 1.86 -0.26
CA ASN C 13 7.54 0.48 -0.25
C ASN C 13 7.06 -0.26 0.99
N ILE C 14 6.93 -1.58 0.88
CA ILE C 14 6.46 -2.44 1.97
C ILE C 14 7.30 -3.73 1.95
N GLY C 15 7.67 -4.21 3.13
CA GLY C 15 8.52 -5.38 3.27
C GLY C 15 9.82 -5.15 2.51
N ASP C 16 10.22 -6.15 1.71
CA ASP C 16 11.37 -6.06 0.83
C ASP C 16 11.06 -6.70 -0.52
N ASP C 17 9.77 -6.89 -0.82
CA ASP C 17 9.31 -7.51 -2.05
C ASP C 17 8.04 -6.83 -2.58
N ILE C 18 7.59 -5.73 -1.96
CA ILE C 18 6.37 -5.05 -2.38
C ILE C 18 6.61 -3.56 -2.53
N THR C 19 5.93 -2.95 -3.51
CA THR C 19 6.02 -1.53 -3.80
C THR C 19 4.62 -1.00 -4.12
N ILE C 20 4.41 0.29 -3.92
CA ILE C 20 3.12 0.94 -4.13
C ILE C 20 3.35 2.26 -4.86
N THR C 21 2.41 2.69 -5.69
CA THR C 21 2.55 3.92 -6.45
C THR C 21 1.19 4.61 -6.57
N ILE C 22 1.15 5.91 -6.26
CA ILE C 22 -0.03 6.74 -6.43
C ILE C 22 -0.10 7.17 -7.90
N LEU C 23 -0.89 6.45 -8.70
CA LEU C 23 -0.88 6.64 -10.14
C LEU C 23 -1.57 7.95 -10.54
N GLY C 24 -2.52 8.44 -9.73
CA GLY C 24 -3.14 9.74 -9.96
C GLY C 24 -4.32 10.00 -9.03
N VAL C 25 -4.91 11.19 -9.15
CA VAL C 25 -6.03 11.63 -8.33
C VAL C 25 -7.03 12.43 -9.15
N SER C 26 -8.32 12.20 -8.91
CA SER C 26 -9.42 12.90 -9.55
C SER C 26 -10.59 12.91 -8.57
N GLY C 27 -11.03 14.11 -8.17
CA GLY C 27 -12.05 14.23 -7.15
C GLY C 27 -11.60 13.51 -5.88
N GLN C 28 -12.54 12.89 -5.15
CA GLN C 28 -12.19 12.11 -3.97
C GLN C 28 -11.68 10.73 -4.33
N GLN C 29 -11.69 10.37 -5.62
CA GLN C 29 -11.22 9.06 -6.05
C GLN C 29 -9.72 9.13 -6.32
N VAL C 30 -9.02 8.04 -5.98
CA VAL C 30 -7.58 7.98 -6.14
C VAL C 30 -7.20 6.65 -6.78
N ARG C 31 -6.52 6.72 -7.93
CA ARG C 31 -6.05 5.52 -8.63
C ARG C 31 -4.69 5.15 -8.07
N ILE C 32 -4.54 3.90 -7.65
CA ILE C 32 -3.34 3.45 -6.96
C ILE C 32 -2.88 2.14 -7.57
N GLY C 33 -1.56 1.86 -7.49
CA GLY C 33 -0.97 0.66 -8.04
C GLY C 33 -0.24 -0.12 -6.95
N ILE C 34 -0.10 -1.43 -7.16
CA ILE C 34 0.56 -2.32 -6.22
C ILE C 34 1.41 -3.29 -7.04
N ASN C 35 2.62 -3.54 -6.57
CA ASN C 35 3.59 -4.29 -7.33
C ASN C 35 4.32 -5.27 -6.40
N ALA C 36 3.92 -6.55 -6.49
CA ALA C 36 4.44 -7.61 -5.65
C ALA C 36 4.36 -8.94 -6.39
N PRO C 37 5.11 -9.95 -5.94
CA PRO C 37 5.05 -11.29 -6.50
C PRO C 37 3.68 -11.92 -6.18
N LYS C 38 3.25 -12.88 -7.00
CA LYS C 38 2.03 -13.64 -6.72
C LYS C 38 2.24 -14.52 -5.50
N ASP C 39 3.44 -14.46 -4.92
CA ASP C 39 3.79 -15.09 -3.66
C ASP C 39 3.01 -14.47 -2.50
N VAL C 40 2.34 -13.34 -2.77
CA VAL C 40 1.52 -12.63 -1.81
C VAL C 40 0.23 -12.18 -2.52
N ALA C 41 -0.76 -11.70 -1.76
CA ALA C 41 -2.04 -11.35 -2.32
C ALA C 41 -2.38 -9.89 -2.04
N VAL C 42 -3.24 -9.30 -2.88
CA VAL C 42 -3.67 -7.92 -2.73
C VAL C 42 -5.13 -7.81 -3.14
N HIS C 43 -5.96 -7.13 -2.35
CA HIS C 43 -7.35 -6.91 -2.73
C HIS C 43 -7.91 -5.65 -2.09
N ARG C 44 -8.99 -5.13 -2.67
CA ARG C 44 -9.82 -4.08 -2.11
C ARG C 44 -10.39 -4.59 -0.79
N GLU C 45 -10.53 -3.72 0.21
CA GLU C 45 -10.91 -4.12 1.57
C GLU C 45 -12.25 -4.85 1.63
N GLU C 46 -13.13 -4.63 0.64
CA GLU C 46 -14.43 -5.31 0.62
C GLU C 46 -14.30 -6.74 0.12
N ILE C 47 -13.24 -7.04 -0.64
CA ILE C 47 -12.99 -8.35 -1.20
C ILE C 47 -12.15 -9.18 -0.23
N TYR C 48 -11.33 -8.47 0.56
CA TYR C 48 -10.39 -9.06 1.50
C TYR C 48 -11.12 -9.83 2.60
N GLN C 49 -12.27 -9.33 3.05
CA GLN C 49 -12.99 -9.94 4.15
C GLN C 49 -13.63 -11.28 3.75
N ARG C 50 -13.72 -11.57 2.45
CA ARG C 50 -14.20 -12.85 1.96
C ARG C 50 -13.09 -13.89 2.00
N ILE C 51 -11.87 -13.45 2.28
CA ILE C 51 -10.69 -14.30 2.24
C ILE C 51 -10.14 -14.52 3.66
N GLN C 52 -10.09 -13.47 4.46
CA GLN C 52 -9.55 -13.58 5.82
C GLN C 52 -10.49 -14.41 6.72
N ALA C 53 -11.59 -14.91 6.17
CA ALA C 53 -12.52 -15.76 6.88
C ALA C 53 -11.87 -17.10 7.27
N GLY C 54 -10.74 -17.46 6.64
CA GLY C 54 -10.03 -18.68 7.00
C GLY C 54 -9.25 -19.32 5.85
N LEU C 55 -9.02 -18.59 4.75
CA LEU C 55 -8.45 -19.20 3.55
C LEU C 55 -7.71 -18.18 2.68
N THR C 56 -7.21 -18.64 1.53
CA THR C 56 -6.57 -17.79 0.53
C THR C 56 -6.81 -18.34 -0.89
N ALA C 57 -7.56 -19.44 -1.02
CA ALA C 57 -7.81 -20.06 -2.31
C ALA C 57 -9.10 -20.89 -2.27
N PRO C 58 -10.27 -20.25 -2.22
CA PRO C 58 -11.57 -20.91 -2.22
C PRO C 58 -11.77 -21.87 -3.38
N ASP C 59 -12.88 -22.62 -3.32
CA ASP C 59 -13.25 -23.59 -4.34
C ASP C 59 -13.54 -22.93 -5.68
N MET A 1 1.91 -5.39 -11.59
CA MET A 1 1.14 -4.18 -11.22
C MET A 1 -0.34 -4.49 -11.13
N LEU A 2 -0.97 -4.09 -10.03
CA LEU A 2 -2.40 -4.25 -9.82
C LEU A 2 -2.98 -2.90 -9.42
N ILE A 3 -3.81 -2.34 -10.30
CA ILE A 3 -4.32 -0.97 -10.19
C ILE A 3 -5.79 -1.00 -9.79
N LEU A 4 -6.24 0.03 -9.08
CA LEU A 4 -7.61 0.17 -8.59
C LEU A 4 -8.01 1.64 -8.50
N THR A 5 -9.27 1.87 -8.11
CA THR A 5 -9.77 3.18 -7.71
C THR A 5 -10.42 3.02 -6.34
N ARG A 6 -9.91 3.75 -5.36
CA ARG A 6 -10.51 3.83 -4.04
C ARG A 6 -10.94 5.25 -3.75
N LYS A 7 -11.78 5.40 -2.73
CA LYS A 7 -12.30 6.70 -2.30
C LYS A 7 -11.71 7.05 -0.96
N VAL A 8 -11.59 8.34 -0.65
CA VAL A 8 -11.06 8.78 0.62
C VAL A 8 -11.86 8.18 1.77
N GLY A 9 -11.20 7.35 2.58
CA GLY A 9 -11.81 6.69 3.73
C GLY A 9 -11.87 5.17 3.55
N GLU A 10 -11.73 4.69 2.32
CA GLU A 10 -11.74 3.26 2.02
C GLU A 10 -10.39 2.62 2.35
N SER A 11 -10.33 1.29 2.23
CA SER A 11 -9.14 0.53 2.58
C SER A 11 -8.85 -0.57 1.57
N ILE A 12 -7.64 -1.11 1.65
CA ILE A 12 -7.10 -2.15 0.77
C ILE A 12 -6.23 -3.06 1.64
N ASN A 13 -5.94 -4.28 1.18
CA ASN A 13 -5.14 -5.21 1.95
C ASN A 13 -4.08 -5.89 1.08
N ILE A 14 -3.03 -6.35 1.75
CA ILE A 14 -1.87 -6.97 1.12
C ILE A 14 -1.40 -8.13 1.99
N GLY A 15 -0.87 -9.18 1.35
CA GLY A 15 -0.40 -10.36 2.06
C GLY A 15 -1.52 -10.93 2.91
N ASP A 16 -1.18 -11.32 4.15
CA ASP A 16 -2.15 -11.84 5.10
C ASP A 16 -1.96 -11.15 6.46
N ASP A 17 -1.17 -10.06 6.48
CA ASP A 17 -0.85 -9.33 7.69
C ASP A 17 -0.70 -7.83 7.45
N ILE A 18 -1.10 -7.32 6.28
CA ILE A 18 -0.94 -5.90 5.97
C ILE A 18 -2.26 -5.32 5.49
N THR A 19 -2.50 -4.04 5.83
CA THR A 19 -3.67 -3.29 5.42
C THR A 19 -3.24 -1.87 5.07
N ILE A 20 -4.03 -1.21 4.23
CA ILE A 20 -3.75 0.14 3.74
C ILE A 20 -5.05 0.95 3.77
N THR A 21 -4.96 2.26 4.00
CA THR A 21 -6.13 3.12 4.03
C THR A 21 -5.81 4.47 3.42
N ILE A 22 -6.65 4.91 2.47
CA ILE A 22 -6.53 6.22 1.86
C ILE A 22 -7.20 7.23 2.78
N LEU A 23 -6.41 7.97 3.56
CA LEU A 23 -6.95 8.83 4.60
C LEU A 23 -7.59 10.10 4.04
N GLY A 24 -7.14 10.56 2.87
CA GLY A 24 -7.74 11.72 2.25
C GLY A 24 -6.85 12.32 1.15
N VAL A 25 -7.31 13.43 0.56
CA VAL A 25 -6.55 14.14 -0.46
C VAL A 25 -6.43 15.62 -0.13
N SER A 26 -5.49 16.27 -0.78
CA SER A 26 -5.21 17.69 -0.68
C SER A 26 -4.63 18.13 -2.01
N GLY A 27 -5.45 18.12 -3.05
CA GLY A 27 -4.99 18.41 -4.40
C GLY A 27 -4.16 17.24 -4.90
N GLN A 28 -3.02 17.52 -5.53
CA GLN A 28 -2.12 16.46 -6.00
C GLN A 28 -1.55 15.69 -4.81
N GLN A 29 -1.63 16.23 -3.59
CA GLN A 29 -1.14 15.53 -2.42
C GLN A 29 -2.21 14.56 -1.95
N VAL A 30 -1.77 13.43 -1.38
CA VAL A 30 -2.66 12.38 -0.92
C VAL A 30 -2.09 11.82 0.39
N ARG A 31 -2.87 11.89 1.47
CA ARG A 31 -2.44 11.34 2.75
C ARG A 31 -2.89 9.90 2.84
N ILE A 32 -1.98 9.00 3.19
CA ILE A 32 -2.22 7.57 3.17
C ILE A 32 -1.71 6.96 4.47
N GLY A 33 -2.27 5.81 4.85
CA GLY A 33 -1.87 5.12 6.06
C GLY A 33 -1.54 3.66 5.74
N ILE A 34 -0.73 3.05 6.60
CA ILE A 34 -0.28 1.67 6.43
C ILE A 34 -0.39 0.98 7.78
N ASN A 35 -0.74 -0.30 7.78
CA ASN A 35 -0.92 -1.06 9.00
C ASN A 35 -0.35 -2.46 8.80
N ALA A 36 0.79 -2.71 9.45
CA ALA A 36 1.51 -3.97 9.36
C ALA A 36 2.30 -4.19 10.65
N PRO A 37 2.72 -5.43 10.94
CA PRO A 37 3.59 -5.72 12.07
C PRO A 37 4.95 -5.08 11.86
N LYS A 38 5.66 -4.79 12.96
CA LYS A 38 7.03 -4.29 12.87
C LYS A 38 7.95 -5.39 12.36
N ASP A 39 7.38 -6.57 12.09
CA ASP A 39 8.06 -7.69 11.46
C ASP A 39 8.43 -7.35 10.02
N VAL A 40 7.93 -6.22 9.51
CA VAL A 40 8.18 -5.73 8.16
C VAL A 40 8.45 -4.22 8.24
N ALA A 41 8.91 -3.63 7.14
CA ALA A 41 9.28 -2.22 7.11
C ALA A 41 8.41 -1.46 6.12
N VAL A 42 8.26 -0.15 6.35
CA VAL A 42 7.47 0.72 5.47
C VAL A 42 8.12 2.10 5.41
N HIS A 43 8.28 2.66 4.21
CA HIS A 43 8.81 4.01 4.06
C HIS A 43 8.37 4.61 2.73
N ARG A 44 8.43 5.94 2.63
CA ARG A 44 8.24 6.63 1.36
C ARG A 44 9.38 6.20 0.43
N GLU A 45 9.13 6.18 -0.88
CA GLU A 45 10.12 5.71 -1.84
C GLU A 45 11.42 6.52 -1.78
N GLU A 46 11.37 7.76 -1.28
CA GLU A 46 12.55 8.59 -1.14
C GLU A 46 13.45 8.08 -0.02
N ILE A 47 12.85 7.51 1.02
CA ILE A 47 13.58 7.04 2.19
C ILE A 47 13.99 5.58 2.00
N TYR A 48 13.14 4.81 1.32
CA TYR A 48 13.32 3.39 1.11
C TYR A 48 14.68 3.08 0.48
N GLN A 49 15.14 3.96 -0.43
CA GLN A 49 16.38 3.73 -1.17
C GLN A 49 17.59 3.64 -0.25
N ARG A 50 17.48 4.06 1.01
CA ARG A 50 18.58 3.97 1.95
C ARG A 50 18.60 2.57 2.55
N ILE A 51 17.42 2.04 2.87
CA ILE A 51 17.25 0.72 3.48
C ILE A 51 17.63 -0.36 2.46
N GLN A 52 17.70 0.00 1.19
CA GLN A 52 18.11 -0.93 0.14
C GLN A 52 19.55 -0.70 -0.34
N ALA A 53 20.29 0.23 0.26
CA ALA A 53 21.63 0.57 -0.24
C ALA A 53 22.69 0.76 0.84
N GLY A 54 22.34 0.72 2.13
CA GLY A 54 23.33 0.86 3.20
C GLY A 54 22.71 0.92 4.59
N LEU A 55 21.38 1.07 4.64
CA LEU A 55 20.56 0.94 5.82
C LEU A 55 20.74 2.13 6.76
N THR A 56 19.83 2.26 7.73
CA THR A 56 19.81 3.35 8.69
C THR A 56 19.42 2.88 10.08
N ALA A 57 19.32 1.55 10.27
CA ALA A 57 18.90 0.97 11.53
C ALA A 57 19.54 -0.41 11.76
N PRO A 58 20.88 -0.49 11.82
CA PRO A 58 21.62 -1.72 12.06
C PRO A 58 21.09 -2.54 13.23
N ASP A 59 20.55 -1.87 14.24
CA ASP A 59 20.09 -2.50 15.46
C ASP A 59 19.16 -1.53 16.20
N MET C 1 -0.69 2.23 12.95
CA MET C 1 -0.68 2.84 11.61
C MET C 1 0.58 3.66 11.41
N LEU C 2 1.02 3.79 10.16
CA LEU C 2 2.10 4.67 9.75
C LEU C 2 1.56 5.53 8.61
N ILE C 3 1.30 6.81 8.90
CA ILE C 3 0.69 7.76 7.97
C ILE C 3 1.76 8.65 7.35
N LEU C 4 1.60 8.97 6.06
CA LEU C 4 2.47 9.90 5.36
C LEU C 4 1.79 10.40 4.08
N THR C 5 2.38 11.42 3.42
CA THR C 5 1.83 11.97 2.20
C THR C 5 2.64 11.55 0.98
N ARG C 6 1.99 11.61 -0.18
CA ARG C 6 2.59 11.37 -1.48
C ARG C 6 1.88 12.26 -2.51
N LYS C 7 2.46 12.45 -3.71
CA LYS C 7 1.78 13.18 -4.77
C LYS C 7 1.65 12.30 -6.00
N VAL C 8 0.73 12.68 -6.89
CA VAL C 8 0.46 11.88 -8.08
C VAL C 8 1.76 11.57 -8.85
N GLY C 9 1.94 10.31 -9.24
CA GLY C 9 3.08 9.90 -10.05
C GLY C 9 4.27 9.43 -9.23
N GLU C 10 4.14 9.34 -7.90
CA GLU C 10 5.23 8.89 -7.04
C GLU C 10 4.89 7.56 -6.37
N SER C 11 5.79 7.06 -5.52
CA SER C 11 5.66 5.70 -4.97
C SER C 11 6.01 5.62 -3.48
N ILE C 12 5.74 4.44 -2.91
CA ILE C 12 5.97 4.09 -1.51
C ILE C 12 6.38 2.60 -1.48
N ASN C 13 6.90 2.10 -0.36
CA ASN C 13 7.40 0.73 -0.30
C ASN C 13 7.06 0.05 1.03
N ILE C 14 6.95 -1.29 0.99
CA ILE C 14 6.57 -2.11 2.13
C ILE C 14 7.27 -3.48 2.04
N GLY C 15 7.57 -4.08 3.20
CA GLY C 15 8.04 -5.44 3.33
C GLY C 15 9.30 -5.78 2.51
N ASP C 16 10.00 -4.77 2.01
CA ASP C 16 11.20 -4.93 1.18
C ASP C 16 10.97 -5.81 -0.06
N ASP C 17 9.71 -6.13 -0.39
CA ASP C 17 9.36 -6.88 -1.60
C ASP C 17 8.06 -6.36 -2.21
N ILE C 18 7.56 -5.22 -1.69
CA ILE C 18 6.32 -4.64 -2.17
C ILE C 18 6.53 -3.15 -2.43
N THR C 19 5.79 -2.63 -3.41
CA THR C 19 5.82 -1.23 -3.77
C THR C 19 4.38 -0.79 -4.01
N ILE C 20 4.11 0.49 -3.74
CA ILE C 20 2.78 1.09 -3.89
C ILE C 20 2.96 2.37 -4.69
N THR C 21 1.95 2.73 -5.47
CA THR C 21 2.05 3.89 -6.35
C THR C 21 0.74 4.66 -6.34
N ILE C 22 0.84 5.98 -6.54
CA ILE C 22 -0.30 6.87 -6.58
C ILE C 22 -0.44 7.37 -8.01
N LEU C 23 -1.12 6.59 -8.85
CA LEU C 23 -1.17 6.81 -10.28
C LEU C 23 -1.86 8.12 -10.63
N GLY C 24 -2.72 8.62 -9.75
CA GLY C 24 -3.32 9.93 -9.93
C GLY C 24 -4.44 10.18 -8.92
N VAL C 25 -5.03 11.37 -9.00
CA VAL C 25 -6.12 11.78 -8.11
C VAL C 25 -7.25 12.38 -8.94
N SER C 26 -8.49 12.13 -8.50
CA SER C 26 -9.70 12.50 -9.21
C SER C 26 -10.78 12.84 -8.19
N GLY C 27 -10.57 13.92 -7.43
CA GLY C 27 -11.50 14.29 -6.39
C GLY C 27 -11.38 13.32 -5.22
N GLN C 28 -12.51 12.93 -4.66
CA GLN C 28 -12.54 11.96 -3.57
C GLN C 28 -12.06 10.59 -4.04
N GLN C 29 -11.89 10.36 -5.34
CA GLN C 29 -11.43 9.09 -5.85
C GLN C 29 -9.95 9.20 -6.21
N VAL C 30 -9.23 8.09 -6.05
CA VAL C 30 -7.80 8.06 -6.26
C VAL C 30 -7.43 6.77 -6.99
N ARG C 31 -6.68 6.86 -8.09
CA ARG C 31 -6.22 5.68 -8.79
C ARG C 31 -4.87 5.28 -8.19
N ILE C 32 -4.77 4.03 -7.77
CA ILE C 32 -3.64 3.55 -6.99
C ILE C 32 -3.07 2.28 -7.62
N GLY C 33 -1.78 2.04 -7.42
CA GLY C 33 -1.07 0.91 -7.98
C GLY C 33 -0.45 0.07 -6.86
N ILE C 34 -0.26 -1.22 -7.12
CA ILE C 34 0.37 -2.13 -6.18
C ILE C 34 1.28 -3.06 -6.97
N ASN C 35 2.44 -3.36 -6.40
CA ASN C 35 3.44 -4.14 -7.09
C ASN C 35 4.16 -5.05 -6.10
N ALA C 36 3.82 -6.34 -6.14
CA ALA C 36 4.35 -7.36 -5.24
C ALA C 36 4.44 -8.69 -5.99
N PRO C 37 5.26 -9.63 -5.51
CA PRO C 37 5.32 -10.96 -6.05
C PRO C 37 4.00 -11.68 -5.86
N LYS C 38 3.66 -12.60 -6.77
CA LYS C 38 2.43 -13.38 -6.64
C LYS C 38 2.53 -14.35 -5.46
N ASP C 39 3.68 -14.34 -4.78
CA ASP C 39 3.89 -15.06 -3.52
C ASP C 39 3.05 -14.44 -2.40
N VAL C 40 2.42 -13.29 -2.68
CA VAL C 40 1.51 -12.62 -1.76
C VAL C 40 0.28 -12.17 -2.52
N ALA C 41 -0.75 -11.73 -1.81
CA ALA C 41 -2.04 -11.41 -2.43
C ALA C 41 -2.45 -9.97 -2.13
N VAL C 42 -3.36 -9.43 -2.94
CA VAL C 42 -3.86 -8.07 -2.75
C VAL C 42 -5.34 -8.03 -3.13
N HIS C 43 -6.18 -7.39 -2.30
CA HIS C 43 -7.60 -7.22 -2.61
C HIS C 43 -8.17 -6.04 -1.85
N ARG C 44 -9.39 -5.62 -2.21
CA ARG C 44 -10.10 -4.60 -1.45
C ARG C 44 -10.46 -5.15 -0.09
N GLU C 45 -10.62 -4.27 0.91
CA GLU C 45 -10.94 -4.67 2.28
C GLU C 45 -12.22 -5.50 2.35
N GLU C 46 -13.11 -5.37 1.36
CA GLU C 46 -14.35 -6.13 1.31
C GLU C 46 -14.08 -7.57 0.87
N ILE C 47 -13.30 -7.74 -0.20
CA ILE C 47 -13.04 -9.06 -0.76
C ILE C 47 -12.13 -9.86 0.17
N TYR C 48 -11.26 -9.14 0.89
CA TYR C 48 -10.27 -9.73 1.78
C TYR C 48 -10.91 -10.58 2.88
N GLN C 49 -12.09 -10.18 3.36
CA GLN C 49 -12.76 -10.89 4.45
C GLN C 49 -13.31 -12.25 4.00
N ARG C 50 -13.44 -12.46 2.68
CA ARG C 50 -13.86 -13.74 2.12
C ARG C 50 -12.66 -14.66 1.96
N ILE C 51 -11.45 -14.14 2.18
CA ILE C 51 -10.22 -14.87 1.93
C ILE C 51 -9.52 -15.22 3.24
N GLN C 52 -9.47 -14.29 4.20
CA GLN C 52 -8.82 -14.53 5.47
C GLN C 52 -9.61 -15.51 6.34
N ALA C 53 -10.73 -16.03 5.82
CA ALA C 53 -11.55 -16.99 6.53
C ALA C 53 -10.85 -18.34 6.69
N GLY C 54 -9.78 -18.60 5.93
CA GLY C 54 -9.04 -19.85 6.08
C GLY C 54 -8.30 -20.28 4.80
N LEU C 55 -8.12 -19.38 3.83
CA LEU C 55 -7.56 -19.75 2.54
C LEU C 55 -6.88 -18.55 1.87
N THR C 56 -6.47 -18.71 0.60
CA THR C 56 -5.81 -17.65 -0.14
C THR C 56 -6.18 -17.70 -1.62
N ALA C 57 -6.65 -16.57 -2.15
CA ALA C 57 -7.01 -16.35 -3.55
C ALA C 57 -7.35 -17.61 -4.34
N PRO C 58 -8.43 -18.32 -3.98
CA PRO C 58 -8.88 -19.52 -4.68
C PRO C 58 -9.12 -19.31 -6.17
N ASP C 59 -9.39 -20.42 -6.86
CA ASP C 59 -9.70 -20.41 -8.28
C ASP C 59 -11.02 -19.68 -8.53
N MET A 1 1.88 -5.00 -12.05
CA MET A 1 1.11 -4.03 -11.25
C MET A 1 -0.33 -4.49 -11.07
N LEU A 2 -0.94 -4.10 -9.95
CA LEU A 2 -2.35 -4.28 -9.67
C LEU A 2 -2.89 -2.91 -9.30
N ILE A 3 -3.63 -2.30 -10.22
CA ILE A 3 -4.14 -0.93 -10.12
C ILE A 3 -5.58 -0.96 -9.60
N LEU A 4 -5.98 0.11 -8.90
CA LEU A 4 -7.31 0.28 -8.35
C LEU A 4 -7.72 1.73 -8.27
N THR A 5 -8.97 1.96 -7.87
CA THR A 5 -9.48 3.26 -7.49
C THR A 5 -10.11 3.12 -6.12
N ARG A 6 -9.62 3.91 -5.16
CA ARG A 6 -10.18 3.97 -3.82
C ARG A 6 -10.58 5.40 -3.50
N LYS A 7 -11.72 5.57 -2.82
CA LYS A 7 -12.20 6.88 -2.39
C LYS A 7 -11.54 7.26 -1.06
N VAL A 8 -11.39 8.56 -0.81
CA VAL A 8 -10.87 9.04 0.45
C VAL A 8 -11.72 8.51 1.61
N GLY A 9 -11.08 7.86 2.57
CA GLY A 9 -11.76 7.33 3.75
C GLY A 9 -11.97 5.81 3.69
N GLU A 10 -11.46 5.13 2.66
CA GLU A 10 -11.62 3.69 2.51
C GLU A 10 -10.26 2.98 2.58
N SER A 11 -10.25 1.66 2.39
CA SER A 11 -9.04 0.85 2.59
C SER A 11 -8.84 -0.22 1.52
N ILE A 12 -7.66 -0.84 1.56
CA ILE A 12 -7.20 -1.89 0.67
C ILE A 12 -6.36 -2.85 1.52
N ASN A 13 -6.03 -4.05 1.01
CA ASN A 13 -5.29 -5.02 1.81
C ASN A 13 -4.17 -5.68 1.01
N ILE A 14 -3.13 -6.14 1.72
CA ILE A 14 -1.95 -6.78 1.15
C ILE A 14 -1.54 -7.95 2.04
N GLY A 15 -1.07 -9.04 1.44
CA GLY A 15 -0.73 -10.25 2.18
C GLY A 15 -1.94 -10.69 3.00
N ASP A 16 -1.69 -11.08 4.24
CA ASP A 16 -2.73 -11.43 5.20
C ASP A 16 -2.41 -10.80 6.55
N ASP A 17 -1.49 -9.82 6.54
CA ASP A 17 -1.02 -9.14 7.75
C ASP A 17 -0.77 -7.65 7.49
N ILE A 18 -1.16 -7.12 6.32
CA ILE A 18 -0.96 -5.72 6.00
C ILE A 18 -2.26 -5.11 5.47
N THR A 19 -2.46 -3.83 5.77
CA THR A 19 -3.62 -3.08 5.30
C THR A 19 -3.15 -1.68 4.89
N ILE A 20 -3.92 -1.04 4.01
CA ILE A 20 -3.60 0.28 3.47
C ILE A 20 -4.86 1.12 3.54
N THR A 21 -4.70 2.44 3.71
CA THR A 21 -5.84 3.34 3.82
C THR A 21 -5.52 4.65 3.12
N ILE A 22 -6.54 5.29 2.56
CA ILE A 22 -6.44 6.54 1.81
C ILE A 22 -7.12 7.64 2.64
N LEU A 23 -6.36 8.22 3.57
CA LEU A 23 -6.92 9.12 4.57
C LEU A 23 -7.50 10.40 3.96
N GLY A 24 -7.05 10.82 2.78
CA GLY A 24 -7.63 11.99 2.14
C GLY A 24 -6.84 12.47 0.92
N VAL A 25 -7.27 13.60 0.37
CA VAL A 25 -6.72 14.15 -0.86
C VAL A 25 -6.75 15.68 -0.82
N SER A 26 -5.66 16.31 -1.28
CA SER A 26 -5.50 17.76 -1.33
C SER A 26 -4.56 18.11 -2.47
N GLY A 27 -5.08 18.74 -3.54
CA GLY A 27 -4.26 18.97 -4.72
C GLY A 27 -3.68 17.65 -5.21
N GLN A 28 -2.44 17.64 -5.69
CA GLN A 28 -1.80 16.39 -6.07
C GLN A 28 -1.44 15.56 -4.84
N GLN A 29 -1.48 16.17 -3.65
CA GLN A 29 -1.13 15.50 -2.41
C GLN A 29 -2.23 14.53 -2.01
N VAL A 30 -1.85 13.50 -1.26
CA VAL A 30 -2.72 12.42 -0.85
C VAL A 30 -2.22 11.93 0.50
N ARG A 31 -3.03 12.04 1.56
CA ARG A 31 -2.61 11.51 2.86
C ARG A 31 -2.96 10.03 2.88
N ILE A 32 -2.02 9.20 3.34
CA ILE A 32 -2.14 7.75 3.24
C ILE A 32 -1.79 7.12 4.58
N GLY A 33 -2.32 5.92 4.83
CA GLY A 33 -2.09 5.16 6.04
C GLY A 33 -1.64 3.74 5.67
N ILE A 34 -0.84 3.15 6.54
CA ILE A 34 -0.33 1.79 6.37
C ILE A 34 -0.41 1.11 7.72
N ASN A 35 -0.71 -0.18 7.73
CA ASN A 35 -0.94 -0.89 8.96
C ASN A 35 -0.41 -2.32 8.85
N ALA A 36 0.75 -2.56 9.46
CA ALA A 36 1.42 -3.86 9.42
C ALA A 36 2.28 -4.04 10.67
N PRO A 37 2.66 -5.27 10.99
CA PRO A 37 3.58 -5.57 12.09
C PRO A 37 4.97 -5.04 11.77
N LYS A 38 5.77 -4.80 12.81
CA LYS A 38 7.18 -4.42 12.63
C LYS A 38 7.97 -5.59 12.04
N ASP A 39 7.28 -6.71 11.82
CA ASP A 39 7.81 -7.88 11.13
C ASP A 39 8.10 -7.55 9.66
N VAL A 40 7.66 -6.37 9.22
CA VAL A 40 7.88 -5.88 7.87
C VAL A 40 8.24 -4.39 7.96
N ALA A 41 8.69 -3.80 6.84
CA ALA A 41 9.17 -2.43 6.86
C ALA A 41 8.40 -1.60 5.83
N VAL A 42 8.36 -0.28 6.04
CA VAL A 42 7.69 0.66 5.14
C VAL A 42 8.45 1.98 5.11
N HIS A 43 8.76 2.49 3.90
CA HIS A 43 9.41 3.78 3.77
C HIS A 43 9.12 4.40 2.42
N ARG A 44 9.30 5.72 2.32
CA ARG A 44 9.25 6.45 1.06
C ARG A 44 10.30 5.84 0.13
N GLU A 45 10.01 5.79 -1.18
CA GLU A 45 10.91 5.16 -2.13
C GLU A 45 12.31 5.80 -2.11
N GLU A 46 12.37 7.10 -1.83
CA GLU A 46 13.66 7.80 -1.73
C GLU A 46 14.41 7.38 -0.46
N ILE A 47 13.69 7.21 0.65
CA ILE A 47 14.28 6.80 1.92
C ILE A 47 14.72 5.35 1.85
N TYR A 48 14.00 4.54 1.07
CA TYR A 48 14.27 3.13 0.91
C TYR A 48 15.69 2.90 0.36
N GLN A 49 16.15 3.77 -0.54
CA GLN A 49 17.47 3.61 -1.15
C GLN A 49 18.59 3.86 -0.15
N ARG A 50 18.30 4.50 0.99
CA ARG A 50 19.27 4.73 2.05
C ARG A 50 19.34 3.53 2.98
N ILE A 51 18.40 2.59 2.83
CA ILE A 51 18.28 1.44 3.71
C ILE A 51 18.66 0.16 2.98
N GLN A 52 18.39 0.09 1.67
CA GLN A 52 18.79 -1.04 0.86
C GLN A 52 20.25 -0.92 0.42
N ALA A 53 20.94 0.14 0.86
CA ALA A 53 22.31 0.41 0.47
C ALA A 53 23.28 -0.68 0.93
N GLY A 54 22.88 -1.51 1.91
CA GLY A 54 23.73 -2.60 2.37
C GLY A 54 23.58 -2.91 3.87
N LEU A 55 22.46 -2.53 4.50
CA LEU A 55 22.35 -2.66 5.94
C LEU A 55 20.95 -3.00 6.46
N THR A 56 19.91 -2.63 5.72
CA THR A 56 18.51 -2.76 6.16
C THR A 56 18.36 -2.53 7.66
N ALA A 57 19.04 -1.52 8.21
CA ALA A 57 19.03 -1.19 9.63
C ALA A 57 19.20 0.31 9.80
N PRO A 58 18.13 1.09 9.62
CA PRO A 58 18.13 2.54 9.68
C PRO A 58 18.90 3.11 10.88
N ASP A 59 18.75 2.49 12.05
CA ASP A 59 19.39 2.97 13.26
C ASP A 59 19.36 1.93 14.38
N MET C 1 -0.07 1.71 12.85
CA MET C 1 -0.40 2.63 11.73
C MET C 1 0.77 3.56 11.44
N LEU C 2 1.04 3.82 10.16
CA LEU C 2 2.07 4.74 9.73
C LEU C 2 1.46 5.59 8.62
N ILE C 3 1.39 6.90 8.87
CA ILE C 3 0.70 7.84 8.01
C ILE C 3 1.70 8.74 7.30
N LEU C 4 1.36 9.18 6.09
CA LEU C 4 2.22 10.01 5.26
C LEU C 4 1.42 10.93 4.35
N THR C 5 2.13 11.76 3.59
CA THR C 5 1.60 12.52 2.47
C THR C 5 2.53 12.30 1.28
N ARG C 6 1.94 11.86 0.18
CA ARG C 6 2.61 11.76 -1.11
C ARG C 6 1.75 12.39 -2.18
N LYS C 7 2.27 12.47 -3.41
CA LYS C 7 1.52 13.06 -4.50
C LYS C 7 1.73 12.32 -5.81
N VAL C 8 0.87 12.61 -6.80
CA VAL C 8 0.80 11.80 -8.00
C VAL C 8 2.16 11.59 -8.65
N GLY C 9 2.43 10.35 -9.06
CA GLY C 9 3.64 9.98 -9.78
C GLY C 9 4.76 9.48 -8.88
N GLU C 10 4.58 9.53 -7.55
CA GLU C 10 5.60 9.10 -6.59
C GLU C 10 5.36 7.66 -6.12
N SER C 11 6.26 7.13 -5.28
CA SER C 11 6.19 5.73 -4.85
C SER C 11 6.61 5.53 -3.40
N ILE C 12 6.30 4.34 -2.88
CA ILE C 12 6.63 3.88 -1.53
C ILE C 12 6.97 2.39 -1.60
N ASN C 13 7.63 1.85 -0.56
CA ASN C 13 8.01 0.44 -0.54
C ASN C 13 7.51 -0.23 0.75
N ILE C 14 7.22 -1.53 0.70
CA ILE C 14 6.69 -2.29 1.82
C ILE C 14 7.23 -3.72 1.80
N GLY C 15 7.47 -4.28 2.98
CA GLY C 15 7.84 -5.69 3.16
C GLY C 15 9.06 -6.14 2.37
N ASP C 16 9.83 -5.19 1.83
CA ASP C 16 11.01 -5.46 1.00
C ASP C 16 10.72 -6.37 -0.21
N ASP C 17 9.44 -6.59 -0.53
CA ASP C 17 9.01 -7.37 -1.69
C ASP C 17 7.77 -6.74 -2.34
N ILE C 18 7.35 -5.57 -1.86
CA ILE C 18 6.17 -4.88 -2.38
C ILE C 18 6.52 -3.42 -2.61
N THR C 19 5.87 -2.82 -3.62
CA THR C 19 6.06 -1.42 -3.95
C THR C 19 4.69 -0.83 -4.27
N ILE C 20 4.54 0.48 -4.07
CA ILE C 20 3.27 1.16 -4.24
C ILE C 20 3.51 2.43 -5.07
N THR C 21 2.57 2.78 -5.94
CA THR C 21 2.66 4.01 -6.73
C THR C 21 1.31 4.72 -6.72
N ILE C 22 1.35 6.05 -6.79
CA ILE C 22 0.16 6.89 -6.76
C ILE C 22 -0.07 7.42 -8.17
N LEU C 23 -0.84 6.67 -8.95
CA LEU C 23 -0.95 6.88 -10.38
C LEU C 23 -1.65 8.19 -10.72
N GLY C 24 -2.46 8.71 -9.80
CA GLY C 24 -3.10 10.00 -9.98
C GLY C 24 -4.29 10.19 -9.05
N VAL C 25 -4.93 11.37 -9.15
CA VAL C 25 -6.14 11.63 -8.39
C VAL C 25 -7.29 11.99 -9.33
N SER C 26 -8.51 11.90 -8.79
CA SER C 26 -9.74 12.18 -9.50
C SER C 26 -10.77 12.67 -8.49
N GLY C 27 -10.46 13.78 -7.81
CA GLY C 27 -11.33 14.28 -6.77
C GLY C 27 -11.22 13.38 -5.54
N GLN C 28 -12.37 13.03 -4.95
CA GLN C 28 -12.39 12.13 -3.81
C GLN C 28 -11.91 10.73 -4.19
N GLN C 29 -11.76 10.44 -5.48
CA GLN C 29 -11.27 9.13 -5.92
C GLN C 29 -9.80 9.25 -6.26
N VAL C 30 -9.05 8.18 -6.03
CA VAL C 30 -7.62 8.17 -6.26
C VAL C 30 -7.21 6.87 -6.94
N ARG C 31 -6.44 6.94 -8.02
CA ARG C 31 -5.97 5.76 -8.72
C ARG C 31 -4.60 5.40 -8.19
N ILE C 32 -4.45 4.14 -7.76
CA ILE C 32 -3.26 3.69 -7.05
C ILE C 32 -2.81 2.37 -7.65
N GLY C 33 -1.52 2.05 -7.54
CA GLY C 33 -0.97 0.83 -8.08
C GLY C 33 -0.17 0.08 -7.03
N ILE C 34 -0.04 -1.24 -7.21
CA ILE C 34 0.65 -2.11 -6.29
C ILE C 34 1.49 -3.08 -7.10
N ASN C 35 2.67 -3.43 -6.57
CA ASN C 35 3.58 -4.33 -7.27
C ASN C 35 4.23 -5.27 -6.27
N ALA C 36 3.85 -6.54 -6.34
CA ALA C 36 4.33 -7.58 -5.44
C ALA C 36 4.31 -8.93 -6.16
N PRO C 37 5.07 -9.92 -5.66
CA PRO C 37 5.04 -11.28 -6.16
C PRO C 37 3.68 -11.92 -5.87
N LYS C 38 3.29 -12.91 -6.68
CA LYS C 38 2.10 -13.70 -6.39
C LYS C 38 2.30 -14.56 -5.15
N ASP C 39 3.49 -14.45 -4.56
CA ASP C 39 3.83 -15.06 -3.28
C ASP C 39 3.02 -14.42 -2.15
N VAL C 40 2.35 -13.30 -2.47
CA VAL C 40 1.50 -12.56 -1.55
C VAL C 40 0.25 -12.11 -2.30
N ALA C 41 -0.75 -11.61 -1.59
CA ALA C 41 -2.04 -11.28 -2.19
C ALA C 41 -2.38 -9.81 -2.02
N VAL C 42 -3.30 -9.30 -2.84
CA VAL C 42 -3.78 -7.93 -2.75
C VAL C 42 -5.24 -7.90 -3.19
N HIS C 43 -6.11 -7.25 -2.42
CA HIS C 43 -7.51 -7.12 -2.83
C HIS C 43 -8.14 -5.86 -2.24
N ARG C 44 -9.30 -5.47 -2.79
CA ARG C 44 -10.13 -4.42 -2.22
C ARG C 44 -10.59 -4.90 -0.85
N GLU C 45 -10.80 -3.99 0.10
CA GLU C 45 -11.17 -4.37 1.46
C GLU C 45 -12.49 -5.15 1.46
N GLU C 46 -13.39 -4.82 0.53
CA GLU C 46 -14.67 -5.51 0.40
C GLU C 46 -14.47 -6.95 -0.06
N ILE C 47 -13.56 -7.13 -1.04
CA ILE C 47 -13.27 -8.45 -1.59
C ILE C 47 -12.50 -9.29 -0.57
N TYR C 48 -11.60 -8.64 0.16
CA TYR C 48 -10.71 -9.27 1.12
C TYR C 48 -11.48 -10.13 2.11
N GLN C 49 -12.67 -9.69 2.52
CA GLN C 49 -13.47 -10.39 3.51
C GLN C 49 -13.86 -11.79 3.07
N ARG C 50 -13.71 -12.12 1.78
CA ARG C 50 -13.96 -13.47 1.29
C ARG C 50 -12.70 -14.31 1.46
N ILE C 51 -11.54 -13.74 1.13
CA ILE C 51 -10.27 -14.43 1.20
C ILE C 51 -9.89 -14.73 2.65
N GLN C 52 -10.57 -14.07 3.59
CA GLN C 52 -10.38 -14.30 5.01
C GLN C 52 -11.52 -15.11 5.65
N ALA C 53 -12.51 -15.56 4.88
CA ALA C 53 -13.66 -16.26 5.46
C ALA C 53 -14.16 -17.47 4.65
N GLY C 54 -13.58 -17.76 3.49
CA GLY C 54 -14.00 -18.92 2.70
C GLY C 54 -13.26 -19.04 1.36
N LEU C 55 -12.49 -18.01 1.00
CA LEU C 55 -11.55 -18.01 -0.11
C LEU C 55 -12.29 -18.06 -1.46
N THR C 56 -11.51 -18.06 -2.55
CA THR C 56 -12.06 -18.06 -3.90
C THR C 56 -11.13 -18.83 -4.84
N ALA C 57 -11.64 -19.18 -6.04
CA ALA C 57 -10.93 -19.94 -7.05
C ALA C 57 -9.98 -20.99 -6.46
N PRO C 58 -10.48 -21.95 -5.65
CA PRO C 58 -9.69 -22.99 -5.03
C PRO C 58 -8.77 -23.73 -6.00
N ASP C 59 -9.17 -23.84 -7.26
CA ASP C 59 -8.44 -24.58 -8.27
C ASP C 59 -8.92 -24.19 -9.67
N MET A 1 1.92 -5.41 -12.29
CA MET A 1 1.14 -4.48 -11.45
C MET A 1 -0.27 -4.98 -11.23
N LEU A 2 -0.95 -4.39 -10.24
CA LEU A 2 -2.37 -4.53 -10.02
C LEU A 2 -2.90 -3.13 -9.74
N ILE A 3 -3.74 -2.61 -10.64
CA ILE A 3 -4.21 -1.24 -10.58
C ILE A 3 -5.70 -1.21 -10.29
N LEU A 4 -6.12 -0.23 -9.49
CA LEU A 4 -7.53 -0.02 -9.17
C LEU A 4 -7.75 1.38 -8.61
N THR A 5 -9.02 1.71 -8.30
CA THR A 5 -9.38 3.00 -7.73
C THR A 5 -9.92 2.83 -6.32
N ARG A 6 -9.85 3.91 -5.55
CA ARG A 6 -10.34 3.98 -4.18
C ARG A 6 -10.81 5.41 -3.93
N LYS A 7 -11.58 5.64 -2.86
CA LYS A 7 -12.02 6.99 -2.50
C LYS A 7 -11.61 7.28 -1.07
N VAL A 8 -11.53 8.57 -0.70
CA VAL A 8 -11.06 8.91 0.63
C VAL A 8 -11.90 8.25 1.73
N GLY A 9 -11.24 7.80 2.80
CA GLY A 9 -11.89 7.18 3.94
C GLY A 9 -12.03 5.67 3.81
N GLU A 10 -11.72 5.10 2.64
CA GLU A 10 -11.82 3.67 2.42
C GLU A 10 -10.50 2.97 2.75
N SER A 11 -10.43 1.66 2.51
CA SER A 11 -9.28 0.85 2.88
C SER A 11 -8.95 -0.20 1.81
N ILE A 12 -7.80 -0.85 2.00
CA ILE A 12 -7.14 -1.76 1.07
C ILE A 12 -6.29 -2.72 1.91
N ASN A 13 -5.84 -3.85 1.33
CA ASN A 13 -5.05 -4.83 2.08
C ASN A 13 -3.98 -5.47 1.21
N ILE A 14 -2.94 -5.99 1.89
CA ILE A 14 -1.80 -6.64 1.25
C ILE A 14 -1.38 -7.83 2.10
N GLY A 15 -0.88 -8.88 1.45
CA GLY A 15 -0.45 -10.10 2.13
C GLY A 15 -1.57 -10.64 3.00
N ASP A 16 -1.21 -11.10 4.20
CA ASP A 16 -2.17 -11.61 5.17
C ASP A 16 -1.91 -10.97 6.54
N ASP A 17 -1.07 -9.92 6.58
CA ASP A 17 -0.70 -9.24 7.80
C ASP A 17 -0.54 -7.73 7.57
N ILE A 18 -0.98 -7.21 6.42
CA ILE A 18 -0.85 -5.79 6.13
C ILE A 18 -2.19 -5.20 5.71
N THR A 19 -2.39 -3.93 6.05
CA THR A 19 -3.58 -3.17 5.71
C THR A 19 -3.14 -1.77 5.30
N ILE A 20 -3.94 -1.12 4.45
CA ILE A 20 -3.65 0.20 3.91
C ILE A 20 -4.92 1.03 3.97
N THR A 21 -4.79 2.34 4.16
CA THR A 21 -5.95 3.22 4.24
C THR A 21 -5.66 4.50 3.47
N ILE A 22 -6.71 5.10 2.89
CA ILE A 22 -6.62 6.32 2.12
C ILE A 22 -7.25 7.44 2.94
N LEU A 23 -6.43 8.04 3.82
CA LEU A 23 -6.91 8.96 4.83
C LEU A 23 -7.51 10.24 4.24
N GLY A 24 -7.11 10.62 3.03
CA GLY A 24 -7.70 11.77 2.36
C GLY A 24 -6.84 12.29 1.21
N VAL A 25 -7.27 13.41 0.61
CA VAL A 25 -6.51 14.07 -0.44
C VAL A 25 -6.42 15.57 -0.18
N SER A 26 -5.51 16.21 -0.91
CA SER A 26 -5.28 17.64 -0.87
C SER A 26 -4.76 18.07 -2.24
N GLY A 27 -5.60 17.93 -3.27
CA GLY A 27 -5.21 18.24 -4.63
C GLY A 27 -4.34 17.11 -5.18
N GLN A 28 -3.07 17.40 -5.44
CA GLN A 28 -2.14 16.40 -5.95
C GLN A 28 -1.65 15.55 -4.78
N GLN A 29 -1.78 16.07 -3.56
CA GLN A 29 -1.38 15.38 -2.36
C GLN A 29 -2.44 14.37 -1.96
N VAL A 30 -1.99 13.32 -1.28
CA VAL A 30 -2.82 12.24 -0.80
C VAL A 30 -2.25 11.77 0.53
N ARG A 31 -3.03 11.85 1.61
CA ARG A 31 -2.56 11.36 2.90
C ARG A 31 -2.94 9.90 3.01
N ILE A 32 -1.96 9.06 3.32
CA ILE A 32 -2.12 7.61 3.28
C ILE A 32 -1.67 7.01 4.60
N GLY A 33 -2.21 5.84 4.93
CA GLY A 33 -1.88 5.13 6.16
C GLY A 33 -1.52 3.69 5.84
N ILE A 34 -0.71 3.09 6.71
CA ILE A 34 -0.22 1.72 6.56
C ILE A 34 -0.25 1.05 7.92
N ASN A 35 -0.56 -0.24 7.93
CA ASN A 35 -0.67 -0.99 9.18
C ASN A 35 -0.13 -2.39 8.98
N ALA A 36 1.05 -2.64 9.56
CA ALA A 36 1.75 -3.90 9.46
C ALA A 36 2.60 -4.11 10.71
N PRO A 37 3.02 -5.34 11.01
CA PRO A 37 3.92 -5.62 12.11
C PRO A 37 5.27 -4.97 11.86
N LYS A 38 6.01 -4.66 12.92
CA LYS A 38 7.36 -4.10 12.79
C LYS A 38 8.33 -5.17 12.29
N ASP A 39 7.84 -6.39 12.08
CA ASP A 39 8.57 -7.47 11.44
C ASP A 39 8.79 -7.17 9.96
N VAL A 40 8.17 -6.08 9.47
CA VAL A 40 8.32 -5.59 8.11
C VAL A 40 8.50 -4.08 8.16
N ALA A 41 8.90 -3.47 7.04
CA ALA A 41 9.21 -2.05 7.01
C ALA A 41 8.41 -1.35 5.94
N VAL A 42 8.25 -0.03 6.09
CA VAL A 42 7.46 0.79 5.16
C VAL A 42 8.11 2.17 5.01
N HIS A 43 8.31 2.62 3.78
CA HIS A 43 8.82 3.98 3.52
C HIS A 43 8.45 4.42 2.11
N ARG A 44 8.48 5.73 1.85
CA ARG A 44 8.27 6.23 0.49
C ARG A 44 9.40 5.72 -0.39
N GLU A 45 9.19 5.65 -1.70
CA GLU A 45 10.18 5.08 -2.60
C GLU A 45 11.50 5.86 -2.57
N GLU A 46 11.47 7.14 -2.19
CA GLU A 46 12.70 7.90 -2.03
C GLU A 46 13.45 7.43 -0.80
N ILE A 47 12.76 7.38 0.34
CA ILE A 47 13.36 7.02 1.61
C ILE A 47 13.87 5.58 1.55
N TYR A 48 13.22 4.75 0.73
CA TYR A 48 13.59 3.36 0.57
C TYR A 48 14.99 3.22 -0.03
N GLN A 49 15.33 4.08 -0.99
CA GLN A 49 16.62 3.99 -1.67
C GLN A 49 17.78 4.41 -0.77
N ARG A 50 17.48 5.09 0.34
CA ARG A 50 18.47 5.44 1.36
C ARG A 50 18.70 4.27 2.30
N ILE A 51 17.87 3.24 2.21
CA ILE A 51 17.91 2.11 3.12
C ILE A 51 18.41 0.85 2.41
N GLN A 52 17.93 0.59 1.20
CA GLN A 52 18.34 -0.59 0.44
C GLN A 52 19.81 -0.49 0.02
N ALA A 53 20.49 0.62 0.37
CA ALA A 53 21.89 0.81 0.09
C ALA A 53 22.75 -0.18 0.87
N GLY A 54 22.20 -0.83 1.90
CA GLY A 54 22.95 -1.84 2.64
C GLY A 54 22.53 -1.98 4.12
N LEU A 55 21.38 -1.44 4.51
CA LEU A 55 21.02 -1.38 5.92
C LEU A 55 19.50 -1.33 6.13
N THR A 56 19.09 -1.21 7.39
CA THR A 56 17.69 -1.05 7.80
C THR A 56 17.59 -0.12 9.01
N ALA A 57 18.70 0.52 9.39
CA ALA A 57 18.74 1.48 10.48
C ALA A 57 19.84 2.50 10.21
N PRO A 58 19.50 3.80 10.22
CA PRO A 58 20.45 4.89 10.04
C PRO A 58 21.69 4.79 10.92
N ASP A 59 21.54 4.25 12.13
CA ASP A 59 22.61 4.19 13.11
C ASP A 59 22.22 3.22 14.24
N MET C 1 -0.54 2.39 13.17
CA MET C 1 -0.53 2.85 11.77
C MET C 1 0.60 3.85 11.54
N LEU C 2 1.13 3.85 10.31
CA LEU C 2 2.15 4.78 9.87
C LEU C 2 1.54 5.63 8.75
N ILE C 3 1.49 6.95 8.97
CA ILE C 3 0.83 7.89 8.08
C ILE C 3 1.87 8.83 7.47
N LEU C 4 1.67 9.16 6.20
CA LEU C 4 2.49 10.15 5.51
C LEU C 4 1.77 10.66 4.27
N THR C 5 2.31 11.71 3.66
CA THR C 5 1.75 12.26 2.43
C THR C 5 2.51 11.73 1.22
N ARG C 6 1.80 11.69 0.11
CA ARG C 6 2.31 11.25 -1.19
C ARG C 6 1.58 12.06 -2.26
N LYS C 7 2.17 12.22 -3.44
CA LYS C 7 1.49 12.90 -4.54
C LYS C 7 1.39 12.01 -5.77
N VAL C 8 0.50 12.40 -6.66
CA VAL C 8 0.23 11.72 -7.91
C VAL C 8 1.50 11.45 -8.71
N GLY C 9 1.86 10.17 -8.87
CA GLY C 9 2.96 9.76 -9.73
C GLY C 9 4.15 9.18 -8.94
N GLU C 10 4.29 9.55 -7.66
CA GLU C 10 5.34 9.05 -6.78
C GLU C 10 5.05 7.60 -6.37
N SER C 11 5.89 7.04 -5.49
CA SER C 11 5.81 5.64 -5.10
C SER C 11 6.16 5.41 -3.62
N ILE C 12 6.04 4.15 -3.17
CA ILE C 12 6.23 3.71 -1.79
C ILE C 12 6.73 2.26 -1.83
N ASN C 13 7.18 1.72 -0.68
CA ASN C 13 7.64 0.35 -0.58
C ASN C 13 7.23 -0.26 0.75
N ILE C 14 7.05 -1.58 0.77
CA ILE C 14 6.63 -2.32 1.95
C ILE C 14 7.24 -3.72 1.94
N GLY C 15 7.57 -4.24 3.13
CA GLY C 15 7.99 -5.63 3.33
C GLY C 15 9.19 -6.06 2.49
N ASP C 16 9.92 -5.10 1.91
CA ASP C 16 11.10 -5.36 1.07
C ASP C 16 10.82 -6.29 -0.13
N ASP C 17 9.55 -6.57 -0.44
CA ASP C 17 9.18 -7.36 -1.61
C ASP C 17 7.94 -6.77 -2.27
N ILE C 18 7.48 -5.60 -1.82
CA ILE C 18 6.31 -4.94 -2.35
C ILE C 18 6.64 -3.49 -2.66
N THR C 19 6.02 -2.97 -3.71
CA THR C 19 6.15 -1.60 -4.13
C THR C 19 4.77 -1.08 -4.44
N ILE C 20 4.54 0.21 -4.20
CA ILE C 20 3.24 0.83 -4.39
C ILE C 20 3.45 2.11 -5.18
N THR C 21 2.45 2.48 -5.98
CA THR C 21 2.51 3.67 -6.81
C THR C 21 1.14 4.32 -6.80
N ILE C 22 1.12 5.64 -6.93
CA ILE C 22 -0.12 6.39 -6.93
C ILE C 22 -0.24 6.94 -8.36
N LEU C 23 -1.30 6.56 -9.09
CA LEU C 23 -1.35 6.84 -10.51
C LEU C 23 -2.03 8.16 -10.82
N GLY C 24 -2.86 8.66 -9.90
CA GLY C 24 -3.43 9.99 -10.07
C GLY C 24 -4.64 10.23 -9.16
N VAL C 25 -5.26 11.39 -9.33
CA VAL C 25 -6.36 11.82 -8.48
C VAL C 25 -7.45 12.53 -9.30
N SER C 26 -8.71 12.25 -8.98
CA SER C 26 -9.88 12.83 -9.63
C SER C 26 -11.00 12.88 -8.61
N GLY C 27 -11.44 14.07 -8.20
CA GLY C 27 -12.40 14.19 -7.11
C GLY C 27 -11.85 13.46 -5.89
N GLN C 28 -12.72 12.79 -5.13
CA GLN C 28 -12.27 11.99 -3.99
C GLN C 28 -11.72 10.65 -4.45
N GLN C 29 -11.83 10.32 -5.74
CA GLN C 29 -11.33 9.07 -6.29
C GLN C 29 -9.82 9.18 -6.47
N VAL C 30 -9.13 8.04 -6.39
CA VAL C 30 -7.68 7.98 -6.49
C VAL C 30 -7.31 6.67 -7.17
N ARG C 31 -6.64 6.73 -8.32
CA ARG C 31 -6.19 5.51 -8.99
C ARG C 31 -4.81 5.16 -8.45
N ILE C 32 -4.60 3.87 -8.15
CA ILE C 32 -3.41 3.40 -7.45
C ILE C 32 -2.88 2.15 -8.12
N GLY C 33 -1.57 1.92 -8.00
CA GLY C 33 -0.85 0.79 -8.57
C GLY C 33 -0.19 0.01 -7.44
N ILE C 34 -0.06 -1.31 -7.64
CA ILE C 34 0.54 -2.19 -6.65
C ILE C 34 1.42 -3.18 -7.38
N ASN C 35 2.54 -3.56 -6.76
CA ASN C 35 3.51 -4.43 -7.40
C ASN C 35 4.13 -5.36 -6.36
N ALA C 36 3.71 -6.61 -6.38
CA ALA C 36 4.17 -7.64 -5.43
C ALA C 36 4.16 -9.00 -6.11
N PRO C 37 4.91 -9.97 -5.59
CA PRO C 37 4.90 -11.34 -6.07
C PRO C 37 3.55 -12.00 -5.77
N LYS C 38 3.16 -12.99 -6.57
CA LYS C 38 1.93 -13.74 -6.33
C LYS C 38 2.07 -14.61 -5.08
N ASP C 39 3.25 -14.59 -4.45
CA ASP C 39 3.49 -15.22 -3.16
C ASP C 39 2.75 -14.49 -2.05
N VAL C 40 2.16 -13.34 -2.38
CA VAL C 40 1.34 -12.54 -1.48
C VAL C 40 0.12 -12.05 -2.25
N ALA C 41 -0.87 -11.49 -1.55
CA ALA C 41 -2.12 -11.09 -2.20
C ALA C 41 -2.37 -9.60 -2.02
N VAL C 42 -3.22 -9.03 -2.88
CA VAL C 42 -3.56 -7.61 -2.83
C VAL C 42 -5.02 -7.44 -3.25
N HIS C 43 -5.81 -6.70 -2.47
CA HIS C 43 -7.19 -6.39 -2.84
C HIS C 43 -7.67 -5.16 -2.09
N ARG C 44 -8.77 -4.55 -2.56
CA ARG C 44 -9.46 -3.53 -1.78
C ARG C 44 -10.05 -4.22 -0.54
N GLU C 45 -10.33 -3.46 0.52
CA GLU C 45 -10.78 -4.05 1.77
C GLU C 45 -12.06 -4.86 1.60
N GLU C 46 -12.85 -4.58 0.56
CA GLU C 46 -14.09 -5.30 0.32
C GLU C 46 -13.82 -6.76 -0.04
N ILE C 47 -12.89 -7.00 -0.96
CA ILE C 47 -12.63 -8.35 -1.46
C ILE C 47 -11.75 -9.10 -0.48
N TYR C 48 -10.95 -8.38 0.30
CA TYR C 48 -10.05 -8.97 1.28
C TYR C 48 -10.81 -9.79 2.32
N GLN C 49 -12.07 -9.44 2.58
CA GLN C 49 -12.89 -10.13 3.55
C GLN C 49 -13.30 -11.52 3.09
N ARG C 50 -13.11 -11.84 1.79
CA ARG C 50 -13.41 -13.16 1.27
C ARG C 50 -12.25 -14.10 1.55
N ILE C 51 -11.13 -13.58 2.02
CA ILE C 51 -9.93 -14.35 2.33
C ILE C 51 -9.72 -14.36 3.86
N GLN C 52 -10.46 -13.50 4.56
CA GLN C 52 -10.39 -13.41 6.02
C GLN C 52 -11.71 -13.81 6.70
N ALA C 53 -12.81 -13.92 5.95
CA ALA C 53 -14.11 -14.26 6.53
C ALA C 53 -14.95 -15.19 5.65
N GLY C 54 -14.45 -15.56 4.46
CA GLY C 54 -15.18 -16.44 3.55
C GLY C 54 -14.26 -17.44 2.85
N LEU C 55 -12.95 -17.31 3.09
CA LEU C 55 -11.88 -18.15 2.57
C LEU C 55 -12.18 -18.72 1.19
N THR C 56 -12.48 -17.86 0.21
CA THR C 56 -12.71 -18.30 -1.15
C THR C 56 -11.42 -18.83 -1.78
N ALA C 57 -10.30 -18.72 -1.06
CA ALA C 57 -9.00 -19.20 -1.47
C ALA C 57 -8.20 -19.61 -0.22
N PRO C 58 -8.54 -20.77 0.38
CA PRO C 58 -7.92 -21.30 1.59
C PRO C 58 -6.40 -21.44 1.49
N ASP C 59 -5.78 -21.80 2.61
CA ASP C 59 -4.34 -22.00 2.71
C ASP C 59 -3.85 -23.12 1.79
N MET A 1 1.95 -5.07 -12.17
CA MET A 1 1.15 -4.19 -11.30
C MET A 1 -0.23 -4.77 -11.03
N LEU A 2 -0.87 -4.26 -9.98
CA LEU A 2 -2.27 -4.48 -9.70
C LEU A 2 -2.84 -3.12 -9.31
N ILE A 3 -3.73 -2.59 -10.14
CA ILE A 3 -4.26 -1.24 -10.00
C ILE A 3 -5.69 -1.28 -9.47
N LEU A 4 -6.07 -0.23 -8.74
CA LEU A 4 -7.33 -0.17 -8.00
C LEU A 4 -7.76 1.30 -7.86
N THR A 5 -9.03 1.53 -7.52
CA THR A 5 -9.52 2.86 -7.16
C THR A 5 -10.18 2.80 -5.81
N ARG A 6 -10.04 3.88 -5.03
CA ARG A 6 -10.66 4.00 -3.72
C ARG A 6 -11.04 5.46 -3.48
N LYS A 7 -12.10 5.66 -2.69
CA LYS A 7 -12.53 6.98 -2.28
C LYS A 7 -11.82 7.35 -0.99
N VAL A 8 -11.73 8.66 -0.72
CA VAL A 8 -11.12 9.14 0.50
C VAL A 8 -11.77 8.49 1.72
N GLY A 9 -11.01 7.68 2.45
CA GLY A 9 -11.46 7.06 3.68
C GLY A 9 -11.59 5.54 3.56
N GLU A 10 -11.58 5.00 2.34
CA GLU A 10 -11.71 3.56 2.13
C GLU A 10 -10.37 2.85 2.30
N SER A 11 -10.39 1.51 2.18
CA SER A 11 -9.22 0.69 2.49
C SER A 11 -8.95 -0.39 1.46
N ILE A 12 -7.75 -0.99 1.55
CA ILE A 12 -7.23 -2.03 0.68
C ILE A 12 -6.39 -2.97 1.55
N ASN A 13 -6.12 -4.19 1.10
CA ASN A 13 -5.37 -5.15 1.92
C ASN A 13 -4.28 -5.85 1.12
N ILE A 14 -3.26 -6.31 1.84
CA ILE A 14 -2.09 -6.99 1.29
C ILE A 14 -1.69 -8.13 2.22
N GLY A 15 -1.26 -9.25 1.64
CA GLY A 15 -0.88 -10.43 2.39
C GLY A 15 -2.00 -10.84 3.33
N ASP A 16 -1.65 -11.17 4.57
CA ASP A 16 -2.61 -11.52 5.61
C ASP A 16 -2.25 -10.82 6.92
N ASP A 17 -1.37 -9.80 6.82
CA ASP A 17 -0.89 -9.05 7.97
C ASP A 17 -0.71 -7.58 7.65
N ILE A 18 -1.15 -7.12 6.46
CA ILE A 18 -0.99 -5.73 6.09
C ILE A 18 -2.30 -5.16 5.55
N THR A 19 -2.50 -3.86 5.79
CA THR A 19 -3.67 -3.12 5.32
C THR A 19 -3.20 -1.75 4.85
N ILE A 20 -3.99 -1.14 3.96
CA ILE A 20 -3.67 0.15 3.37
C ILE A 20 -4.95 1.00 3.39
N THR A 21 -4.79 2.32 3.52
CA THR A 21 -5.94 3.22 3.60
C THR A 21 -5.60 4.50 2.85
N ILE A 22 -6.63 5.21 2.38
CA ILE A 22 -6.45 6.48 1.66
C ILE A 22 -7.16 7.54 2.48
N LEU A 23 -6.45 8.15 3.43
CA LEU A 23 -7.04 9.00 4.45
C LEU A 23 -7.70 10.27 3.91
N GLY A 24 -7.29 10.74 2.73
CA GLY A 24 -7.93 11.91 2.13
C GLY A 24 -7.17 12.42 0.92
N VAL A 25 -7.66 13.52 0.35
CA VAL A 25 -7.12 14.08 -0.89
C VAL A 25 -7.01 15.60 -0.78
N SER A 26 -5.99 16.17 -1.40
CA SER A 26 -5.68 17.60 -1.35
C SER A 26 -5.00 18.00 -2.67
N GLY A 27 -5.76 17.95 -3.76
CA GLY A 27 -5.21 18.28 -5.06
C GLY A 27 -4.30 17.15 -5.52
N GLN A 28 -3.13 17.49 -6.06
CA GLN A 28 -2.15 16.50 -6.46
C GLN A 28 -1.61 15.74 -5.24
N GLN A 29 -1.78 16.27 -4.03
CA GLN A 29 -1.32 15.60 -2.83
C GLN A 29 -2.42 14.67 -2.32
N VAL A 30 -2.02 13.58 -1.65
CA VAL A 30 -2.96 12.60 -1.12
C VAL A 30 -2.41 12.09 0.20
N ARG A 31 -3.23 12.09 1.26
CA ARG A 31 -2.80 11.54 2.54
C ARG A 31 -3.16 10.07 2.56
N ILE A 32 -2.20 9.22 2.93
CA ILE A 32 -2.33 7.78 2.81
C ILE A 32 -1.96 7.13 4.15
N GLY A 33 -2.50 5.93 4.40
CA GLY A 33 -2.26 5.20 5.64
C GLY A 33 -1.76 3.79 5.34
N ILE A 34 -0.97 3.24 6.25
CA ILE A 34 -0.42 1.90 6.14
C ILE A 34 -0.48 1.26 7.51
N ASN A 35 -0.78 -0.04 7.56
CA ASN A 35 -0.95 -0.72 8.83
C ASN A 35 -0.41 -2.14 8.75
N ALA A 36 0.75 -2.36 9.39
CA ALA A 36 1.43 -3.65 9.41
C ALA A 36 2.23 -3.77 10.71
N PRO A 37 2.57 -5.00 11.13
CA PRO A 37 3.44 -5.22 12.27
C PRO A 37 4.84 -4.70 12.01
N LYS A 38 5.58 -4.32 13.07
CA LYS A 38 6.98 -3.94 12.91
C LYS A 38 7.82 -5.14 12.43
N ASP A 39 7.16 -6.29 12.25
CA ASP A 39 7.76 -7.49 11.68
C ASP A 39 8.11 -7.25 10.21
N VAL A 40 7.65 -6.12 9.65
CA VAL A 40 7.92 -5.71 8.29
C VAL A 40 8.21 -4.20 8.30
N ALA A 41 8.71 -3.66 7.19
CA ALA A 41 9.11 -2.27 7.14
C ALA A 41 8.32 -1.50 6.09
N VAL A 42 8.25 -0.17 6.25
CA VAL A 42 7.60 0.72 5.31
C VAL A 42 8.33 2.05 5.31
N HIS A 43 8.59 2.62 4.12
CA HIS A 43 9.22 3.92 4.05
C HIS A 43 8.82 4.66 2.78
N ARG A 44 9.06 5.97 2.76
CA ARG A 44 8.96 6.80 1.58
C ARG A 44 9.93 6.24 0.55
N GLU A 45 9.56 6.24 -0.74
CA GLU A 45 10.39 5.65 -1.79
C GLU A 45 11.76 6.32 -1.87
N GLU A 46 11.85 7.58 -1.41
CA GLU A 46 13.12 8.32 -1.41
C GLU A 46 14.00 7.90 -0.23
N ILE A 47 13.39 7.33 0.81
CA ILE A 47 14.10 6.82 1.98
C ILE A 47 14.45 5.35 1.76
N TYR A 48 13.60 4.63 1.04
CA TYR A 48 13.74 3.21 0.81
C TYR A 48 15.06 2.88 0.11
N GLN A 49 15.51 3.75 -0.80
CA GLN A 49 16.74 3.53 -1.56
C GLN A 49 17.99 3.65 -0.68
N ARG A 50 17.85 4.23 0.52
CA ARG A 50 18.95 4.34 1.46
C ARG A 50 19.06 3.07 2.29
N ILE A 51 18.07 2.18 2.17
CA ILE A 51 17.98 0.98 2.98
C ILE A 51 18.23 -0.26 2.15
N GLN A 52 17.66 -0.32 0.95
CA GLN A 52 17.81 -1.48 0.09
C GLN A 52 19.25 -1.60 -0.45
N ALA A 53 20.13 -0.67 -0.06
CA ALA A 53 21.53 -0.70 -0.43
C ALA A 53 22.26 -1.90 0.18
N GLY A 54 21.68 -2.53 1.22
CA GLY A 54 22.28 -3.71 1.81
C GLY A 54 21.96 -3.90 3.30
N LEU A 55 20.93 -3.21 3.83
CA LEU A 55 20.67 -3.23 5.26
C LEU A 55 19.19 -2.95 5.59
N THR A 56 18.87 -2.88 6.88
CA THR A 56 17.54 -2.51 7.37
C THR A 56 17.64 -1.69 8.66
N ALA A 57 18.87 -1.33 9.06
CA ALA A 57 19.10 -0.51 10.23
C ALA A 57 20.42 0.25 10.06
N PRO A 58 20.42 1.58 10.19
CA PRO A 58 21.60 2.41 10.18
C PRO A 58 22.68 1.97 11.16
N ASP A 59 23.86 2.59 11.07
CA ASP A 59 25.00 2.28 11.90
C ASP A 59 24.74 2.52 13.38
N MET C 1 -0.28 2.11 12.61
CA MET C 1 -0.62 3.01 11.48
C MET C 1 0.55 3.93 11.17
N LEU C 2 0.88 4.06 9.88
CA LEU C 2 1.92 4.94 9.41
C LEU C 2 1.35 5.76 8.26
N ILE C 3 1.21 7.07 8.49
CA ILE C 3 0.51 7.98 7.59
C ILE C 3 1.54 8.86 6.88
N LEU C 4 1.24 9.25 5.65
CA LEU C 4 2.12 10.06 4.82
C LEU C 4 1.32 10.95 3.88
N THR C 5 2.04 11.74 3.09
CA THR C 5 1.52 12.47 1.94
C THR C 5 2.47 12.26 0.78
N ARG C 6 1.91 11.76 -0.32
CA ARG C 6 2.60 11.64 -1.60
C ARG C 6 1.79 12.37 -2.66
N LYS C 7 2.40 12.65 -3.81
CA LYS C 7 1.67 13.27 -4.90
C LYS C 7 1.49 12.30 -6.05
N VAL C 8 0.49 12.56 -6.89
CA VAL C 8 0.17 11.73 -8.04
C VAL C 8 1.40 11.52 -8.92
N GLY C 9 1.86 10.27 -9.00
CA GLY C 9 3.02 9.88 -9.78
C GLY C 9 4.17 9.37 -8.90
N GLU C 10 4.12 9.63 -7.60
CA GLU C 10 5.14 9.21 -6.66
C GLU C 10 4.89 7.77 -6.17
N SER C 11 5.78 7.25 -5.32
CA SER C 11 5.72 5.87 -4.86
C SER C 11 6.08 5.74 -3.37
N ILE C 12 5.85 4.54 -2.85
CA ILE C 12 6.10 4.12 -1.47
C ILE C 12 6.54 2.66 -1.51
N ASN C 13 7.12 2.14 -0.43
CA ASN C 13 7.60 0.77 -0.42
C ASN C 13 7.30 0.06 0.90
N ILE C 14 7.22 -1.26 0.83
CA ILE C 14 6.92 -2.13 1.96
C ILE C 14 7.80 -3.37 1.90
N GLY C 15 8.21 -3.87 3.07
CA GLY C 15 9.10 -5.03 3.14
C GLY C 15 10.34 -4.77 2.30
N ASP C 16 10.75 -5.77 1.52
CA ASP C 16 11.86 -5.65 0.60
C ASP C 16 11.51 -6.30 -0.73
N ASP C 17 10.21 -6.53 -0.96
CA ASP C 17 9.71 -7.13 -2.18
C ASP C 17 8.39 -6.51 -2.63
N ILE C 18 7.96 -5.40 -2.00
CA ILE C 18 6.69 -4.78 -2.34
C ILE C 18 6.88 -3.28 -2.60
N THR C 19 6.08 -2.75 -3.52
CA THR C 19 6.07 -1.33 -3.86
C THR C 19 4.62 -0.88 -4.03
N ILE C 20 4.38 0.41 -3.80
CA ILE C 20 3.07 1.03 -3.89
C ILE C 20 3.22 2.33 -4.65
N THR C 21 2.18 2.74 -5.39
CA THR C 21 2.25 3.93 -6.22
C THR C 21 0.91 4.64 -6.19
N ILE C 22 0.93 5.97 -6.38
CA ILE C 22 -0.27 6.80 -6.41
C ILE C 22 -0.43 7.27 -7.85
N LEU C 23 -1.13 6.47 -8.66
CA LEU C 23 -1.18 6.62 -10.10
C LEU C 23 -1.89 7.90 -10.53
N GLY C 24 -2.82 8.41 -9.71
CA GLY C 24 -3.48 9.66 -10.03
C GLY C 24 -4.63 9.97 -9.08
N VAL C 25 -5.37 11.03 -9.40
CA VAL C 25 -6.45 11.54 -8.57
C VAL C 25 -7.61 11.99 -9.46
N SER C 26 -8.83 11.78 -8.98
CA SER C 26 -10.05 12.09 -9.71
C SER C 26 -11.15 12.43 -8.71
N GLY C 27 -11.08 13.63 -8.12
CA GLY C 27 -12.04 14.05 -7.11
C GLY C 27 -11.82 13.25 -5.83
N GLN C 28 -12.90 12.89 -5.16
CA GLN C 28 -12.81 12.09 -3.94
C GLN C 28 -12.30 10.69 -4.23
N GLN C 29 -12.13 10.31 -5.51
CA GLN C 29 -11.61 9.00 -5.85
C GLN C 29 -10.14 9.14 -6.23
N VAL C 30 -9.37 8.07 -5.96
CA VAL C 30 -7.94 8.05 -6.19
C VAL C 30 -7.57 6.72 -6.84
N ARG C 31 -6.64 6.73 -7.81
CA ARG C 31 -6.20 5.52 -8.48
C ARG C 31 -4.83 5.15 -7.94
N ILE C 32 -4.66 3.88 -7.57
CA ILE C 32 -3.50 3.43 -6.84
C ILE C 32 -2.90 2.20 -7.52
N GLY C 33 -1.60 2.00 -7.37
CA GLY C 33 -0.87 0.91 -7.98
C GLY C 33 -0.20 0.08 -6.91
N ILE C 34 -0.02 -1.21 -7.18
CA ILE C 34 0.62 -2.14 -6.27
C ILE C 34 1.52 -3.04 -7.09
N ASN C 35 2.67 -3.41 -6.52
CA ASN C 35 3.64 -4.22 -7.23
C ASN C 35 4.33 -5.16 -6.25
N ALA C 36 3.96 -6.44 -6.32
CA ALA C 36 4.46 -7.47 -5.42
C ALA C 36 4.46 -8.82 -6.15
N PRO C 37 5.26 -9.78 -5.67
CA PRO C 37 5.28 -11.13 -6.21
C PRO C 37 3.95 -11.82 -5.94
N LYS C 38 3.58 -12.80 -6.78
CA LYS C 38 2.37 -13.58 -6.56
C LYS C 38 2.53 -14.50 -5.36
N ASP C 39 3.70 -14.47 -4.72
CA ASP C 39 3.95 -15.16 -3.46
C ASP C 39 3.17 -14.49 -2.31
N VAL C 40 2.54 -13.35 -2.61
CA VAL C 40 1.71 -12.62 -1.65
C VAL C 40 0.42 -12.16 -2.36
N ALA C 41 -0.55 -11.68 -1.60
CA ALA C 41 -1.85 -11.36 -2.17
C ALA C 41 -2.19 -9.88 -2.00
N VAL C 42 -3.09 -9.38 -2.87
CA VAL C 42 -3.57 -8.00 -2.82
C VAL C 42 -5.00 -7.96 -3.31
N HIS C 43 -5.90 -7.25 -2.61
CA HIS C 43 -7.28 -7.10 -3.06
C HIS C 43 -7.95 -5.90 -2.42
N ARG C 44 -9.09 -5.52 -3.00
CA ARG C 44 -10.02 -4.57 -2.42
C ARG C 44 -10.47 -5.10 -1.07
N GLU C 45 -10.75 -4.21 -0.12
CA GLU C 45 -11.08 -4.62 1.26
C GLU C 45 -12.26 -5.58 1.28
N GLU C 46 -13.21 -5.44 0.35
CA GLU C 46 -14.37 -6.32 0.29
C GLU C 46 -14.02 -7.66 -0.34
N ILE C 47 -13.12 -7.68 -1.33
CA ILE C 47 -12.71 -8.90 -2.00
C ILE C 47 -11.82 -9.72 -1.08
N TYR C 48 -11.02 -9.05 -0.26
CA TYR C 48 -10.10 -9.68 0.68
C TYR C 48 -10.84 -10.63 1.62
N GLN C 49 -12.12 -10.38 1.87
CA GLN C 49 -12.92 -11.20 2.77
C GLN C 49 -13.29 -12.55 2.13
N ARG C 50 -13.14 -12.69 0.81
CA ARG C 50 -13.47 -13.93 0.13
C ARG C 50 -12.28 -14.88 0.15
N ILE C 51 -11.15 -14.43 0.69
CA ILE C 51 -9.92 -15.21 0.77
C ILE C 51 -9.53 -15.41 2.24
N GLN C 52 -10.17 -14.65 3.12
CA GLN C 52 -9.92 -14.72 4.57
C GLN C 52 -11.17 -15.04 5.40
N ALA C 53 -12.37 -14.97 4.83
CA ALA C 53 -13.60 -15.20 5.58
C ALA C 53 -14.58 -16.17 4.91
N GLY C 54 -14.26 -16.66 3.71
CA GLY C 54 -15.11 -17.60 3.01
C GLY C 54 -14.34 -18.46 2.02
N LEU C 55 -13.09 -18.08 1.75
CA LEU C 55 -12.16 -18.73 0.84
C LEU C 55 -12.78 -18.98 -0.55
N THR C 56 -12.04 -19.71 -1.39
CA THR C 56 -12.47 -20.01 -2.74
C THR C 56 -13.48 -21.15 -2.79
N ALA C 57 -13.96 -21.60 -1.61
CA ALA C 57 -14.90 -22.72 -1.52
C ALA C 57 -15.84 -22.54 -0.33
N PRO C 58 -16.67 -21.49 -0.32
CA PRO C 58 -17.61 -21.19 0.74
C PRO C 58 -18.44 -22.39 1.21
N ASP C 59 -18.82 -23.26 0.28
CA ASP C 59 -19.69 -24.39 0.57
C ASP C 59 -19.65 -25.43 -0.55
#